data_6B4I
#
_entry.id   6B4I
#
_cell.length_a   87.740
_cell.length_b   74.650
_cell.length_c   146.830
_cell.angle_alpha   90.00
_cell.angle_beta   94.85
_cell.angle_gamma   90.00
#
_symmetry.space_group_name_H-M   'P 1 21 1'
#
loop_
_entity.id
_entity.type
_entity.pdbx_description
1 polymer 'Nucleoporin GLE1'
2 polymer 'Nucleoporin like 2'
3 polymer 'ATP-dependent RNA helicase DDX19B'
4 non-polymer 'PHOSPHATE ION'
5 non-polymer "ADENOSINE-5'-DIPHOSPHATE"
#
loop_
_entity_poly.entity_id
_entity_poly.type
_entity_poly.pdbx_seq_one_letter_code
_entity_poly.pdbx_strand_id
1 'polypeptide(L)'
;MQDITMQWYQQLQDASMQCVLTFEGLTNSKDSQAKKIKMDLQKAATIPVSQISTIAGSKLKEIFDKIHSLLSGKPVQSGG
RSVSVTLNPQGLDFVQYKLAEKFVKQGEEEVASHHEAAFPIAVVASGIWELHPRVGDLILAHLHKKCPYSVPFYPTFKEG
MALEDYQRMLGYQVKDSKVEQQDNFLKRMSGMIRLYAAIIQLRWPYGNRQEIHPHGLNHGWRWLAQILNMEPLSDVTATL
LFDFLEVCGNALMKQYQVQFWKMLILIKEDYFPRIEAITSSGQMGSFIRLKQFLEKCLQHKDIPVPKGFLTSSFWRS
;
B,A
2 'polypeptide(L)' GPSGSIIATDNVLFTPRDKLTVEELEQFQSKKFTLGKIPLKPPPLELLNV C,D
3 'polypeptide(L)'
;GPHMEDRAAQSLLNKLIRSNLVDNTNQVEVLQRDPNSPLYSVKSFEELRLKPQLLQGVYAMGFNRPSKIQENALPLMLAE
PPQNLIAQSQSGTGKTAAFVLAMLSQVEPANKYPQCLCLSPTYELALQTGKVIEQMGKFYPELKLAYAVRGNKLERGQKI
SEQIVIGTPGTVLDWCSKLKFIDPKKIKVFVLDEADVMIATQGHQDQSIRIQRMLPRNCQMLLFSATFEDSVWKFAQKVV
PDPNVIKLKREEETLDTIKQYYVLCSSRDEKFQALCNLYGAITIAQAMIFCHTRKTASWLAAELSKEGHQVALLSGEMMV
EQRAAVIERFREGKEKVLVTTNVCARGIDVEQVSVVINFDLPVDKDGNPDNETYLHRIGRTGRFGKRGLAVNMVDSKHSM
NILNRIQEHFNKKIERLDTDDLDEIEKIAN
;
E,F
#
loop_
_chem_comp.id
_chem_comp.type
_chem_comp.name
_chem_comp.formula
ADP non-polymer ADENOSINE-5'-DIPHOSPHATE 'C10 H15 N5 O10 P2'
PO4 non-polymer 'PHOSPHATE ION' 'O4 P -3'
#
# COMPACT_ATOMS: atom_id res chain seq x y z
N ASP A 3 37.61 -16.92 26.28
CA ASP A 3 37.52 -18.30 26.71
C ASP A 3 36.18 -18.58 27.38
N ILE A 4 35.60 -17.55 28.00
CA ILE A 4 34.27 -17.67 28.61
C ILE A 4 33.28 -18.17 27.58
N THR A 5 33.41 -17.67 26.35
CA THR A 5 32.54 -18.06 25.26
C THR A 5 32.97 -19.41 24.68
N MET A 6 34.27 -19.60 24.51
CA MET A 6 34.81 -20.83 23.95
C MET A 6 34.57 -22.01 24.90
N GLN A 7 34.67 -21.77 26.20
CA GLN A 7 34.37 -22.81 27.17
C GLN A 7 32.90 -23.18 27.12
N TRP A 8 32.04 -22.16 27.10
CA TRP A 8 30.60 -22.35 26.94
C TRP A 8 30.28 -23.00 25.60
N TYR A 9 31.06 -22.65 24.58
CA TYR A 9 30.91 -23.21 23.25
C TYR A 9 31.13 -24.73 23.26
N GLN A 10 32.17 -25.16 23.99
CA GLN A 10 32.48 -26.58 24.10
C GLN A 10 31.43 -27.33 24.93
N GLN A 11 30.88 -26.65 25.95
CA GLN A 11 29.91 -27.29 26.82
C GLN A 11 28.73 -27.82 26.02
N LEU A 12 28.19 -26.98 25.13
CA LEU A 12 27.06 -27.37 24.30
C LEU A 12 27.42 -28.44 23.29
N GLN A 13 28.60 -28.31 22.69
CA GLN A 13 29.05 -29.23 21.65
C GLN A 13 29.21 -30.66 22.17
N ASP A 14 30.01 -30.81 23.23
CA ASP A 14 30.25 -32.13 23.80
C ASP A 14 29.00 -32.65 24.52
N ALA A 15 28.14 -31.74 24.95
CA ALA A 15 26.86 -32.13 25.53
C ALA A 15 25.96 -32.73 24.46
N SER A 16 26.08 -32.22 23.23
CA SER A 16 25.37 -32.79 22.09
C SER A 16 25.96 -34.15 21.73
N MET A 17 27.28 -34.25 21.74
CA MET A 17 27.96 -35.52 21.47
C MET A 17 27.51 -36.60 22.46
N GLN A 18 27.23 -36.20 23.69
CA GLN A 18 26.65 -37.12 24.67
C GLN A 18 25.29 -37.59 24.21
N CYS A 19 24.54 -36.68 23.58
CA CYS A 19 23.22 -37.00 23.08
C CYS A 19 23.30 -37.88 21.84
N VAL A 20 24.35 -37.72 21.05
CA VAL A 20 24.57 -38.58 19.90
C VAL A 20 24.73 -40.02 20.37
N LEU A 21 25.24 -40.18 21.60
CA LEU A 21 25.58 -41.50 22.12
C LEU A 21 24.49 -42.13 22.98
N THR A 22 23.64 -41.30 23.59
CA THR A 22 22.63 -41.81 24.51
C THR A 22 21.61 -42.69 23.78
N PHE A 23 21.28 -42.32 22.54
CA PHE A 23 20.37 -43.14 21.73
C PHE A 23 21.14 -44.00 20.74
N GLU A 24 22.46 -44.09 20.91
CA GLU A 24 23.28 -44.94 20.06
C GLU A 24 22.71 -46.35 20.01
N GLY A 25 22.27 -46.76 18.83
CA GLY A 25 21.67 -48.07 18.64
C GLY A 25 20.29 -47.97 18.03
N LEU A 26 19.62 -46.85 18.27
CA LEU A 26 18.39 -46.53 17.55
C LEU A 26 18.69 -46.25 16.09
N THR A 27 19.70 -45.41 15.85
CA THR A 27 20.16 -45.14 14.50
C THR A 27 20.90 -46.37 13.98
N ASN A 28 21.88 -46.84 14.74
CA ASN A 28 22.66 -47.99 14.33
C ASN A 28 21.85 -49.26 14.59
N SER A 29 20.86 -49.47 13.74
CA SER A 29 20.02 -50.66 13.79
C SER A 29 19.60 -50.97 12.36
N LYS A 30 19.56 -52.25 12.01
CA LYS A 30 19.25 -52.64 10.64
C LYS A 30 18.03 -53.54 10.53
N ASP A 31 17.39 -53.81 11.67
CA ASP A 31 16.17 -54.61 11.68
C ASP A 31 15.07 -53.89 10.92
N SER A 32 14.11 -54.62 10.38
CA SER A 32 13.01 -54.02 9.62
C SER A 32 12.13 -53.17 10.53
N GLN A 33 11.92 -53.61 11.76
CA GLN A 33 11.19 -52.81 12.73
C GLN A 33 12.03 -51.62 13.19
N ALA A 34 13.29 -51.87 13.52
CA ALA A 34 14.17 -50.85 14.06
C ALA A 34 14.41 -49.70 13.08
N LYS A 35 14.33 -49.97 11.79
CA LYS A 35 14.42 -48.92 10.77
C LYS A 35 13.09 -48.18 10.65
N LYS A 36 12.00 -48.92 10.74
CA LYS A 36 10.65 -48.34 10.60
C LYS A 36 10.35 -47.37 11.74
N ILE A 37 10.83 -47.70 12.94
CA ILE A 37 10.58 -46.87 14.11
C ILE A 37 11.40 -45.59 14.00
N LYS A 38 12.66 -45.72 13.61
CA LYS A 38 13.53 -44.58 13.33
C LYS A 38 12.92 -43.75 12.20
N MET A 39 12.24 -44.43 11.29
CA MET A 39 11.65 -43.80 10.11
C MET A 39 10.42 -42.96 10.48
N ASP A 40 9.50 -43.55 11.24
CA ASP A 40 8.25 -42.87 11.58
C ASP A 40 8.47 -41.72 12.56
N LEU A 41 9.50 -41.81 13.39
CA LEU A 41 9.83 -40.74 14.33
C LEU A 41 10.44 -39.54 13.61
N GLN A 42 11.54 -39.77 12.89
CA GLN A 42 12.20 -38.71 12.14
C GLN A 42 11.22 -38.03 11.19
N LYS A 43 10.18 -38.77 10.80
CA LYS A 43 9.16 -38.26 9.90
C LYS A 43 8.17 -37.35 10.63
N ALA A 44 7.50 -37.89 11.64
CA ALA A 44 6.49 -37.16 12.39
C ALA A 44 7.08 -36.15 13.38
N ALA A 45 8.34 -35.77 13.19
CA ALA A 45 8.98 -34.81 14.06
C ALA A 45 9.60 -33.65 13.28
N THR A 46 9.61 -33.73 11.95
CA THR A 46 10.20 -32.69 11.12
C THR A 46 9.23 -32.15 10.07
N ILE A 47 8.16 -32.91 9.79
CA ILE A 47 7.14 -32.44 8.87
C ILE A 47 6.51 -31.14 9.40
N PRO A 48 6.11 -31.12 10.68
CA PRO A 48 5.44 -29.91 11.17
C PRO A 48 6.30 -28.66 11.10
N VAL A 49 7.60 -28.80 11.31
CA VAL A 49 8.51 -27.67 11.24
C VAL A 49 8.58 -27.13 9.81
N SER A 50 8.57 -28.04 8.84
CA SER A 50 8.59 -27.63 7.44
C SER A 50 7.25 -27.01 7.02
N GLN A 51 6.19 -27.33 7.76
CA GLN A 51 4.87 -26.75 7.50
C GLN A 51 4.75 -25.30 7.94
N ILE A 52 5.66 -24.84 8.79
CA ILE A 52 5.58 -23.48 9.33
C ILE A 52 5.41 -22.50 8.18
N SER A 53 4.36 -21.70 8.26
CA SER A 53 4.00 -20.77 7.20
C SER A 53 3.72 -19.37 7.71
N THR A 54 3.68 -18.41 6.79
CA THR A 54 3.45 -17.02 7.14
C THR A 54 1.97 -16.63 7.09
N ILE A 55 1.11 -17.60 6.76
CA ILE A 55 -0.30 -17.29 6.49
C ILE A 55 -1.02 -16.70 7.68
N ALA A 56 -0.83 -17.31 8.85
CA ALA A 56 -1.61 -16.94 10.02
C ALA A 56 -1.14 -17.69 11.24
N GLY A 57 -1.00 -16.97 12.34
CA GLY A 57 -0.68 -17.60 13.61
C GLY A 57 -1.82 -18.46 14.08
N SER A 58 -3.01 -18.21 13.55
CA SER A 58 -4.19 -18.99 13.92
C SER A 58 -3.95 -20.48 13.69
N LYS A 59 -3.20 -20.82 12.64
CA LYS A 59 -2.89 -22.22 12.34
C LYS A 59 -1.47 -22.57 12.74
N LEU A 60 -0.66 -21.56 13.04
CA LEU A 60 0.69 -21.80 13.52
C LEU A 60 0.66 -22.43 14.91
N LYS A 61 -0.50 -22.41 15.56
CA LYS A 61 -0.65 -23.05 16.85
C LYS A 61 -0.82 -24.56 16.75
N GLU A 62 -1.39 -25.03 15.64
CA GLU A 62 -1.51 -26.47 15.41
C GLU A 62 -0.14 -27.12 15.43
N ILE A 63 0.80 -26.55 14.68
CA ILE A 63 2.15 -27.08 14.58
C ILE A 63 2.82 -27.06 15.95
N PHE A 64 2.60 -26.00 16.72
CA PHE A 64 3.20 -25.87 18.03
C PHE A 64 2.64 -26.93 18.98
N ASP A 65 1.33 -27.14 18.92
CA ASP A 65 0.67 -28.15 19.76
C ASP A 65 1.07 -29.56 19.33
N LYS A 66 1.21 -29.76 18.02
CA LYS A 66 1.54 -31.08 17.49
C LYS A 66 2.94 -31.50 17.93
N ILE A 67 3.83 -30.53 18.08
CA ILE A 67 5.19 -30.80 18.53
C ILE A 67 5.24 -31.00 20.04
N HIS A 68 4.51 -30.16 20.77
CA HIS A 68 4.46 -30.27 22.22
C HIS A 68 3.89 -31.62 22.64
N SER A 69 2.87 -32.07 21.92
CA SER A 69 2.27 -33.38 22.18
C SER A 69 3.28 -34.49 21.88
N LEU A 70 3.87 -34.43 20.69
CA LEU A 70 4.88 -35.39 20.27
C LEU A 70 5.98 -35.49 21.31
N LEU A 71 6.49 -34.33 21.73
CA LEU A 71 7.65 -34.26 22.59
C LEU A 71 7.30 -34.59 24.05
N SER A 72 6.08 -34.25 24.46
CA SER A 72 5.64 -34.50 25.82
C SER A 72 5.25 -35.96 26.05
N GLY A 73 5.14 -36.72 24.97
CA GLY A 73 4.81 -38.13 25.07
C GLY A 73 3.45 -38.52 24.49
N LYS A 74 2.61 -37.52 24.26
CA LYS A 74 1.26 -37.76 23.75
C LYS A 74 1.31 -38.36 22.34
N PRO A 75 0.23 -39.05 21.92
CA PRO A 75 0.17 -39.57 20.54
C PRO A 75 -0.09 -38.47 19.51
N VAL A 76 0.54 -38.58 18.35
CA VAL A 76 0.38 -37.57 17.31
C VAL A 76 -0.10 -38.22 16.03
N GLN A 77 -1.11 -37.60 15.41
CA GLN A 77 -1.60 -38.07 14.14
C GLN A 77 -0.56 -37.85 13.04
N SER A 78 0.11 -38.94 12.65
CA SER A 78 1.07 -38.89 11.56
C SER A 78 0.43 -39.40 10.27
N GLY A 79 1.25 -39.62 9.25
CA GLY A 79 0.77 -40.17 8.00
C GLY A 79 0.21 -41.56 8.22
N GLY A 80 -1.11 -41.66 8.15
CA GLY A 80 -1.82 -42.91 8.36
C GLY A 80 -2.06 -43.26 9.82
N ARG A 81 -1.17 -44.05 10.42
CA ARG A 81 -1.34 -44.43 11.82
C ARG A 81 -0.70 -43.38 12.72
N SER A 82 -1.29 -43.18 13.89
CA SER A 82 -0.75 -42.23 14.85
C SER A 82 0.48 -42.89 15.51
N VAL A 83 1.44 -42.07 15.94
CA VAL A 83 2.66 -42.59 16.55
C VAL A 83 3.02 -41.73 17.76
N SER A 84 3.79 -42.31 18.68
CA SER A 84 4.28 -41.60 19.86
C SER A 84 5.72 -42.04 20.15
N VAL A 85 6.28 -41.61 21.27
CA VAL A 85 7.66 -41.98 21.61
C VAL A 85 7.72 -43.22 22.49
N THR A 86 6.59 -43.65 23.03
CA THR A 86 6.57 -44.76 23.98
C THR A 86 7.08 -46.03 23.32
N LEU A 87 7.10 -46.02 21.98
CA LEU A 87 7.55 -47.14 21.19
C LEU A 87 8.95 -47.58 21.65
N ASN A 88 9.85 -46.62 21.84
CA ASN A 88 11.22 -46.92 22.24
C ASN A 88 11.69 -45.96 23.34
N PRO A 89 12.29 -46.48 24.42
CA PRO A 89 12.75 -45.56 25.48
C PRO A 89 13.92 -44.66 25.08
N GLN A 90 14.73 -45.07 24.10
CA GLN A 90 15.83 -44.23 23.64
C GLN A 90 15.38 -43.30 22.50
N GLY A 91 14.08 -43.25 22.25
CA GLY A 91 13.52 -42.45 21.19
C GLY A 91 13.37 -40.98 21.52
N LEU A 92 12.96 -40.70 22.75
CA LEU A 92 12.75 -39.32 23.21
C LEU A 92 14.01 -38.52 22.96
N ASP A 93 15.14 -39.00 23.46
CA ASP A 93 16.41 -38.32 23.31
C ASP A 93 16.85 -38.23 21.85
N PHE A 94 16.15 -38.95 20.96
CA PHE A 94 16.46 -38.92 19.54
C PHE A 94 15.64 -37.86 18.79
N VAL A 95 14.37 -37.75 19.14
CA VAL A 95 13.50 -36.79 18.46
C VAL A 95 13.95 -35.38 18.79
N GLN A 96 14.43 -35.19 20.02
CA GLN A 96 14.95 -33.90 20.45
C GLN A 96 16.16 -33.50 19.60
N TYR A 97 16.90 -34.50 19.11
CA TYR A 97 18.07 -34.23 18.27
C TYR A 97 17.66 -33.85 16.86
N LYS A 98 16.75 -34.62 16.27
CA LYS A 98 16.31 -34.38 14.90
C LYS A 98 15.46 -33.13 14.80
N LEU A 99 14.68 -32.84 15.84
CA LEU A 99 13.89 -31.63 15.85
C LEU A 99 14.78 -30.39 15.86
N ALA A 100 15.81 -30.42 16.70
CA ALA A 100 16.70 -29.28 16.86
C ALA A 100 17.43 -28.96 15.56
N GLU A 101 17.91 -29.99 14.88
CA GLU A 101 18.65 -29.79 13.64
C GLU A 101 17.74 -29.21 12.56
N LYS A 102 16.49 -29.68 12.51
CA LYS A 102 15.59 -29.27 11.46
C LYS A 102 15.30 -27.78 11.58
N PHE A 103 15.31 -27.25 12.80
CA PHE A 103 15.06 -25.83 13.00
C PHE A 103 16.17 -25.01 12.39
N VAL A 104 17.41 -25.49 12.53
CA VAL A 104 18.54 -24.79 11.92
C VAL A 104 18.55 -25.07 10.42
N LYS A 105 18.13 -26.27 10.04
CA LYS A 105 18.09 -26.65 8.63
C LYS A 105 17.06 -25.82 7.89
N GLN A 106 15.90 -25.60 8.51
CA GLN A 106 14.87 -24.76 7.93
C GLN A 106 15.39 -23.33 7.81
N GLY A 107 16.27 -22.94 8.74
CA GLY A 107 16.92 -21.64 8.67
C GLY A 107 18.06 -21.60 7.69
N GLU A 108 18.61 -22.76 7.39
CA GLU A 108 19.71 -22.87 6.44
C GLU A 108 19.23 -22.64 5.01
N GLU A 109 18.11 -23.26 4.66
CA GLU A 109 17.64 -23.26 3.28
C GLU A 109 16.56 -22.22 3.05
N GLU A 110 15.49 -22.28 3.83
CA GLU A 110 14.36 -21.39 3.59
C GLU A 110 14.69 -19.95 3.94
N VAL A 111 15.13 -19.71 5.17
CA VAL A 111 15.37 -18.35 5.65
C VAL A 111 16.45 -17.67 4.83
N ALA A 112 17.40 -18.45 4.32
CA ALA A 112 18.42 -17.92 3.43
C ALA A 112 17.78 -17.31 2.20
N SER A 113 16.87 -18.07 1.59
CA SER A 113 16.15 -17.63 0.41
C SER A 113 15.07 -16.63 0.81
N HIS A 114 14.32 -16.95 1.85
CA HIS A 114 13.18 -16.16 2.29
C HIS A 114 13.44 -15.51 3.63
N HIS A 115 13.84 -14.25 3.63
CA HIS A 115 14.22 -13.59 4.88
C HIS A 115 13.04 -13.42 5.83
N GLU A 116 11.83 -13.43 5.29
CA GLU A 116 10.64 -13.14 6.08
C GLU A 116 10.14 -14.35 6.86
N ALA A 117 10.47 -15.56 6.40
CA ALA A 117 9.99 -16.77 7.06
C ALA A 117 10.72 -17.01 8.38
N ALA A 118 11.65 -16.13 8.73
CA ALA A 118 12.45 -16.29 9.94
C ALA A 118 11.64 -16.11 11.22
N PHE A 119 10.66 -15.23 11.18
CA PHE A 119 9.89 -14.87 12.36
C PHE A 119 8.82 -15.92 12.71
N PRO A 120 8.05 -16.41 11.72
CA PRO A 120 7.09 -17.47 12.04
C PRO A 120 7.73 -18.79 12.44
N ILE A 121 9.00 -18.99 12.10
CA ILE A 121 9.73 -20.19 12.51
C ILE A 121 10.33 -20.01 13.90
N ALA A 122 10.85 -18.82 14.16
CA ALA A 122 11.53 -18.55 15.41
C ALA A 122 10.57 -18.64 16.60
N VAL A 123 9.40 -18.01 16.48
CA VAL A 123 8.46 -17.95 17.58
C VAL A 123 8.16 -19.35 18.10
N VAL A 124 8.03 -20.28 17.17
CA VAL A 124 7.76 -21.67 17.54
C VAL A 124 8.99 -22.23 18.24
N ALA A 125 10.17 -21.90 17.73
CA ALA A 125 11.41 -22.36 18.35
C ALA A 125 11.59 -21.74 19.72
N SER A 126 11.32 -20.44 19.83
CA SER A 126 11.45 -19.74 21.10
C SER A 126 10.44 -20.26 22.11
N GLY A 127 9.29 -20.71 21.61
CA GLY A 127 8.23 -21.21 22.47
C GLY A 127 8.49 -22.62 22.97
N ILE A 128 9.03 -23.47 22.10
CA ILE A 128 9.40 -24.84 22.50
C ILE A 128 10.59 -24.80 23.43
N TRP A 129 11.45 -23.81 23.23
CA TRP A 129 12.63 -23.63 24.07
C TRP A 129 12.21 -23.41 25.52
N GLU A 130 11.14 -22.65 25.71
CA GLU A 130 10.56 -22.42 27.04
C GLU A 130 10.14 -23.73 27.71
N LEU A 131 9.26 -24.48 27.04
CA LEU A 131 8.67 -25.69 27.61
C LEU A 131 9.67 -26.80 27.84
N HIS A 132 10.68 -26.88 26.98
CA HIS A 132 11.67 -27.96 27.04
C HIS A 132 13.06 -27.38 26.80
N PRO A 133 13.79 -27.07 27.89
CA PRO A 133 15.07 -26.39 27.70
C PRO A 133 16.13 -27.26 27.02
N ARG A 134 16.09 -28.56 27.26
CA ARG A 134 17.10 -29.46 26.71
C ARG A 134 17.11 -29.41 25.19
N VAL A 135 15.97 -29.06 24.61
CA VAL A 135 15.87 -28.96 23.16
C VAL A 135 16.65 -27.74 22.66
N GLY A 136 16.64 -26.67 23.45
CA GLY A 136 17.29 -25.43 23.08
C GLY A 136 18.80 -25.54 23.03
N ASP A 137 19.37 -26.27 24.00
CA ASP A 137 20.80 -26.52 24.02
C ASP A 137 21.21 -27.29 22.75
N LEU A 138 20.33 -28.17 22.30
CA LEU A 138 20.60 -28.96 21.09
C LEU A 138 20.52 -28.09 19.84
N ILE A 139 19.69 -27.05 19.89
CA ILE A 139 19.62 -26.09 18.80
C ILE A 139 20.90 -25.26 18.80
N LEU A 140 21.27 -24.74 19.97
CA LEU A 140 22.49 -23.97 20.10
C LEU A 140 23.71 -24.80 19.72
N ALA A 141 23.61 -26.11 19.90
CA ALA A 141 24.69 -27.00 19.54
C ALA A 141 24.88 -27.03 18.02
N HIS A 142 23.80 -27.33 17.31
CA HIS A 142 23.86 -27.44 15.86
C HIS A 142 24.11 -26.08 15.23
N LEU A 143 23.36 -25.08 15.68
CA LEU A 143 23.52 -23.71 15.20
C LEU A 143 24.98 -23.27 15.25
N HIS A 144 25.64 -23.60 16.35
CA HIS A 144 27.03 -23.17 16.55
C HIS A 144 27.96 -23.89 15.57
N LYS A 145 27.78 -25.19 15.41
CA LYS A 145 28.66 -25.98 14.55
C LYS A 145 28.54 -25.55 13.09
N LYS A 146 27.33 -25.65 12.55
CA LYS A 146 27.08 -25.29 11.16
C LYS A 146 27.45 -23.84 10.87
N CYS A 147 27.25 -22.97 11.84
CA CYS A 147 27.62 -21.56 11.70
C CYS A 147 28.39 -21.10 12.93
N PRO A 148 29.72 -21.27 12.92
CA PRO A 148 30.53 -20.84 14.06
C PRO A 148 30.54 -19.32 14.27
N TYR A 149 30.03 -18.58 13.27
CA TYR A 149 30.02 -17.12 13.34
C TYR A 149 28.87 -16.62 14.22
N SER A 150 28.05 -17.55 14.71
CA SER A 150 26.93 -17.21 15.58
C SER A 150 27.33 -17.16 17.05
N VAL A 151 28.41 -17.86 17.38
CA VAL A 151 28.92 -17.94 18.75
C VAL A 151 29.05 -16.57 19.43
N PRO A 152 29.83 -15.65 18.84
CA PRO A 152 30.60 -15.73 17.59
C PRO A 152 32.09 -15.94 17.83
N PHE A 153 32.69 -16.82 17.03
CA PHE A 153 34.14 -16.98 17.03
C PHE A 153 34.56 -17.33 15.62
N TYR A 154 35.65 -16.72 15.17
CA TYR A 154 36.16 -16.97 13.83
C TYR A 154 37.15 -18.13 13.89
N PRO A 155 37.04 -19.10 12.96
CA PRO A 155 38.02 -20.18 13.00
C PRO A 155 39.40 -19.70 12.52
N THR A 156 40.42 -19.95 13.32
CA THR A 156 41.78 -19.53 12.98
C THR A 156 42.44 -20.60 12.12
N PHE A 157 43.54 -20.23 11.47
CA PHE A 157 44.22 -21.18 10.59
C PHE A 157 45.35 -21.90 11.31
N LYS A 158 45.12 -23.14 11.71
CA LYS A 158 46.16 -23.99 12.27
C LYS A 158 47.19 -24.45 11.26
N GLU A 159 48.39 -24.70 11.76
CA GLU A 159 49.55 -25.05 10.94
C GLU A 159 49.22 -26.23 10.05
N GLY A 160 49.95 -26.34 8.94
CA GLY A 160 49.66 -27.35 7.93
C GLY A 160 48.48 -26.84 7.13
N MET A 161 48.73 -26.57 5.86
CA MET A 161 47.75 -25.88 5.03
C MET A 161 46.79 -26.81 4.29
N ALA A 162 46.08 -27.64 5.05
CA ALA A 162 45.04 -28.47 4.46
C ALA A 162 43.87 -27.54 4.22
N LEU A 163 43.98 -26.74 3.16
CA LEU A 163 42.99 -25.73 2.82
C LEU A 163 41.57 -26.27 2.71
N GLU A 164 41.40 -27.42 2.07
CA GLU A 164 40.11 -28.11 2.04
C GLU A 164 39.63 -28.47 3.44
N ASP A 165 40.58 -28.86 4.29
CA ASP A 165 40.29 -29.19 5.68
C ASP A 165 39.87 -27.96 6.48
N TYR A 166 40.45 -26.81 6.15
CA TYR A 166 40.14 -25.55 6.83
C TYR A 166 38.77 -24.99 6.48
N GLN A 167 38.42 -25.05 5.20
CA GLN A 167 37.13 -24.55 4.74
C GLN A 167 35.99 -25.31 5.41
N ARG A 168 36.19 -26.61 5.63
CA ARG A 168 35.18 -27.42 6.30
C ARG A 168 34.85 -26.83 7.66
N MET A 169 35.89 -26.40 8.39
CA MET A 169 35.71 -25.78 9.71
C MET A 169 35.00 -24.44 9.61
N LEU A 170 35.20 -23.76 8.48
CA LEU A 170 34.55 -22.47 8.26
C LEU A 170 33.06 -22.63 8.00
N GLY A 171 32.61 -23.87 7.86
CA GLY A 171 31.20 -24.14 7.64
C GLY A 171 30.84 -24.44 6.20
N TYR A 172 31.81 -24.31 5.30
CA TYR A 172 31.60 -24.66 3.90
C TYR A 172 31.26 -26.14 3.78
N GLN A 173 30.25 -26.45 2.97
CA GLN A 173 29.84 -27.84 2.79
C GLN A 173 30.53 -28.38 1.54
N VAL A 174 31.47 -29.29 1.72
CA VAL A 174 32.28 -29.79 0.62
C VAL A 174 32.25 -31.31 0.55
N LYS A 175 31.85 -31.83 -0.61
CA LYS A 175 31.92 -33.27 -0.86
C LYS A 175 33.39 -33.60 -1.06
N ASP A 176 33.73 -34.88 -1.04
CA ASP A 176 35.13 -35.27 -1.21
C ASP A 176 35.71 -34.54 -2.42
N SER A 177 35.00 -34.63 -3.55
CA SER A 177 35.39 -33.96 -4.78
C SER A 177 34.95 -32.49 -4.88
N LYS A 178 33.74 -32.18 -4.39
CA LYS A 178 33.15 -30.85 -4.55
C LYS A 178 33.40 -29.82 -3.44
N VAL A 179 33.56 -28.55 -3.81
CA VAL A 179 33.63 -27.46 -2.86
C VAL A 179 32.45 -26.49 -3.07
N GLU A 180 31.91 -25.94 -1.99
CA GLU A 180 30.78 -25.00 -2.10
C GLU A 180 31.23 -23.60 -2.51
N GLN A 181 30.42 -22.94 -3.35
CA GLN A 181 30.66 -21.56 -3.74
C GLN A 181 30.43 -20.61 -2.57
N GLN A 182 31.04 -19.43 -2.63
CA GLN A 182 30.88 -18.45 -1.57
C GLN A 182 29.45 -17.97 -1.47
N ASP A 183 28.83 -17.70 -2.62
CA ASP A 183 27.48 -17.16 -2.66
C ASP A 183 26.46 -18.16 -2.15
N ASN A 184 26.62 -19.42 -2.52
CA ASN A 184 25.73 -20.47 -2.00
C ASN A 184 26.03 -20.71 -0.53
N PHE A 185 27.17 -20.21 -0.06
CA PHE A 185 27.57 -20.35 1.33
C PHE A 185 27.14 -19.15 2.16
N LEU A 186 27.31 -17.95 1.63
CA LEU A 186 26.95 -16.74 2.37
C LEU A 186 25.48 -16.75 2.78
N LYS A 187 24.61 -17.09 1.85
CA LYS A 187 23.18 -17.17 2.15
C LYS A 187 22.89 -18.23 3.20
N ARG A 188 23.58 -19.37 3.11
CA ARG A 188 23.42 -20.44 4.10
C ARG A 188 23.69 -19.93 5.50
N MET A 189 24.57 -18.93 5.63
CA MET A 189 24.95 -18.43 6.94
C MET A 189 24.12 -17.22 7.34
N SER A 190 23.72 -16.42 6.36
CA SER A 190 22.80 -15.32 6.64
C SER A 190 21.55 -15.89 7.29
N GLY A 191 20.87 -16.78 6.58
CA GLY A 191 19.64 -17.36 7.08
C GLY A 191 19.77 -18.02 8.44
N MET A 192 20.98 -18.40 8.80
CA MET A 192 21.22 -19.02 10.10
C MET A 192 21.26 -18.00 11.23
N ILE A 193 21.76 -16.80 10.95
CA ILE A 193 21.86 -15.78 11.99
C ILE A 193 20.69 -14.80 11.93
N ARG A 194 19.99 -14.76 10.81
CA ARG A 194 18.72 -14.04 10.76
C ARG A 194 17.71 -14.76 11.62
N LEU A 195 17.78 -16.09 11.62
CA LEU A 195 16.94 -16.90 12.48
C LEU A 195 17.32 -16.73 13.95
N TYR A 196 18.62 -16.72 14.22
CA TYR A 196 19.11 -16.55 15.57
C TYR A 196 18.77 -15.17 16.10
N ALA A 197 18.92 -14.17 15.22
CA ALA A 197 18.60 -12.80 15.57
C ALA A 197 17.10 -12.63 15.83
N ALA A 198 16.31 -13.55 15.30
CA ALA A 198 14.86 -13.50 15.47
C ALA A 198 14.40 -14.22 16.73
N ILE A 199 15.09 -15.30 17.07
CA ILE A 199 14.68 -16.10 18.22
C ILE A 199 14.88 -15.32 19.52
N ILE A 200 15.91 -14.48 19.58
CA ILE A 200 16.25 -13.79 20.83
C ILE A 200 15.31 -12.63 21.12
N GLN A 201 14.48 -12.24 20.17
CA GLN A 201 13.59 -11.10 20.36
C GLN A 201 12.12 -11.50 20.40
N LEU A 202 11.82 -12.71 19.94
CA LEU A 202 10.43 -13.14 19.84
C LEU A 202 10.04 -14.06 20.98
N ARG A 203 8.75 -13.99 21.35
CA ARG A 203 8.20 -14.82 22.40
C ARG A 203 6.85 -15.41 22.02
N TRP A 204 6.64 -16.67 22.37
CA TRP A 204 5.37 -17.32 22.12
C TRP A 204 4.28 -16.60 22.90
N PRO A 205 3.29 -16.00 22.20
CA PRO A 205 2.27 -15.23 22.94
C PRO A 205 1.39 -16.08 23.84
N TYR A 206 0.96 -17.22 23.34
CA TYR A 206 0.09 -18.13 24.09
C TYR A 206 0.89 -18.92 25.12
N GLY A 207 0.17 -19.64 25.98
CA GLY A 207 0.77 -20.52 26.97
C GLY A 207 0.80 -20.05 28.41
N ASN A 208 0.52 -18.77 28.63
CA ASN A 208 0.61 -18.20 29.97
C ASN A 208 1.86 -18.67 30.68
N ARG A 209 2.99 -18.07 30.32
CA ARG A 209 4.26 -18.39 30.96
C ARG A 209 4.71 -17.14 31.67
N GLN A 210 4.77 -17.17 33.00
CA GLN A 210 5.25 -16.04 33.76
C GLN A 210 6.79 -15.98 33.78
N GLU A 211 7.44 -17.05 33.34
CA GLU A 211 8.91 -17.05 33.29
C GLU A 211 9.39 -16.40 31.99
N ILE A 212 10.63 -15.96 32.02
CA ILE A 212 11.23 -15.18 30.94
C ILE A 212 11.82 -16.03 29.79
N HIS A 213 12.12 -15.34 28.69
CA HIS A 213 12.79 -15.91 27.51
C HIS A 213 14.01 -16.75 27.89
N PRO A 214 14.11 -17.98 27.34
CA PRO A 214 15.25 -18.85 27.68
C PRO A 214 16.58 -18.28 27.19
N HIS A 215 16.60 -17.89 25.92
CA HIS A 215 17.77 -17.24 25.33
C HIS A 215 17.42 -15.78 25.07
N GLY A 216 17.73 -14.93 26.04
CA GLY A 216 17.28 -13.55 26.04
C GLY A 216 18.00 -12.66 25.05
N LEU A 217 17.49 -11.44 24.92
CA LEU A 217 18.05 -10.45 24.00
C LEU A 217 19.42 -9.95 24.43
N ASN A 218 19.86 -10.34 25.63
CA ASN A 218 21.21 -10.03 26.09
C ASN A 218 22.25 -10.67 25.18
N HIS A 219 21.92 -11.85 24.65
CA HIS A 219 22.83 -12.58 23.77
C HIS A 219 23.00 -11.86 22.43
N GLY A 220 22.15 -10.87 22.17
CA GLY A 220 22.27 -10.08 20.97
C GLY A 220 23.27 -8.97 21.15
N TRP A 221 23.31 -8.41 22.36
CA TRP A 221 24.25 -7.35 22.68
C TRP A 221 25.68 -7.89 22.66
N ARG A 222 25.89 -9.03 23.30
CA ARG A 222 27.21 -9.63 23.37
C ARG A 222 27.70 -10.02 21.99
N TRP A 223 26.77 -10.48 21.16
CA TRP A 223 27.11 -10.91 19.81
C TRP A 223 27.67 -9.73 19.03
N LEU A 224 27.01 -8.57 19.13
CA LEU A 224 27.48 -7.36 18.46
C LEU A 224 28.75 -6.83 19.09
N ALA A 225 28.84 -6.93 20.41
CA ALA A 225 30.02 -6.47 21.12
C ALA A 225 31.22 -7.36 20.79
N GLN A 226 31.02 -8.66 20.88
CA GLN A 226 32.14 -9.60 20.74
C GLN A 226 32.61 -9.74 19.30
N ILE A 227 31.75 -9.42 18.34
CA ILE A 227 32.13 -9.51 16.93
C ILE A 227 32.77 -8.20 16.45
N LEU A 228 32.52 -7.12 17.16
CA LEU A 228 33.07 -5.81 16.79
C LEU A 228 34.37 -5.48 17.53
N ASN A 229 34.76 -6.32 18.48
CA ASN A 229 36.02 -6.12 19.18
C ASN A 229 37.16 -6.94 18.56
N MET A 230 36.88 -7.67 17.49
CA MET A 230 37.89 -8.42 16.76
C MET A 230 37.94 -8.01 15.29
N GLU A 231 39.10 -8.19 14.65
CA GLU A 231 39.29 -7.74 13.29
C GLU A 231 38.30 -8.43 12.36
N PRO A 232 37.67 -7.66 11.45
CA PRO A 232 36.63 -8.27 10.61
C PRO A 232 37.19 -9.09 9.47
N LEU A 233 36.50 -10.18 9.12
CA LEU A 233 36.79 -10.88 7.87
C LEU A 233 36.28 -10.02 6.73
N SER A 234 36.78 -10.28 5.53
CA SER A 234 36.50 -9.42 4.38
C SER A 234 35.00 -9.32 4.10
N ASP A 235 34.44 -10.40 3.57
CA ASP A 235 33.07 -10.38 3.09
C ASP A 235 32.08 -10.93 4.13
N VAL A 236 32.53 -11.87 4.95
CA VAL A 236 31.65 -12.52 5.92
C VAL A 236 31.09 -11.53 6.93
N THR A 237 31.99 -10.82 7.62
CA THR A 237 31.58 -9.91 8.68
C THR A 237 30.60 -8.86 8.17
N ALA A 238 31.01 -8.08 7.18
CA ALA A 238 30.20 -6.99 6.67
C ALA A 238 28.84 -7.48 6.15
N THR A 239 28.73 -8.76 5.85
CA THR A 239 27.47 -9.36 5.45
C THR A 239 26.64 -9.72 6.68
N LEU A 240 27.21 -10.56 7.55
CA LEU A 240 26.51 -11.05 8.72
C LEU A 240 26.15 -9.93 9.70
N LEU A 241 26.99 -8.92 9.77
CA LEU A 241 26.72 -7.78 10.64
C LEU A 241 25.46 -7.05 10.20
N PHE A 242 25.27 -6.96 8.89
CA PHE A 242 24.11 -6.28 8.32
C PHE A 242 22.81 -7.03 8.63
N ASP A 243 22.72 -8.25 8.14
CA ASP A 243 21.47 -9.01 8.24
C ASP A 243 21.17 -9.43 9.69
N PHE A 244 22.06 -9.11 10.62
CA PHE A 244 21.76 -9.28 12.03
C PHE A 244 21.04 -8.06 12.57
N LEU A 245 21.50 -6.88 12.16
CA LEU A 245 20.91 -5.62 12.61
C LEU A 245 19.55 -5.37 12.00
N GLU A 246 19.38 -5.75 10.73
CA GLU A 246 18.10 -5.57 10.06
C GLU A 246 17.01 -6.36 10.77
N VAL A 247 17.38 -7.51 11.33
CA VAL A 247 16.40 -8.40 11.96
C VAL A 247 16.20 -8.09 13.44
N CYS A 248 17.26 -7.64 14.11
CA CYS A 248 17.18 -7.46 15.57
C CYS A 248 17.53 -6.04 16.01
N GLY A 249 17.88 -5.18 15.05
CA GLY A 249 18.24 -3.81 15.38
C GLY A 249 17.12 -3.00 15.99
N ASN A 250 15.89 -3.33 15.64
CA ASN A 250 14.74 -2.61 16.15
C ASN A 250 14.53 -2.93 17.63
N ALA A 251 14.68 -4.20 17.99
CA ALA A 251 14.44 -4.63 19.37
C ALA A 251 15.57 -4.20 20.31
N LEU A 252 16.78 -4.04 19.78
CA LEU A 252 17.91 -3.61 20.58
C LEU A 252 17.88 -2.11 20.85
N MET A 253 17.35 -1.36 19.89
CA MET A 253 17.24 0.08 20.02
C MET A 253 16.24 0.46 21.12
N LYS A 254 15.22 -0.38 21.32
CA LYS A 254 14.22 -0.10 22.33
C LYS A 254 14.74 -0.49 23.71
N GLN A 255 15.53 -1.55 23.78
CA GLN A 255 16.00 -2.04 25.06
C GLN A 255 17.17 -1.22 25.59
N TYR A 256 18.23 -1.15 24.80
CA TYR A 256 19.42 -0.39 25.20
C TYR A 256 19.44 0.90 24.38
N GLN A 257 18.53 1.79 24.74
CA GLN A 257 18.22 2.95 23.89
C GLN A 257 19.44 3.78 23.51
N VAL A 258 20.21 4.23 24.48
CA VAL A 258 21.38 5.06 24.17
C VAL A 258 22.60 4.20 23.91
N GLN A 259 22.81 3.20 24.77
CA GLN A 259 24.02 2.38 24.69
C GLN A 259 24.15 1.72 23.32
N PHE A 260 23.01 1.34 22.75
CA PHE A 260 23.01 0.71 21.42
C PHE A 260 23.50 1.71 20.38
N TRP A 261 22.95 2.93 20.41
CA TRP A 261 23.33 3.96 19.47
C TRP A 261 24.83 4.24 19.50
N LYS A 262 25.42 4.13 20.70
CA LYS A 262 26.86 4.35 20.85
C LYS A 262 27.61 3.33 20.01
N MET A 263 27.12 2.10 20.02
CA MET A 263 27.69 1.02 19.24
C MET A 263 27.62 1.31 17.75
N LEU A 264 26.50 1.87 17.31
CA LEU A 264 26.29 2.14 15.90
C LEU A 264 27.17 3.29 15.41
N ILE A 265 27.32 4.34 16.23
CA ILE A 265 28.13 5.49 15.82
C ILE A 265 29.60 5.10 15.80
N LEU A 266 29.90 3.88 16.27
CA LEU A 266 31.27 3.40 16.30
C LEU A 266 31.59 2.70 15.00
N ILE A 267 30.77 1.72 14.64
CA ILE A 267 31.04 0.94 13.46
C ILE A 267 31.01 1.82 12.22
N LYS A 268 30.25 2.92 12.29
CA LYS A 268 30.08 3.81 11.16
C LYS A 268 31.30 4.68 10.91
N GLU A 269 32.03 5.02 11.97
CA GLU A 269 33.18 5.92 11.83
C GLU A 269 34.47 5.26 12.33
N ASP A 270 34.36 4.12 13.00
CA ASP A 270 35.53 3.47 13.59
C ASP A 270 35.76 2.05 13.08
N TYR A 271 34.68 1.31 12.80
CA TYR A 271 34.80 -0.07 12.31
C TYR A 271 34.60 -0.17 10.79
N PHE A 272 34.06 0.88 10.18
CA PHE A 272 33.96 0.91 8.73
C PHE A 272 35.33 1.06 8.10
N PRO A 273 36.16 1.97 8.61
CA PRO A 273 37.55 2.00 8.13
C PRO A 273 38.28 0.66 8.30
N ARG A 274 37.86 -0.14 9.27
CA ARG A 274 38.47 -1.44 9.54
C ARG A 274 38.16 -2.49 8.46
N ILE A 275 37.28 -2.16 7.52
CA ILE A 275 36.89 -3.10 6.48
C ILE A 275 37.32 -2.62 5.09
N GLU A 276 37.39 -1.30 4.92
CA GLU A 276 37.76 -0.70 3.63
C GLU A 276 39.11 -1.21 3.14
N ALA A 277 40.04 -1.44 4.07
CA ALA A 277 41.37 -1.93 3.72
C ALA A 277 41.38 -3.45 3.57
N ILE A 278 40.69 -4.14 4.47
CA ILE A 278 40.69 -5.60 4.49
C ILE A 278 40.07 -6.17 3.22
N THR A 279 38.90 -5.66 2.85
CA THR A 279 38.20 -6.14 1.67
C THR A 279 38.88 -5.60 0.40
N SER A 280 39.03 -6.46 -0.60
CA SER A 280 39.55 -6.04 -1.89
C SER A 280 38.44 -5.37 -2.69
N SER A 281 38.80 -4.77 -3.82
CA SER A 281 37.84 -4.04 -4.63
C SER A 281 36.84 -4.97 -5.31
N GLY A 282 37.18 -6.25 -5.39
CA GLY A 282 36.31 -7.24 -5.99
C GLY A 282 35.32 -7.89 -5.03
N GLN A 283 35.23 -7.35 -3.81
CA GLN A 283 34.36 -7.94 -2.79
C GLN A 283 33.70 -6.90 -1.90
N MET A 284 33.57 -5.66 -2.39
CA MET A 284 33.01 -4.58 -1.58
C MET A 284 31.49 -4.58 -1.51
N GLY A 285 30.85 -5.54 -2.16
CA GLY A 285 29.40 -5.58 -2.21
C GLY A 285 28.71 -5.52 -0.86
N SER A 286 29.17 -6.35 0.07
CA SER A 286 28.57 -6.42 1.40
C SER A 286 28.79 -5.14 2.18
N PHE A 287 30.05 -4.70 2.22
CA PHE A 287 30.41 -3.50 2.97
C PHE A 287 29.62 -2.29 2.53
N ILE A 288 29.12 -2.31 1.30
CA ILE A 288 28.37 -1.17 0.77
C ILE A 288 26.94 -1.20 1.31
N ARG A 289 26.33 -2.38 1.36
CA ARG A 289 24.98 -2.50 1.93
C ARG A 289 25.02 -2.06 3.39
N LEU A 290 26.11 -2.39 4.07
CA LEU A 290 26.24 -2.13 5.49
C LEU A 290 26.16 -0.63 5.78
N LYS A 291 26.66 0.20 4.87
CA LYS A 291 26.61 1.64 5.06
C LYS A 291 25.26 2.19 4.64
N GLN A 292 24.73 1.71 3.52
CA GLN A 292 23.39 2.13 3.08
C GLN A 292 22.37 1.82 4.17
N PHE A 293 22.68 0.87 5.03
CA PHE A 293 21.79 0.51 6.13
C PHE A 293 21.87 1.52 7.27
N LEU A 294 23.06 2.05 7.53
CA LEU A 294 23.25 2.96 8.65
C LEU A 294 22.89 4.41 8.31
N GLU A 295 23.35 4.89 7.17
CA GLU A 295 23.09 6.27 6.75
C GLU A 295 21.62 6.66 6.94
N LYS A 296 20.71 5.76 6.57
CA LYS A 296 19.29 5.97 6.88
C LYS A 296 19.06 5.94 8.38
N CYS A 297 19.33 4.80 9.00
CA CYS A 297 19.04 4.60 10.42
C CYS A 297 19.69 5.63 11.33
N LEU A 298 20.93 6.02 11.02
CA LEU A 298 21.65 6.96 11.86
C LEU A 298 20.99 8.33 11.89
N GLN A 299 20.56 8.84 10.73
CA GLN A 299 19.93 10.15 10.67
C GLN A 299 18.45 10.08 11.03
N HIS A 300 17.81 8.95 10.72
CA HIS A 300 16.38 8.80 10.97
C HIS A 300 16.09 8.53 12.44
N LYS A 301 17.13 8.29 13.22
CA LYS A 301 16.97 8.00 14.64
C LYS A 301 16.18 6.72 14.90
N ASP A 302 15.88 5.97 13.84
CA ASP A 302 15.00 4.81 13.94
C ASP A 302 15.51 3.68 13.04
N ILE A 303 15.46 2.46 13.55
CA ILE A 303 15.80 1.28 12.76
C ILE A 303 14.49 0.60 12.35
N PRO A 304 14.24 0.49 11.04
CA PRO A 304 12.96 -0.09 10.60
C PRO A 304 12.68 -1.46 11.21
N VAL A 305 11.39 -1.76 11.37
CA VAL A 305 10.97 -3.08 11.82
C VAL A 305 11.39 -4.09 10.77
N PRO A 306 11.83 -5.28 11.19
CA PRO A 306 12.25 -6.25 10.18
C PRO A 306 11.13 -6.63 9.20
N LYS A 307 11.33 -6.42 7.89
CA LYS A 307 10.33 -6.85 6.92
C LYS A 307 9.94 -8.29 7.17
N GLY A 308 8.68 -8.48 7.58
CA GLY A 308 8.18 -9.82 7.84
C GLY A 308 7.83 -10.07 9.30
N PHE A 309 7.92 -9.03 10.13
CA PHE A 309 7.58 -9.18 11.53
C PHE A 309 6.12 -9.55 11.70
N LEU A 310 5.84 -10.47 12.61
CA LEU A 310 4.49 -10.93 12.84
C LEU A 310 3.66 -9.84 13.49
N THR A 311 2.58 -9.47 12.82
CA THR A 311 1.75 -8.37 13.26
C THR A 311 0.50 -8.86 13.99
N SER A 312 -0.22 -7.93 14.61
CA SER A 312 -1.41 -8.26 15.37
C SER A 312 -2.40 -9.06 14.53
N SER A 313 -2.55 -8.67 13.28
CA SER A 313 -3.46 -9.35 12.36
C SER A 313 -3.07 -10.81 12.19
N PHE A 314 -1.77 -11.08 12.09
CA PHE A 314 -1.28 -12.44 11.87
C PHE A 314 -1.71 -13.36 13.00
N TRP A 315 -1.80 -12.81 14.21
CA TRP A 315 -2.04 -13.61 15.40
C TRP A 315 -3.51 -13.98 15.55
N ARG A 316 -4.40 -13.13 15.02
CA ARG A 316 -5.81 -13.50 14.94
C ARG A 316 -6.04 -14.25 13.64
N SER A 317 -5.33 -13.84 12.59
CA SER A 317 -5.39 -14.52 11.30
C SER A 317 -4.58 -13.76 10.25
N ILE B 6 7.26 -22.94 44.54
CA ILE B 6 6.49 -21.82 43.99
C ILE B 6 7.34 -20.56 44.05
N ILE B 7 8.23 -20.40 43.08
CA ILE B 7 9.00 -19.18 42.93
C ILE B 7 9.22 -18.94 41.45
N ALA B 8 9.33 -17.67 41.08
CA ALA B 8 9.65 -17.30 39.70
C ALA B 8 10.94 -16.49 39.69
N THR B 9 11.90 -16.93 38.90
CA THR B 9 13.18 -16.24 38.81
C THR B 9 13.00 -14.86 38.18
N ASP B 10 14.06 -14.06 38.21
CA ASP B 10 14.01 -12.70 37.66
C ASP B 10 14.84 -12.58 36.39
N ASN B 11 14.89 -11.38 35.83
CA ASN B 11 15.44 -11.15 34.48
C ASN B 11 16.93 -10.78 34.48
N VAL B 12 17.64 -11.22 33.45
CA VAL B 12 19.06 -10.94 33.28
C VAL B 12 19.25 -10.13 32.00
N LEU B 13 18.19 -9.44 31.59
CA LEU B 13 18.22 -8.62 30.39
C LEU B 13 19.27 -7.54 30.55
N PHE B 14 19.32 -6.96 31.74
CA PHE B 14 20.33 -5.97 32.06
C PHE B 14 21.30 -6.53 33.09
N THR B 15 22.46 -5.90 33.20
CA THR B 15 23.43 -6.29 34.22
C THR B 15 23.42 -5.24 35.34
N PRO B 16 23.43 -5.69 36.60
CA PRO B 16 23.44 -4.72 37.71
C PRO B 16 24.60 -3.73 37.65
N ARG B 17 24.38 -2.53 38.18
CA ARG B 17 25.44 -1.52 38.23
C ARG B 17 26.60 -2.07 39.03
N ASP B 18 26.28 -2.68 40.17
CA ASP B 18 27.26 -3.43 40.93
C ASP B 18 27.51 -4.74 40.20
N LYS B 19 28.47 -5.52 40.68
CA LYS B 19 28.88 -6.76 40.01
C LYS B 19 29.43 -6.50 38.60
N LEU B 20 29.71 -5.24 38.31
CA LEU B 20 30.26 -4.83 37.02
C LEU B 20 31.62 -4.17 37.23
N THR B 21 32.60 -4.55 36.42
CA THR B 21 33.96 -4.00 36.56
C THR B 21 33.96 -2.51 36.24
N VAL B 22 34.97 -1.79 36.71
CA VAL B 22 35.03 -0.35 36.53
C VAL B 22 35.34 0.02 35.07
N GLU B 23 36.03 -0.85 34.36
CA GLU B 23 36.26 -0.66 32.94
C GLU B 23 34.92 -0.53 32.21
N GLU B 24 34.08 -1.53 32.38
CA GLU B 24 32.77 -1.56 31.73
C GLU B 24 31.91 -0.38 32.18
N LEU B 25 32.02 0.00 33.44
CA LEU B 25 31.25 1.11 33.98
C LEU B 25 31.63 2.43 33.30
N GLU B 26 32.92 2.62 33.04
CA GLU B 26 33.38 3.85 32.42
C GLU B 26 33.09 3.86 30.92
N GLN B 27 32.98 2.68 30.32
CA GLN B 27 32.62 2.59 28.92
C GLN B 27 31.18 3.02 28.69
N PHE B 28 30.26 2.45 29.46
CA PHE B 28 28.84 2.79 29.33
C PHE B 28 28.59 4.27 29.59
N GLN B 29 29.40 4.87 30.45
CA GLN B 29 29.20 6.26 30.84
C GLN B 29 29.72 7.25 29.78
N SER B 30 30.62 6.78 28.92
CA SER B 30 31.22 7.65 27.91
C SER B 30 30.23 8.01 26.81
N LYS B 31 30.40 9.21 26.26
CA LYS B 31 29.56 9.70 25.16
C LYS B 31 29.85 8.91 23.89
N LYS B 32 31.06 8.36 23.81
CA LYS B 32 31.48 7.52 22.69
C LYS B 32 32.11 6.24 23.21
N PHE B 33 31.88 5.12 22.52
CA PHE B 33 32.57 3.87 22.85
C PHE B 33 34.00 3.90 22.32
N THR B 34 34.83 3.03 22.87
CA THR B 34 36.22 2.90 22.45
C THR B 34 36.41 1.59 21.69
N LEU B 35 37.00 1.66 20.51
CA LEU B 35 37.10 0.49 19.65
C LEU B 35 37.85 -0.64 20.35
N GLY B 36 37.33 -1.85 20.21
CA GLY B 36 37.97 -3.04 20.77
C GLY B 36 37.79 -3.23 22.27
N LYS B 37 36.96 -2.39 22.88
CA LYS B 37 36.74 -2.46 24.32
C LYS B 37 35.27 -2.35 24.71
N ILE B 38 34.38 -2.74 23.81
CA ILE B 38 32.96 -2.76 24.10
C ILE B 38 32.71 -3.83 25.16
N PRO B 39 31.96 -3.50 26.22
CA PRO B 39 31.69 -4.48 27.27
C PRO B 39 30.80 -5.63 26.79
N LEU B 40 31.13 -6.85 27.19
CA LEU B 40 30.38 -8.03 26.77
C LEU B 40 29.06 -8.16 27.53
N LYS B 41 29.10 -7.83 28.81
CA LYS B 41 27.89 -7.80 29.61
C LYS B 41 26.94 -6.71 29.07
N PRO B 42 25.63 -6.93 29.14
CA PRO B 42 24.71 -5.85 28.73
C PRO B 42 24.81 -4.65 29.65
N PRO B 43 24.30 -3.49 29.20
CA PRO B 43 24.38 -2.30 30.05
C PRO B 43 23.44 -2.38 31.24
N PRO B 44 23.63 -1.50 32.23
CA PRO B 44 22.74 -1.45 33.39
C PRO B 44 21.55 -0.54 33.15
N LEU B 45 20.53 -0.66 33.99
CA LEU B 45 19.30 0.10 33.83
C LEU B 45 19.48 1.57 34.18
N GLU B 46 20.51 1.88 34.98
CA GLU B 46 20.75 3.25 35.39
C GLU B 46 21.32 4.10 34.26
N LEU B 47 22.20 3.50 33.47
CA LEU B 47 22.83 4.24 32.38
C LEU B 47 22.21 3.98 31.04
N LEU B 48 20.89 3.79 31.01
CA LEU B 48 20.25 3.58 29.73
C LEU B 48 20.21 4.87 28.95
N ASN B 49 19.71 5.93 29.57
CA ASN B 49 19.48 7.18 28.85
C ASN B 49 20.68 8.14 28.85
N VAL B 50 21.85 7.66 29.27
CA VAL B 50 23.06 8.48 29.35
C VAL B 50 23.22 9.42 28.16
N ASP C 3 -0.99 35.97 33.37
CA ASP C 3 -0.97 37.38 32.98
C ASP C 3 0.16 37.65 32.00
N ILE C 4 1.24 36.88 32.12
CA ILE C 4 2.36 36.98 31.19
C ILE C 4 1.89 36.78 29.75
N THR C 5 1.00 35.82 29.57
CA THR C 5 0.46 35.50 28.25
C THR C 5 -0.57 36.53 27.82
N MET C 6 -1.40 36.95 28.76
CA MET C 6 -2.48 37.89 28.48
C MET C 6 -1.93 39.23 28.04
N GLN C 7 -0.82 39.63 28.66
CA GLN C 7 -0.15 40.88 28.31
C GLN C 7 0.39 40.78 26.88
N TRP C 8 1.08 39.68 26.59
CA TRP C 8 1.56 39.41 25.24
C TRP C 8 0.41 39.28 24.24
N TYR C 9 -0.72 38.75 24.71
CA TYR C 9 -1.91 38.64 23.87
C TYR C 9 -2.40 39.99 23.42
N GLN C 10 -2.41 40.96 24.35
CA GLN C 10 -2.85 42.31 24.02
C GLN C 10 -1.85 43.00 23.10
N GLN C 11 -0.57 42.71 23.29
CA GLN C 11 0.47 43.34 22.49
C GLN C 11 0.25 43.12 20.99
N LEU C 12 -0.02 41.88 20.61
CA LEU C 12 -0.26 41.54 19.21
C LEU C 12 -1.56 42.13 18.71
N GLN C 13 -2.59 42.08 19.56
CA GLN C 13 -3.92 42.55 19.17
C GLN C 13 -3.91 44.06 18.92
N ASP C 14 -3.44 44.83 19.88
CA ASP C 14 -3.43 46.28 19.72
C ASP C 14 -2.37 46.70 18.71
N ALA C 15 -1.33 45.89 18.54
CA ALA C 15 -0.31 46.17 17.52
C ALA C 15 -0.91 45.95 16.14
N SER C 16 -1.80 44.96 16.03
CA SER C 16 -2.52 44.73 14.79
C SER C 16 -3.54 45.84 14.57
N MET C 17 -4.21 46.25 15.64
CA MET C 17 -5.18 47.33 15.59
C MET C 17 -4.52 48.60 15.06
N GLN C 18 -3.26 48.79 15.41
CA GLN C 18 -2.47 49.88 14.84
C GLN C 18 -2.29 49.67 13.35
N CYS C 19 -2.18 48.42 12.93
CA CYS C 19 -2.00 48.10 11.52
C CYS C 19 -3.30 48.32 10.74
N VAL C 20 -4.44 48.15 11.41
CA VAL C 20 -5.72 48.46 10.81
C VAL C 20 -5.78 49.95 10.46
N LEU C 21 -5.07 50.76 11.24
CA LEU C 21 -5.13 52.21 11.13
C LEU C 21 -4.04 52.82 10.26
N THR C 22 -2.89 52.14 10.16
CA THR C 22 -1.75 52.70 9.45
C THR C 22 -2.06 52.83 7.95
N PHE C 23 -2.79 51.88 7.39
CA PHE C 23 -3.21 51.96 6.00
C PHE C 23 -4.65 52.43 5.87
N GLU C 24 -5.22 52.90 6.96
CA GLU C 24 -6.60 53.40 6.95
C GLU C 24 -6.77 54.39 5.81
N GLY C 25 -7.62 54.02 4.85
CA GLY C 25 -7.86 54.86 3.69
C GLY C 25 -7.66 54.19 2.36
N LEU C 26 -6.80 53.18 2.34
CA LEU C 26 -6.67 52.32 1.19
C LEU C 26 -8.00 51.58 1.02
N THR C 27 -8.51 51.06 2.14
CA THR C 27 -9.83 50.44 2.16
C THR C 27 -10.92 51.48 2.03
N ASN C 28 -10.88 52.46 2.92
CA ASN C 28 -11.89 53.51 3.00
C ASN C 28 -11.67 54.57 1.94
N SER C 29 -12.07 54.24 0.70
CA SER C 29 -11.93 55.15 -0.42
C SER C 29 -13.09 54.95 -1.40
N LYS C 30 -13.54 56.04 -2.02
CA LYS C 30 -14.68 55.97 -2.92
C LYS C 30 -14.30 56.32 -4.34
N ASP C 31 -13.01 56.62 -4.57
CA ASP C 31 -12.53 56.90 -5.91
C ASP C 31 -12.56 55.60 -6.72
N SER C 32 -12.71 55.74 -8.04
CA SER C 32 -12.68 54.58 -8.92
C SER C 32 -11.28 53.99 -8.95
N GLN C 33 -10.27 54.86 -8.91
CA GLN C 33 -8.89 54.41 -8.83
C GLN C 33 -8.59 53.83 -7.46
N ALA C 34 -8.95 54.55 -6.41
CA ALA C 34 -8.61 54.14 -5.05
C ALA C 34 -9.23 52.79 -4.67
N LYS C 35 -10.35 52.45 -5.30
CA LYS C 35 -10.94 51.13 -5.12
C LYS C 35 -10.24 50.05 -5.95
N LYS C 36 -9.83 50.44 -7.16
CA LYS C 36 -9.16 49.53 -8.10
C LYS C 36 -7.86 48.99 -7.53
N ILE C 37 -7.15 49.87 -6.81
CA ILE C 37 -5.84 49.56 -6.27
C ILE C 37 -5.98 48.56 -5.14
N LYS C 38 -6.95 48.83 -4.26
CA LYS C 38 -7.29 47.94 -3.16
C LYS C 38 -7.70 46.57 -3.64
N MET C 39 -8.30 46.53 -4.83
CA MET C 39 -8.82 45.29 -5.36
C MET C 39 -7.69 44.38 -5.83
N ASP C 40 -6.79 44.91 -6.65
CA ASP C 40 -5.72 44.11 -7.23
C ASP C 40 -4.68 43.69 -6.20
N LEU C 41 -4.51 44.48 -5.14
CA LEU C 41 -3.58 44.10 -4.08
C LEU C 41 -4.17 42.94 -3.30
N GLN C 42 -5.37 43.14 -2.76
CA GLN C 42 -6.05 42.08 -2.01
C GLN C 42 -6.20 40.84 -2.87
N LYS C 43 -6.21 41.01 -4.19
CA LYS C 43 -6.36 39.89 -5.11
C LYS C 43 -5.05 39.12 -5.25
N ALA C 44 -4.01 39.81 -5.72
CA ALA C 44 -2.71 39.19 -5.95
C ALA C 44 -1.93 38.95 -4.65
N ALA C 45 -2.64 38.95 -3.52
CA ALA C 45 -2.00 38.73 -2.23
C ALA C 45 -2.65 37.58 -1.46
N THR C 46 -3.76 37.06 -1.97
CA THR C 46 -4.44 35.96 -1.29
C THR C 46 -4.66 34.75 -2.19
N ILE C 47 -4.62 34.96 -3.50
CA ILE C 47 -4.75 33.85 -4.44
C ILE C 47 -3.58 32.86 -4.28
N PRO C 48 -2.34 33.36 -4.18
CA PRO C 48 -1.23 32.40 -4.08
C PRO C 48 -1.32 31.48 -2.87
N VAL C 49 -1.86 31.97 -1.77
CA VAL C 49 -2.03 31.16 -0.58
C VAL C 49 -3.05 30.05 -0.84
N SER C 50 -4.10 30.37 -1.59
CA SER C 50 -5.12 29.38 -1.97
C SER C 50 -4.58 28.39 -3.00
N GLN C 51 -3.52 28.77 -3.71
CA GLN C 51 -2.90 27.87 -4.67
C GLN C 51 -2.11 26.76 -3.97
N ILE C 52 -1.75 27.01 -2.71
CA ILE C 52 -0.91 26.08 -1.98
C ILE C 52 -1.53 24.69 -2.01
N SER C 53 -0.79 23.74 -2.55
CA SER C 53 -1.27 22.36 -2.68
C SER C 53 -0.17 21.42 -2.20
N THR C 54 -0.56 20.17 -1.95
CA THR C 54 0.36 19.16 -1.45
C THR C 54 0.99 18.31 -2.57
N ILE C 55 0.71 18.66 -3.82
CA ILE C 55 1.10 17.81 -4.95
C ILE C 55 2.62 17.63 -4.99
N ALA C 56 3.36 18.71 -4.78
CA ALA C 56 4.80 18.69 -4.93
C ALA C 56 5.42 20.00 -4.48
N GLY C 57 6.52 19.89 -3.73
CA GLY C 57 7.30 21.05 -3.34
C GLY C 57 7.97 21.71 -4.52
N SER C 58 8.11 20.94 -5.61
CA SER C 58 8.70 21.46 -6.84
C SER C 58 7.96 22.70 -7.31
N LYS C 59 6.64 22.72 -7.09
CA LYS C 59 5.82 23.87 -7.45
C LYS C 59 5.43 24.71 -6.23
N LEU C 60 5.59 24.15 -5.03
CA LEU C 60 5.29 24.91 -3.82
C LEU C 60 6.29 26.04 -3.60
N LYS C 61 7.40 26.02 -4.34
CA LYS C 61 8.37 27.11 -4.24
C LYS C 61 7.90 28.33 -5.03
N GLU C 62 7.15 28.10 -6.10
CA GLU C 62 6.63 29.19 -6.91
C GLU C 62 5.75 30.12 -6.07
N ILE C 63 4.83 29.54 -5.30
CA ILE C 63 3.95 30.31 -4.46
C ILE C 63 4.76 31.10 -3.43
N PHE C 64 5.79 30.47 -2.87
CA PHE C 64 6.63 31.13 -1.88
C PHE C 64 7.38 32.30 -2.49
N ASP C 65 7.91 32.10 -3.70
CA ASP C 65 8.62 33.16 -4.40
C ASP C 65 7.66 34.27 -4.82
N LYS C 66 6.47 33.89 -5.26
CA LYS C 66 5.50 34.86 -5.74
C LYS C 66 5.02 35.77 -4.61
N ILE C 67 5.00 35.23 -3.40
CA ILE C 67 4.62 36.02 -2.23
C ILE C 67 5.81 36.87 -1.79
N HIS C 68 7.00 36.27 -1.79
CA HIS C 68 8.21 36.99 -1.40
C HIS C 68 8.48 38.16 -2.34
N SER C 69 8.27 37.95 -3.64
CA SER C 69 8.45 39.01 -4.64
C SER C 69 7.43 40.11 -4.39
N LEU C 70 6.17 39.72 -4.27
CA LEU C 70 5.09 40.67 -3.99
C LEU C 70 5.43 41.51 -2.76
N LEU C 71 5.85 40.84 -1.69
CA LEU C 71 6.04 41.49 -0.40
C LEU C 71 7.34 42.29 -0.34
N SER C 72 8.37 41.83 -1.05
CA SER C 72 9.67 42.50 -1.02
C SER C 72 9.68 43.78 -1.86
N GLY C 73 8.64 43.98 -2.66
CA GLY C 73 8.52 45.19 -3.47
C GLY C 73 8.60 44.96 -4.97
N LYS C 74 9.08 43.79 -5.36
CA LYS C 74 9.26 43.47 -6.77
C LYS C 74 7.91 43.39 -7.49
N PRO C 75 7.91 43.57 -8.82
CA PRO C 75 6.67 43.35 -9.57
C PRO C 75 6.32 41.87 -9.67
N VAL C 76 5.03 41.55 -9.59
CA VAL C 76 4.58 40.18 -9.64
C VAL C 76 3.59 40.00 -10.78
N GLN C 77 3.74 38.91 -11.53
CA GLN C 77 2.81 38.59 -12.60
C GLN C 77 1.44 38.30 -11.98
N SER C 78 0.53 39.26 -12.13
CA SER C 78 -0.84 39.12 -11.63
C SER C 78 -1.74 38.64 -12.77
N GLY C 79 -3.05 38.68 -12.55
CA GLY C 79 -3.99 38.28 -13.59
C GLY C 79 -3.92 39.16 -14.81
N GLY C 80 -3.29 38.66 -15.88
CA GLY C 80 -3.14 39.43 -17.10
C GLY C 80 -1.98 40.41 -17.03
N ARG C 81 -2.29 41.61 -16.58
CA ARG C 81 -1.34 42.71 -16.44
C ARG C 81 -0.58 42.65 -15.11
N SER C 82 0.65 43.17 -15.11
CA SER C 82 1.50 43.17 -13.91
C SER C 82 1.07 44.15 -12.81
N VAL C 83 1.39 43.79 -11.58
CA VAL C 83 1.05 44.59 -10.40
C VAL C 83 2.25 44.67 -9.46
N SER C 84 2.30 45.74 -8.67
CA SER C 84 3.32 45.91 -7.66
C SER C 84 2.71 46.60 -6.44
N VAL C 85 3.55 46.94 -5.48
CA VAL C 85 3.11 47.64 -4.28
C VAL C 85 3.31 49.16 -4.41
N THR C 86 4.07 49.56 -5.42
CA THR C 86 4.53 50.94 -5.54
C THR C 86 3.43 51.98 -5.77
N LEU C 87 2.29 51.55 -6.27
CA LEU C 87 1.19 52.46 -6.60
C LEU C 87 0.70 53.26 -5.40
N ASN C 88 0.58 52.60 -4.25
CA ASN C 88 0.09 53.23 -3.05
C ASN C 88 1.07 52.92 -1.91
N PRO C 89 1.48 53.97 -1.15
CA PRO C 89 2.41 53.73 -0.04
C PRO C 89 1.80 52.90 1.07
N GLN C 90 0.48 52.85 1.12
CA GLN C 90 -0.23 52.07 2.11
C GLN C 90 -0.41 50.61 1.69
N GLY C 91 0.27 50.19 0.63
CA GLY C 91 0.12 48.83 0.14
C GLY C 91 0.93 47.83 0.93
N LEU C 92 2.15 48.19 1.30
CA LEU C 92 3.01 47.31 2.08
C LEU C 92 2.35 46.86 3.37
N ASP C 93 2.00 47.82 4.22
CA ASP C 93 1.36 47.53 5.51
C ASP C 93 -0.05 46.97 5.36
N PHE C 94 -0.58 47.01 4.13
CA PHE C 94 -1.91 46.47 3.86
C PHE C 94 -1.86 45.01 3.43
N VAL C 95 -0.89 44.68 2.58
CA VAL C 95 -0.79 43.33 2.05
C VAL C 95 -0.40 42.37 3.18
N GLN C 96 0.42 42.85 4.11
CA GLN C 96 0.80 42.04 5.27
C GLN C 96 -0.44 41.70 6.09
N TYR C 97 -1.44 42.57 6.05
CA TYR C 97 -2.68 42.33 6.78
C TYR C 97 -3.53 41.29 6.06
N LYS C 98 -3.72 41.46 4.75
CA LYS C 98 -4.54 40.54 3.97
C LYS C 98 -3.88 39.18 3.78
N LEU C 99 -2.55 39.17 3.65
CA LEU C 99 -1.83 37.91 3.55
C LEU C 99 -1.91 37.15 4.87
N ALA C 100 -1.71 37.86 5.98
CA ALA C 100 -1.72 37.25 7.30
C ALA C 100 -3.09 36.64 7.61
N GLU C 101 -4.15 37.36 7.28
CA GLU C 101 -5.49 36.86 7.56
C GLU C 101 -5.79 35.64 6.69
N LYS C 102 -5.33 35.67 5.45
CA LYS C 102 -5.63 34.58 4.52
C LYS C 102 -4.98 33.28 4.97
N PHE C 103 -3.84 33.38 5.65
CA PHE C 103 -3.16 32.19 6.15
C PHE C 103 -3.98 31.52 7.25
N VAL C 104 -4.59 32.33 8.11
CA VAL C 104 -5.42 31.78 9.18
C VAL C 104 -6.76 31.31 8.63
N LYS C 105 -7.26 32.00 7.60
CA LYS C 105 -8.54 31.61 7.00
C LYS C 105 -8.44 30.28 6.26
N GLN C 106 -7.32 30.04 5.58
CA GLN C 106 -7.13 28.76 4.90
C GLN C 106 -7.09 27.62 5.91
N GLY C 107 -6.66 27.93 7.13
CA GLY C 107 -6.72 26.99 8.22
C GLY C 107 -8.11 26.89 8.81
N GLU C 108 -8.92 27.92 8.55
CA GLU C 108 -10.28 27.98 9.06
C GLU C 108 -11.20 26.99 8.34
N GLU C 109 -11.14 26.97 7.01
CA GLU C 109 -12.07 26.15 6.23
C GLU C 109 -11.46 24.86 5.70
N GLU C 110 -10.36 24.95 4.94
CA GLU C 110 -9.81 23.75 4.30
C GLU C 110 -9.19 22.82 5.32
N VAL C 111 -8.28 23.33 6.14
CA VAL C 111 -7.58 22.47 7.10
C VAL C 111 -8.59 21.83 8.02
N ALA C 112 -9.69 22.53 8.29
CA ALA C 112 -10.78 21.98 9.07
C ALA C 112 -11.34 20.74 8.38
N SER C 113 -11.64 20.88 7.08
CA SER C 113 -12.19 19.78 6.30
C SER C 113 -11.13 18.73 5.98
N HIS C 114 -9.97 19.19 5.50
CA HIS C 114 -8.88 18.29 5.12
C HIS C 114 -7.65 18.49 6.00
N HIS C 115 -7.46 17.57 6.94
CA HIS C 115 -6.41 17.70 7.95
C HIS C 115 -5.01 17.69 7.33
N GLU C 116 -4.89 17.20 6.10
CA GLU C 116 -3.59 17.00 5.47
C GLU C 116 -2.97 18.26 4.90
N ALA C 117 -3.79 19.21 4.50
CA ALA C 117 -3.30 20.42 3.85
C ALA C 117 -2.60 21.38 4.82
N ALA C 118 -2.51 21.02 6.09
CA ALA C 118 -1.96 21.90 7.10
C ALA C 118 -0.46 22.15 6.91
N PHE C 119 0.24 21.12 6.45
CA PHE C 119 1.70 21.15 6.37
C PHE C 119 2.25 21.95 5.18
N PRO C 120 1.72 21.72 3.97
CA PRO C 120 2.20 22.53 2.85
C PRO C 120 1.83 24.01 2.98
N ILE C 121 0.87 24.31 3.84
CA ILE C 121 0.50 25.68 4.14
C ILE C 121 1.40 26.21 5.25
N ALA C 122 1.71 25.36 6.21
CA ALA C 122 2.50 25.78 7.36
C ALA C 122 3.90 26.20 6.94
N VAL C 123 4.56 25.38 6.14
CA VAL C 123 5.93 25.64 5.73
C VAL C 123 6.04 27.00 5.04
N VAL C 124 5.06 27.33 4.21
CA VAL C 124 5.08 28.60 3.49
C VAL C 124 4.92 29.73 4.48
N ALA C 125 4.01 29.56 5.43
CA ALA C 125 3.81 30.57 6.45
C ALA C 125 5.07 30.68 7.30
N SER C 126 5.66 29.55 7.64
CA SER C 126 6.85 29.51 8.48
C SER C 126 8.05 30.15 7.79
N GLY C 127 8.09 30.04 6.46
CA GLY C 127 9.19 30.58 5.69
C GLY C 127 9.08 32.08 5.49
N ILE C 128 7.85 32.54 5.27
CA ILE C 128 7.60 33.97 5.10
C ILE C 128 7.79 34.67 6.44
N TRP C 129 7.49 33.97 7.53
CA TRP C 129 7.67 34.51 8.87
C TRP C 129 9.15 34.81 9.11
N GLU C 130 10.01 33.92 8.62
CA GLU C 130 11.46 34.12 8.71
C GLU C 130 11.90 35.42 8.03
N LEU C 131 11.56 35.54 6.74
CA LEU C 131 12.00 36.66 5.93
C LEU C 131 11.37 37.97 6.39
N HIS C 132 10.15 37.89 6.91
CA HIS C 132 9.40 39.08 7.30
C HIS C 132 8.68 38.84 8.62
N PRO C 133 9.30 39.24 9.75
CA PRO C 133 8.68 38.97 11.05
C PRO C 133 7.37 39.74 11.30
N ARG C 134 7.24 40.95 10.74
CA ARG C 134 6.05 41.76 10.95
C ARG C 134 4.79 41.06 10.43
N VAL C 135 4.95 40.21 9.43
CA VAL C 135 3.82 39.46 8.88
C VAL C 135 3.40 38.39 9.87
N GLY C 136 4.38 37.82 10.57
CA GLY C 136 4.11 36.76 11.52
C GLY C 136 3.36 37.24 12.75
N ASP C 137 3.71 38.43 13.24
CA ASP C 137 3.00 39.04 14.35
C ASP C 137 1.54 39.27 13.97
N LEU C 138 1.30 39.62 12.70
CA LEU C 138 -0.05 39.83 12.20
C LEU C 138 -0.81 38.50 12.08
N ILE C 139 -0.07 37.42 11.85
CA ILE C 139 -0.70 36.11 11.81
C ILE C 139 -1.14 35.72 13.22
N LEU C 140 -0.23 35.89 14.19
CA LEU C 140 -0.56 35.59 15.58
C LEU C 140 -1.67 36.49 16.10
N ALA C 141 -1.80 37.69 15.52
CA ALA C 141 -2.86 38.60 15.91
C ALA C 141 -4.21 38.03 15.50
N HIS C 142 -4.34 37.69 14.22
CA HIS C 142 -5.59 37.14 13.71
C HIS C 142 -5.84 35.76 14.31
N LEU C 143 -4.80 34.94 14.30
CA LEU C 143 -4.88 33.59 14.88
C LEU C 143 -5.43 33.66 16.29
N HIS C 144 -4.95 34.63 17.06
CA HIS C 144 -5.35 34.74 18.47
C HIS C 144 -6.80 35.19 18.64
N LYS C 145 -7.23 36.20 17.91
CA LYS C 145 -8.58 36.72 18.08
C LYS C 145 -9.60 35.68 17.63
N LYS C 146 -9.49 35.24 16.38
CA LYS C 146 -10.42 34.26 15.85
C LYS C 146 -10.45 32.99 16.69
N CYS C 147 -9.30 32.62 17.25
CA CYS C 147 -9.23 31.47 18.14
C CYS C 147 -8.42 31.79 19.39
N PRO C 148 -9.09 32.29 20.43
CA PRO C 148 -8.35 32.57 21.67
C PRO C 148 -7.84 31.28 22.33
N TYR C 149 -8.32 30.13 21.86
CA TYR C 149 -7.93 28.85 22.44
C TYR C 149 -6.54 28.41 21.98
N SER C 150 -5.94 29.18 21.07
CA SER C 150 -4.61 28.88 20.56
C SER C 150 -3.52 29.54 21.39
N VAL C 151 -3.89 30.59 22.10
CA VAL C 151 -2.97 31.36 22.90
C VAL C 151 -2.11 30.46 23.81
N PRO C 152 -2.74 29.66 24.68
CA PRO C 152 -4.16 29.46 24.92
C PRO C 152 -4.66 30.19 26.18
N PHE C 153 -5.82 30.82 26.04
CA PHE C 153 -6.51 31.43 27.17
C PHE C 153 -8.01 31.30 26.92
N TYR C 154 -8.76 30.98 27.96
CA TYR C 154 -10.20 30.89 27.82
C TYR C 154 -10.81 32.25 28.17
N PRO C 155 -11.73 32.74 27.32
CA PRO C 155 -12.38 34.01 27.67
C PRO C 155 -13.35 33.80 28.82
N THR C 156 -13.23 34.63 29.86
CA THR C 156 -14.06 34.49 31.05
C THR C 156 -15.40 35.19 30.84
N PHE C 157 -16.37 34.88 31.71
CA PHE C 157 -17.71 35.46 31.59
C PHE C 157 -17.78 36.70 32.46
N LYS C 158 -17.81 37.87 31.82
CA LYS C 158 -17.98 39.10 32.57
C LYS C 158 -19.40 38.95 33.10
N GLU C 159 -19.63 39.23 34.39
CA GLU C 159 -20.95 39.00 34.94
C GLU C 159 -21.97 39.92 34.28
N GLY C 160 -23.22 39.46 34.19
CA GLY C 160 -24.27 40.26 33.59
C GLY C 160 -24.26 40.41 32.08
N MET C 161 -23.34 39.71 31.40
CA MET C 161 -23.17 39.90 29.96
C MET C 161 -24.08 38.93 29.22
N ALA C 162 -24.45 39.28 27.99
CA ALA C 162 -25.31 38.45 27.15
C ALA C 162 -24.59 37.26 26.54
N LEU C 163 -25.22 36.08 26.65
CA LEU C 163 -24.66 34.85 26.10
C LEU C 163 -24.33 35.00 24.62
N GLU C 164 -25.24 35.64 23.88
CA GLU C 164 -25.01 35.96 22.47
C GLU C 164 -23.77 36.84 22.33
N ASP C 165 -23.61 37.77 23.26
CA ASP C 165 -22.42 38.62 23.32
C ASP C 165 -21.21 37.82 23.79
N TYR C 166 -21.44 36.86 24.68
CA TYR C 166 -20.36 36.05 25.24
C TYR C 166 -19.82 35.05 24.22
N GLN C 167 -20.75 34.42 23.50
CA GLN C 167 -20.39 33.46 22.46
C GLN C 167 -19.54 34.14 21.39
N ARG C 168 -19.82 35.40 21.11
CA ARG C 168 -19.06 36.16 20.13
C ARG C 168 -17.57 36.18 20.47
N MET C 169 -17.27 36.41 21.75
CA MET C 169 -15.89 36.46 22.21
C MET C 169 -15.24 35.08 22.17
N LEU C 170 -16.04 34.03 22.36
CA LEU C 170 -15.53 32.67 22.31
C LEU C 170 -15.16 32.21 20.91
N GLY C 171 -15.52 33.00 19.91
CA GLY C 171 -15.18 32.66 18.54
C GLY C 171 -16.32 32.06 17.72
N TYR C 172 -17.45 31.80 18.36
CA TYR C 172 -18.63 31.34 17.63
C TYR C 172 -18.98 32.44 16.62
N GLN C 173 -19.38 32.04 15.42
CA GLN C 173 -19.72 33.03 14.40
C GLN C 173 -21.20 33.37 14.42
N VAL C 174 -21.50 34.61 14.80
CA VAL C 174 -22.86 35.06 14.96
C VAL C 174 -23.10 36.35 14.18
N LYS C 175 -22.98 36.30 12.85
CA LYS C 175 -23.29 37.46 12.01
C LYS C 175 -24.80 37.71 11.90
N ASP C 176 -25.56 36.65 11.66
CA ASP C 176 -27.02 36.78 11.53
C ASP C 176 -27.70 36.67 12.91
N SER C 177 -29.02 36.52 12.90
CA SER C 177 -29.79 36.42 14.14
C SER C 177 -29.62 35.04 14.73
N LYS C 178 -29.46 34.05 13.86
CA LYS C 178 -29.33 32.67 14.28
C LYS C 178 -27.87 32.45 14.61
N VAL C 179 -27.59 31.54 15.52
CA VAL C 179 -26.22 31.25 15.95
C VAL C 179 -25.66 30.06 15.19
N GLU C 180 -24.35 30.07 15.02
CA GLU C 180 -23.66 29.02 14.26
C GLU C 180 -23.67 27.72 15.03
N GLN C 181 -23.76 26.62 14.28
CA GLN C 181 -23.74 25.29 14.86
C GLN C 181 -22.41 25.08 15.56
N GLN C 182 -22.39 24.23 16.57
CA GLN C 182 -21.16 23.92 17.30
C GLN C 182 -20.19 23.08 16.45
N ASP C 183 -20.73 22.15 15.68
CA ASP C 183 -19.90 21.27 14.85
C ASP C 183 -19.19 22.06 13.76
N ASN C 184 -19.90 23.01 13.17
CA ASN C 184 -19.33 23.90 12.18
C ASN C 184 -18.37 24.91 12.81
N PHE C 185 -18.45 25.04 14.15
CA PHE C 185 -17.54 25.90 14.90
C PHE C 185 -16.32 25.15 15.43
N LEU C 186 -16.57 23.96 15.96
CA LEU C 186 -15.50 23.15 16.52
C LEU C 186 -14.47 22.84 15.45
N LYS C 187 -14.96 22.46 14.27
CA LYS C 187 -14.09 22.10 13.16
C LYS C 187 -13.25 23.31 12.70
N ARG C 188 -13.87 24.49 12.69
CA ARG C 188 -13.14 25.71 12.37
C ARG C 188 -11.98 25.95 13.34
N MET C 189 -12.12 25.44 14.57
CA MET C 189 -11.12 25.68 15.61
C MET C 189 -10.04 24.60 15.64
N SER C 190 -10.43 23.37 15.32
CA SER C 190 -9.44 22.31 15.16
C SER C 190 -8.43 22.72 14.10
N GLY C 191 -8.93 22.94 12.89
CA GLY C 191 -8.10 23.31 11.76
C GLY C 191 -7.22 24.53 11.99
N MET C 192 -7.61 25.37 12.94
CA MET C 192 -6.82 26.55 13.26
C MET C 192 -5.59 26.21 14.08
N ILE C 193 -5.69 25.20 14.95
CA ILE C 193 -4.56 24.83 15.81
C ILE C 193 -3.79 23.64 15.23
N ARG C 194 -4.41 22.91 14.30
CA ARG C 194 -3.66 21.91 13.55
C ARG C 194 -2.67 22.64 12.64
N LEU C 195 -3.09 23.79 12.12
CA LEU C 195 -2.20 24.64 11.32
C LEU C 195 -1.12 25.25 12.20
N TYR C 196 -1.53 25.73 13.39
CA TYR C 196 -0.59 26.31 14.34
C TYR C 196 0.36 25.23 14.87
N ALA C 197 -0.19 24.03 15.11
CA ALA C 197 0.61 22.91 15.57
C ALA C 197 1.61 22.43 14.51
N ALA C 198 1.33 22.76 13.25
CA ALA C 198 2.22 22.37 12.15
C ALA C 198 3.29 23.42 11.88
N ILE C 199 2.94 24.69 12.07
CA ILE C 199 3.87 25.78 11.79
C ILE C 199 5.06 25.74 12.74
N ILE C 200 4.83 25.33 13.98
CA ILE C 200 5.87 25.38 15.01
C ILE C 200 6.92 24.26 14.89
N GLN C 201 6.65 23.27 14.03
CA GLN C 201 7.55 22.12 13.93
C GLN C 201 8.28 22.03 12.59
N LEU C 202 7.77 22.74 11.58
CA LEU C 202 8.34 22.66 10.24
C LEU C 202 9.17 23.89 9.93
N ARG C 203 10.17 23.73 9.06
CA ARG C 203 11.01 24.84 8.65
C ARG C 203 11.14 24.87 7.14
N TRP C 204 11.09 26.07 6.56
CA TRP C 204 11.24 26.24 5.12
C TRP C 204 12.63 25.75 4.70
N PRO C 205 12.70 24.72 3.85
CA PRO C 205 14.01 24.13 3.52
C PRO C 205 14.94 25.05 2.75
N TYR C 206 14.43 25.75 1.75
CA TYR C 206 15.28 26.61 0.93
C TYR C 206 15.63 27.87 1.72
N GLY C 207 16.67 28.57 1.29
CA GLY C 207 17.07 29.79 1.97
C GLY C 207 17.57 29.45 3.37
N ASN C 208 18.07 28.23 3.54
CA ASN C 208 18.48 27.71 4.85
C ASN C 208 19.44 28.61 5.62
N ARG C 209 19.00 29.11 6.77
CA ARG C 209 19.82 29.99 7.61
C ARG C 209 20.13 29.36 8.98
N GLN C 210 21.12 29.94 9.65
CA GLN C 210 21.54 29.50 10.98
C GLN C 210 20.58 30.00 12.06
N GLU C 211 19.66 30.86 11.66
CA GLU C 211 18.77 31.51 12.61
C GLU C 211 17.66 30.57 13.05
N ILE C 212 17.06 30.89 14.20
CA ILE C 212 16.09 30.00 14.79
C ILE C 212 14.76 30.18 14.09
N HIS C 213 13.91 29.18 14.26
CA HIS C 213 12.52 29.22 13.83
C HIS C 213 11.90 30.51 14.39
N PRO C 214 11.19 31.27 13.55
CA PRO C 214 10.63 32.51 14.12
C PRO C 214 9.66 32.20 15.25
N HIS C 215 8.73 31.27 15.03
CA HIS C 215 7.87 30.79 16.09
C HIS C 215 8.25 29.35 16.38
N GLY C 216 9.13 29.17 17.36
CA GLY C 216 9.75 27.87 17.61
C GLY C 216 8.87 26.86 18.31
N LEU C 217 9.36 25.62 18.39
CA LEU C 217 8.64 24.52 19.00
C LEU C 217 8.51 24.65 20.52
N ASN C 218 9.21 25.63 21.09
CA ASN C 218 9.09 25.91 22.53
C ASN C 218 7.66 26.35 22.88
N HIS C 219 7.02 27.07 21.96
CA HIS C 219 5.66 27.56 22.17
C HIS C 219 4.61 26.44 22.17
N GLY C 220 5.03 25.23 21.81
CA GLY C 220 4.13 24.09 21.82
C GLY C 220 4.03 23.43 23.19
N TRP C 221 5.15 23.43 23.91
CA TRP C 221 5.18 22.86 25.26
C TRP C 221 4.33 23.69 26.22
N ARG C 222 4.45 25.00 26.15
CA ARG C 222 3.68 25.88 27.02
C ARG C 222 2.19 25.74 26.76
N TRP C 223 1.82 25.54 25.50
CA TRP C 223 0.41 25.40 25.12
C TRP C 223 -0.22 24.20 25.81
N LEU C 224 0.49 23.08 25.79
CA LEU C 224 0.02 21.86 26.45
C LEU C 224 0.06 22.03 27.96
N ALA C 225 1.08 22.72 28.45
CA ALA C 225 1.21 22.96 29.88
C ALA C 225 0.12 23.91 30.36
N GLN C 226 -0.06 25.01 29.64
CA GLN C 226 -0.96 26.08 30.07
C GLN C 226 -2.43 25.70 29.90
N ILE C 227 -2.71 24.74 29.03
CA ILE C 227 -4.09 24.28 28.84
C ILE C 227 -4.44 23.17 29.82
N LEU C 228 -3.42 22.49 30.35
CA LEU C 228 -3.62 21.38 31.28
C LEU C 228 -3.55 21.80 32.73
N ASN C 229 -3.16 23.05 32.97
CA ASN C 229 -3.13 23.59 34.32
C ASN C 229 -4.41 24.35 34.65
N MET C 230 -5.35 24.37 33.71
CA MET C 230 -6.65 24.97 33.94
C MET C 230 -7.74 23.93 33.68
N GLU C 231 -8.87 24.09 34.37
CA GLU C 231 -9.93 23.10 34.31
C GLU C 231 -10.46 23.04 32.87
N PRO C 232 -10.67 21.83 32.35
CA PRO C 232 -11.05 21.71 30.94
C PRO C 232 -12.50 22.04 30.65
N LEU C 233 -12.76 22.64 29.49
CA LEU C 233 -14.11 22.78 28.99
C LEU C 233 -14.59 21.40 28.52
N SER C 234 -15.90 21.24 28.40
CA SER C 234 -16.49 19.94 28.12
C SER C 234 -15.97 19.34 26.81
N ASP C 235 -16.42 19.89 25.68
CA ASP C 235 -16.12 19.31 24.37
C ASP C 235 -14.93 19.99 23.68
N VAL C 236 -14.73 21.27 23.96
CA VAL C 236 -13.67 22.03 23.29
C VAL C 236 -12.30 21.47 23.66
N THR C 237 -12.01 21.38 24.95
CA THR C 237 -10.70 20.95 25.42
C THR C 237 -10.30 19.59 24.85
N ALA C 238 -11.08 18.56 25.17
CA ALA C 238 -10.76 17.19 24.77
C ALA C 238 -10.67 17.03 23.25
N THR C 239 -11.27 17.96 22.51
CA THR C 239 -11.19 17.94 21.06
C THR C 239 -9.87 18.53 20.60
N LEU C 240 -9.60 19.77 20.98
CA LEU C 240 -8.40 20.47 20.55
C LEU C 240 -7.14 19.80 21.08
N LEU C 241 -7.25 19.19 22.26
CA LEU C 241 -6.12 18.51 22.86
C LEU C 241 -5.70 17.32 22.00
N PHE C 242 -6.67 16.64 21.41
CA PHE C 242 -6.38 15.50 20.54
C PHE C 242 -5.67 15.94 19.27
N ASP C 243 -6.34 16.78 18.47
CA ASP C 243 -5.81 17.15 17.16
C ASP C 243 -4.58 18.07 17.23
N PHE C 244 -4.16 18.44 18.44
CA PHE C 244 -2.89 19.13 18.59
C PHE C 244 -1.74 18.14 18.75
N LEU C 245 -2.00 17.06 19.49
CA LEU C 245 -0.98 16.03 19.74
C LEU C 245 -0.71 15.20 18.49
N GLU C 246 -1.75 14.91 17.74
CA GLU C 246 -1.61 14.14 16.51
C GLU C 246 -0.68 14.87 15.53
N VAL C 247 -0.73 16.19 15.56
CA VAL C 247 0.03 17.01 14.61
C VAL C 247 1.43 17.36 15.13
N CYS C 248 1.57 17.54 16.44
CA CYS C 248 2.82 18.02 17.00
C CYS C 248 3.43 17.09 18.06
N GLY C 249 2.74 16.00 18.37
CA GLY C 249 3.24 15.05 19.35
C GLY C 249 4.52 14.36 18.91
N ASN C 250 4.67 14.21 17.59
CA ASN C 250 5.84 13.54 17.03
C ASN C 250 7.09 14.40 17.16
N ALA C 251 6.96 15.69 16.87
CA ALA C 251 8.08 16.63 16.93
C ALA C 251 8.42 16.97 18.38
N LEU C 252 7.44 16.88 19.25
CA LEU C 252 7.63 17.18 20.68
C LEU C 252 8.30 16.01 21.41
N MET C 253 8.01 14.79 20.99
CA MET C 253 8.60 13.60 21.61
C MET C 253 10.09 13.50 21.33
N LYS C 254 10.54 14.02 20.19
CA LYS C 254 11.96 13.98 19.85
C LYS C 254 12.75 15.05 20.60
N GLN C 255 12.13 16.21 20.82
CA GLN C 255 12.81 17.31 21.50
C GLN C 255 12.86 17.07 23.00
N TYR C 256 11.69 16.98 23.61
CA TYR C 256 11.59 16.76 25.06
C TYR C 256 11.12 15.35 25.34
N GLN C 257 12.00 14.37 25.12
CA GLN C 257 11.62 12.96 25.13
C GLN C 257 10.96 12.48 26.42
N VAL C 258 11.58 12.73 27.57
CA VAL C 258 11.08 12.19 28.82
C VAL C 258 9.98 13.08 29.43
N GLN C 259 10.20 14.39 29.49
CA GLN C 259 9.21 15.30 30.08
C GLN C 259 7.87 15.22 29.37
N PHE C 260 7.90 15.01 28.07
CA PHE C 260 6.68 14.85 27.31
C PHE C 260 5.95 13.60 27.77
N TRP C 261 6.68 12.49 27.90
CA TRP C 261 6.07 11.26 28.40
C TRP C 261 5.45 11.51 29.78
N LYS C 262 6.08 12.36 30.60
CA LYS C 262 5.52 12.70 31.90
C LYS C 262 4.17 13.42 31.77
N MET C 263 4.06 14.33 30.80
CA MET C 263 2.80 15.01 30.54
C MET C 263 1.73 14.03 30.08
N LEU C 264 2.13 13.08 29.24
CA LEU C 264 1.22 12.08 28.69
C LEU C 264 0.71 11.10 29.74
N ILE C 265 1.59 10.65 30.63
CA ILE C 265 1.19 9.73 31.69
C ILE C 265 0.36 10.46 32.73
N LEU C 266 0.26 11.79 32.60
CA LEU C 266 -0.51 12.60 33.54
C LEU C 266 -1.94 12.79 33.08
N ILE C 267 -2.11 13.27 31.85
CA ILE C 267 -3.44 13.57 31.32
C ILE C 267 -4.31 12.32 31.26
N LYS C 268 -3.68 11.16 31.14
CA LYS C 268 -4.44 9.91 31.02
C LYS C 268 -5.06 9.47 32.34
N GLU C 269 -4.41 9.82 33.45
CA GLU C 269 -4.88 9.36 34.75
C GLU C 269 -5.29 10.49 35.69
N ASP C 270 -4.93 11.72 35.33
CA ASP C 270 -5.18 12.87 36.20
C ASP C 270 -6.09 13.90 35.53
N TYR C 271 -5.96 14.04 34.22
CA TYR C 271 -6.76 15.03 33.50
C TYR C 271 -7.92 14.38 32.76
N PHE C 272 -7.88 13.06 32.58
CA PHE C 272 -9.01 12.34 32.03
C PHE C 272 -10.16 12.27 33.04
N PRO C 273 -9.85 11.94 34.30
CA PRO C 273 -10.89 12.06 35.32
C PRO C 273 -11.48 13.48 35.41
N ARG C 274 -10.69 14.49 35.04
CA ARG C 274 -11.13 15.88 35.09
C ARG C 274 -12.17 16.21 34.02
N ILE C 275 -12.41 15.27 33.10
CA ILE C 275 -13.32 15.50 32.00
C ILE C 275 -14.52 14.56 32.11
N GLU C 276 -14.30 13.40 32.72
CA GLU C 276 -15.34 12.40 32.88
C GLU C 276 -16.56 12.98 33.61
N ALA C 277 -16.31 13.84 34.58
CA ALA C 277 -17.40 14.45 35.35
C ALA C 277 -17.97 15.68 34.66
N ILE C 278 -17.09 16.52 34.11
CA ILE C 278 -17.51 17.78 33.50
C ILE C 278 -18.39 17.51 32.30
N THR C 279 -17.93 16.62 31.43
CA THR C 279 -18.68 16.29 30.21
C THR C 279 -19.89 15.43 30.52
N SER C 280 -21.02 15.78 29.88
CA SER C 280 -22.22 14.96 29.96
C SER C 280 -22.10 13.79 29.00
N SER C 281 -23.05 12.85 29.08
CA SER C 281 -23.01 11.65 28.24
C SER C 281 -23.34 11.95 26.78
N GLY C 282 -23.94 13.10 26.52
CA GLY C 282 -24.30 13.49 25.17
C GLY C 282 -23.21 14.20 24.39
N GLN C 283 -22.01 14.26 24.95
CA GLN C 283 -20.89 14.94 24.30
C GLN C 283 -19.54 14.26 24.59
N MET C 284 -19.56 12.97 24.94
CA MET C 284 -18.34 12.25 25.27
C MET C 284 -17.56 11.81 24.03
N GLY C 285 -18.07 12.13 22.85
CA GLY C 285 -17.45 11.72 21.61
C GLY C 285 -15.98 12.09 21.53
N SER C 286 -15.69 13.33 21.89
CA SER C 286 -14.32 13.86 21.82
C SER C 286 -13.40 13.15 22.81
N PHE C 287 -13.84 13.07 24.07
CA PHE C 287 -13.05 12.46 25.13
C PHE C 287 -12.70 11.00 24.82
N ILE C 288 -13.48 10.36 23.97
CA ILE C 288 -13.25 8.95 23.63
C ILE C 288 -12.14 8.82 22.59
N ARG C 289 -12.14 9.69 21.58
CA ARG C 289 -11.07 9.69 20.58
C ARG C 289 -9.74 9.99 21.28
N LEU C 290 -9.80 10.86 22.27
CA LEU C 290 -8.60 11.33 22.97
C LEU C 290 -7.91 10.17 23.66
N LYS C 291 -8.69 9.19 24.12
CA LYS C 291 -8.11 8.02 24.80
C LYS C 291 -7.66 6.96 23.79
N GLN C 292 -8.49 6.74 22.76
CA GLN C 292 -8.14 5.81 21.69
C GLN C 292 -6.82 6.20 21.03
N PHE C 293 -6.48 7.49 21.12
CA PHE C 293 -5.24 8.00 20.57
C PHE C 293 -4.06 7.67 21.48
N LEU C 294 -4.31 7.67 22.78
CA LEU C 294 -3.24 7.45 23.76
C LEU C 294 -2.93 5.97 23.96
N GLU C 295 -3.95 5.14 24.13
CA GLU C 295 -3.76 3.71 24.37
C GLU C 295 -2.75 3.11 23.41
N LYS C 296 -2.82 3.50 22.14
CA LYS C 296 -1.81 3.12 21.16
C LYS C 296 -0.46 3.71 21.54
N CYS C 297 -0.40 5.04 21.57
CA CYS C 297 0.85 5.76 21.84
C CYS C 297 1.42 5.36 23.20
N LEU C 298 0.54 5.13 24.17
CA LEU C 298 0.94 4.78 25.52
C LEU C 298 1.71 3.46 25.56
N GLN C 299 1.19 2.47 24.85
CA GLN C 299 1.83 1.15 24.82
C GLN C 299 2.91 1.04 23.76
N HIS C 300 2.77 1.79 22.66
CA HIS C 300 3.69 1.70 21.54
C HIS C 300 5.00 2.46 21.74
N LYS C 301 5.09 3.28 22.79
CA LYS C 301 6.30 4.06 23.06
C LYS C 301 6.57 5.06 21.92
N ASP C 302 5.64 5.15 20.98
CA ASP C 302 5.84 5.94 19.76
C ASP C 302 4.56 6.65 19.36
N ILE C 303 4.69 7.92 18.95
CA ILE C 303 3.57 8.69 18.44
C ILE C 303 3.70 8.76 16.92
N PRO C 304 2.73 8.19 16.18
CA PRO C 304 2.87 8.20 14.72
C PRO C 304 3.05 9.60 14.15
N VAL C 305 3.74 9.68 13.01
CA VAL C 305 3.91 10.94 12.30
C VAL C 305 2.54 11.42 11.82
N PRO C 306 2.28 12.73 11.89
CA PRO C 306 0.95 13.15 11.41
C PRO C 306 0.75 12.82 9.93
N LYS C 307 -0.29 12.02 9.68
CA LYS C 307 -0.66 11.59 8.34
C LYS C 307 -0.73 12.79 7.40
N GLY C 308 0.22 12.87 6.47
CA GLY C 308 0.30 14.00 5.55
C GLY C 308 1.57 14.82 5.68
N PHE C 309 2.51 14.36 6.50
CA PHE C 309 3.80 15.02 6.69
C PHE C 309 4.56 15.07 5.36
N LEU C 310 5.24 16.18 5.09
CA LEU C 310 5.97 16.33 3.84
C LEU C 310 7.18 15.42 3.83
N THR C 311 7.21 14.54 2.82
CA THR C 311 8.25 13.53 2.71
C THR C 311 9.32 13.93 1.71
N SER C 312 10.40 13.16 1.65
CA SER C 312 11.50 13.44 0.74
C SER C 312 11.00 13.54 -0.70
N SER C 313 10.07 12.65 -1.06
CA SER C 313 9.52 12.63 -2.41
C SER C 313 8.80 13.94 -2.75
N PHE C 314 8.09 14.50 -1.78
CA PHE C 314 7.32 15.72 -2.01
C PHE C 314 8.18 16.90 -2.47
N TRP C 315 9.40 16.99 -1.97
CA TRP C 315 10.21 18.18 -2.22
C TRP C 315 10.85 18.16 -3.60
N ARG C 316 11.14 16.97 -4.11
CA ARG C 316 11.53 16.83 -5.52
C ARG C 316 10.29 16.53 -6.35
N VAL D 12 14.05 30.00 22.29
CA VAL D 12 14.66 29.24 23.36
C VAL D 12 14.20 27.78 23.29
N LEU D 13 14.90 26.97 22.50
CA LEU D 13 14.52 25.57 22.32
C LEU D 13 14.51 24.83 23.65
N PHE D 14 15.56 25.03 24.44
CA PHE D 14 15.62 24.53 25.81
C PHE D 14 15.73 25.68 26.79
N THR D 15 15.44 25.40 28.05
CA THR D 15 15.58 26.38 29.11
C THR D 15 16.85 26.10 29.92
N PRO D 16 17.65 27.13 30.20
CA PRO D 16 18.84 26.87 31.03
C PRO D 16 18.46 26.28 32.38
N ARG D 17 19.32 25.44 32.93
CA ARG D 17 19.09 24.87 34.25
C ARG D 17 19.08 26.00 35.30
N ASP D 18 20.05 26.89 35.20
CA ASP D 18 20.05 28.12 36.00
C ASP D 18 19.02 29.10 35.44
N LYS D 19 18.84 30.23 36.13
CA LYS D 19 17.80 31.18 35.77
C LYS D 19 16.40 30.55 35.81
N LEU D 20 16.32 29.35 36.41
CA LEU D 20 15.07 28.64 36.52
C LEU D 20 14.73 28.44 37.99
N THR D 21 13.48 28.70 38.35
CA THR D 21 13.05 28.60 39.73
C THR D 21 13.17 27.16 40.18
N VAL D 22 13.24 26.94 41.49
CA VAL D 22 13.43 25.61 42.04
C VAL D 22 12.15 24.80 41.89
N GLU D 23 11.02 25.48 41.87
CA GLU D 23 9.73 24.83 41.62
C GLU D 23 9.77 24.08 40.30
N GLU D 24 10.06 24.80 39.22
CA GLU D 24 10.14 24.19 37.89
C GLU D 24 11.26 23.15 37.85
N LEU D 25 12.36 23.41 38.54
CA LEU D 25 13.48 22.49 38.58
C LEU D 25 13.10 21.16 39.22
N GLU D 26 12.29 21.23 40.29
CA GLU D 26 11.87 20.04 41.01
C GLU D 26 10.75 19.28 40.30
N GLN D 27 9.95 20.00 39.50
CA GLN D 27 8.91 19.36 38.70
C GLN D 27 9.55 18.52 37.59
N PHE D 28 10.49 19.11 36.88
CA PHE D 28 11.22 18.42 35.82
C PHE D 28 11.91 17.19 36.41
N GLN D 29 12.27 17.28 37.68
CA GLN D 29 13.02 16.22 38.36
C GLN D 29 12.15 15.05 38.82
N SER D 30 10.85 15.27 38.95
CA SER D 30 9.94 14.24 39.45
C SER D 30 9.70 13.16 38.41
N LYS D 31 9.50 11.91 38.84
CA LYS D 31 9.12 10.86 37.89
C LYS D 31 7.71 11.05 37.35
N LYS D 32 6.88 11.74 38.11
CA LYS D 32 5.54 12.06 37.66
C LYS D 32 5.28 13.54 37.81
N PHE D 33 4.55 14.11 36.85
CA PHE D 33 4.13 15.49 36.95
C PHE D 33 3.00 15.61 37.95
N THR D 34 2.79 16.82 38.45
CA THR D 34 1.73 17.09 39.41
C THR D 34 0.65 17.90 38.73
N LEU D 35 -0.60 17.46 38.85
CA LEU D 35 -1.70 18.10 38.14
C LEU D 35 -1.76 19.57 38.52
N GLY D 36 -1.92 20.43 37.52
CA GLY D 36 -2.06 21.85 37.75
C GLY D 36 -0.76 22.60 38.04
N LYS D 37 0.38 21.91 37.91
CA LYS D 37 1.67 22.53 38.23
C LYS D 37 2.75 22.22 37.19
N ILE D 38 2.34 21.95 35.95
CA ILE D 38 3.31 21.73 34.88
C ILE D 38 4.03 23.05 34.61
N PRO D 39 5.37 23.01 34.51
CA PRO D 39 6.11 24.26 34.26
C PRO D 39 5.86 24.83 32.87
N LEU D 40 5.72 26.15 32.77
CA LEU D 40 5.43 26.78 31.48
C LEU D 40 6.68 26.84 30.61
N LYS D 41 7.83 27.15 31.20
CA LYS D 41 9.07 27.09 30.44
C LYS D 41 9.37 25.65 30.01
N PRO D 42 10.00 25.48 28.85
CA PRO D 42 10.39 24.13 28.42
C PRO D 42 11.44 23.51 29.34
N PRO D 43 11.65 22.18 29.25
CA PRO D 43 12.65 21.54 30.10
C PRO D 43 14.09 21.81 29.68
N PRO D 44 15.06 21.55 30.57
CA PRO D 44 16.45 21.72 30.19
C PRO D 44 17.06 20.43 29.64
N LEU D 45 18.17 20.55 28.92
CA LEU D 45 18.83 19.41 28.31
C LEU D 45 19.59 18.58 29.33
N GLU D 46 19.88 19.19 30.49
CA GLU D 46 20.61 18.49 31.53
C GLU D 46 19.70 17.43 32.14
N LEU D 47 18.41 17.75 32.17
CA LEU D 47 17.39 16.86 32.71
C LEU D 47 16.72 16.09 31.58
N LEU D 48 17.53 15.56 30.66
CA LEU D 48 16.98 14.78 29.55
C LEU D 48 16.33 13.51 30.07
N ASN D 49 17.03 12.78 30.94
CA ASN D 49 16.54 11.49 31.41
C ASN D 49 15.53 11.61 32.54
N VAL D 50 15.84 12.46 33.52
CA VAL D 50 14.95 12.64 34.66
C VAL D 50 14.60 11.31 35.33
N ASP E 6 -26.46 4.37 -20.48
CA ASP E 6 -25.30 3.78 -19.83
C ASP E 6 -25.35 4.04 -18.33
N ARG E 7 -26.14 3.25 -17.62
CA ARG E 7 -26.21 3.34 -16.16
C ARG E 7 -25.17 2.44 -15.47
N ALA E 8 -24.55 1.55 -16.23
CA ALA E 8 -23.52 0.68 -15.69
C ALA E 8 -22.21 1.43 -15.46
N ALA E 9 -21.86 2.31 -16.39
CA ALA E 9 -20.65 3.11 -16.28
C ALA E 9 -20.78 4.08 -15.12
N GLN E 10 -21.97 4.65 -14.95
CA GLN E 10 -22.25 5.54 -13.83
C GLN E 10 -22.04 4.81 -12.50
N SER E 11 -22.58 3.59 -12.43
CA SER E 11 -22.49 2.79 -11.21
C SER E 11 -21.06 2.35 -10.91
N LEU E 12 -20.36 1.90 -11.94
CA LEU E 12 -18.99 1.43 -11.78
C LEU E 12 -18.11 2.52 -11.18
N LEU E 13 -18.26 3.74 -11.68
CA LEU E 13 -17.47 4.86 -11.18
C LEU E 13 -17.80 5.12 -9.72
N ASN E 14 -19.08 5.03 -9.37
CA ASN E 14 -19.51 5.26 -8.00
C ASN E 14 -18.92 4.23 -7.04
N LYS E 15 -18.62 3.03 -7.53
CA LYS E 15 -18.01 2.00 -6.70
C LYS E 15 -16.54 2.33 -6.43
N LEU E 16 -15.84 2.80 -7.46
CA LEU E 16 -14.41 3.05 -7.36
C LEU E 16 -14.10 4.21 -6.40
N ILE E 17 -15.03 5.14 -6.27
CA ILE E 17 -14.79 6.34 -5.47
C ILE E 17 -15.43 6.27 -4.09
N ARG E 18 -16.36 5.32 -3.91
CA ARG E 18 -17.07 5.21 -2.64
C ARG E 18 -16.13 4.66 -1.57
N SER E 19 -16.02 5.40 -0.46
CA SER E 19 -15.07 5.07 0.60
C SER E 19 -15.76 4.62 1.89
N ASN E 20 -17.05 4.92 2.00
CA ASN E 20 -17.78 4.61 3.22
C ASN E 20 -19.28 4.79 2.99
N LEU E 21 -20.08 4.56 4.04
CA LEU E 21 -21.52 4.61 3.92
C LEU E 21 -21.98 6.01 3.55
N VAL E 22 -23.17 6.08 2.96
CA VAL E 22 -23.88 7.34 2.81
C VAL E 22 -24.86 7.44 3.97
N ASP E 23 -24.72 8.48 4.77
CA ASP E 23 -25.62 8.66 5.92
C ASP E 23 -27.05 8.82 5.42
N ASN E 24 -27.99 8.24 6.15
CA ASN E 24 -29.40 8.30 5.79
C ASN E 24 -30.25 8.33 7.05
N THR E 25 -31.11 9.34 7.16
CA THR E 25 -31.90 9.53 8.37
C THR E 25 -33.29 8.90 8.28
N ASN E 26 -33.73 8.56 7.07
CA ASN E 26 -35.03 7.92 6.89
C ASN E 26 -35.06 6.57 7.61
N GLN E 27 -36.26 6.15 8.00
CA GLN E 27 -36.45 4.84 8.61
C GLN E 27 -36.74 3.80 7.54
N VAL E 28 -36.43 2.55 7.83
CA VAL E 28 -36.55 1.47 6.86
C VAL E 28 -37.94 0.85 6.90
N GLU E 29 -38.55 0.70 5.73
CA GLU E 29 -39.81 -0.01 5.61
C GLU E 29 -39.58 -1.50 5.43
N VAL E 30 -40.39 -2.31 6.09
CA VAL E 30 -40.30 -3.77 5.98
C VAL E 30 -41.64 -4.33 5.56
N LEU E 31 -41.63 -5.26 4.62
CA LEU E 31 -42.85 -5.92 4.18
C LEU E 31 -42.63 -7.43 4.19
N GLN E 32 -42.85 -8.03 5.35
CA GLN E 32 -42.60 -9.46 5.55
C GLN E 32 -43.61 -10.27 4.75
N ARG E 33 -43.21 -11.47 4.34
CA ARG E 33 -44.05 -12.30 3.49
C ARG E 33 -45.39 -12.57 4.19
N ASP E 34 -45.32 -13.08 5.41
CA ASP E 34 -46.49 -13.27 6.27
C ASP E 34 -46.59 -12.09 7.26
N PRO E 35 -47.66 -11.28 7.15
CA PRO E 35 -47.72 -10.05 7.97
C PRO E 35 -47.77 -10.30 9.47
N ASN E 36 -48.31 -11.43 9.91
CA ASN E 36 -48.42 -11.69 11.33
C ASN E 36 -47.07 -12.14 11.88
N SER E 37 -46.13 -12.37 10.96
CA SER E 37 -44.78 -12.70 11.36
C SER E 37 -44.12 -11.51 12.07
N PRO E 38 -43.56 -11.73 13.26
CA PRO E 38 -42.82 -10.70 13.99
C PRO E 38 -41.42 -10.53 13.40
N LEU E 39 -40.76 -9.39 13.65
CA LEU E 39 -39.41 -9.18 13.15
C LEU E 39 -38.52 -8.65 14.27
N TYR E 40 -37.35 -9.25 14.41
CA TYR E 40 -36.39 -8.89 15.43
C TYR E 40 -35.20 -8.12 14.82
N SER E 41 -35.10 -6.84 15.18
CA SER E 41 -34.03 -5.98 14.65
C SER E 41 -32.72 -6.17 15.42
N VAL E 42 -31.62 -5.96 14.73
CA VAL E 42 -30.28 -6.15 15.29
C VAL E 42 -29.46 -4.88 15.11
N LYS E 43 -28.63 -4.58 16.10
CA LYS E 43 -27.83 -3.36 16.07
C LYS E 43 -26.33 -3.65 16.13
N SER E 44 -25.96 -4.93 16.11
CA SER E 44 -24.55 -5.31 16.08
C SER E 44 -24.39 -6.67 15.42
N PHE E 45 -23.20 -6.94 14.90
CA PHE E 45 -22.92 -8.19 14.21
C PHE E 45 -22.91 -9.37 15.17
N GLU E 46 -22.78 -9.06 16.46
CA GLU E 46 -22.66 -10.08 17.49
C GLU E 46 -23.95 -10.89 17.64
N GLU E 47 -25.09 -10.24 17.47
CA GLU E 47 -26.39 -10.90 17.69
C GLU E 47 -26.68 -12.00 16.67
N LEU E 48 -26.21 -11.82 15.44
CA LEU E 48 -26.50 -12.78 14.38
C LEU E 48 -25.75 -14.09 14.59
N ARG E 49 -24.74 -14.06 15.45
CA ARG E 49 -23.96 -15.25 15.72
C ARG E 49 -23.43 -15.85 14.43
N LEU E 50 -22.51 -15.12 13.80
CA LEU E 50 -21.88 -15.55 12.55
C LEU E 50 -20.71 -16.49 12.88
N LYS E 51 -20.20 -17.18 11.85
CA LYS E 51 -19.02 -18.02 12.02
C LYS E 51 -17.86 -17.13 12.45
N PRO E 52 -16.92 -17.68 13.25
CA PRO E 52 -15.83 -16.86 13.77
C PRO E 52 -14.95 -16.25 12.68
N GLN E 53 -14.57 -17.02 11.68
CA GLN E 53 -13.76 -16.51 10.57
C GLN E 53 -14.50 -15.46 9.74
N LEU E 54 -15.82 -15.56 9.70
CA LEU E 54 -16.62 -14.62 8.92
C LEU E 54 -16.72 -13.28 9.64
N LEU E 55 -17.19 -13.30 10.88
CA LEU E 55 -17.23 -12.08 11.71
C LEU E 55 -15.87 -11.43 11.76
N GLN E 56 -14.82 -12.26 11.71
CA GLN E 56 -13.46 -11.77 11.67
C GLN E 56 -13.22 -10.95 10.40
N GLY E 57 -13.64 -11.52 9.27
CA GLY E 57 -13.46 -10.86 7.98
C GLY E 57 -14.26 -9.58 7.85
N VAL E 58 -15.40 -9.54 8.53
CA VAL E 58 -16.22 -8.33 8.57
C VAL E 58 -15.49 -7.23 9.32
N TYR E 59 -15.02 -7.55 10.53
CA TYR E 59 -14.27 -6.58 11.33
C TYR E 59 -12.95 -6.22 10.69
N ALA E 60 -12.41 -7.13 9.89
CA ALA E 60 -11.09 -6.93 9.30
C ALA E 60 -11.09 -5.80 8.27
N MET E 61 -12.16 -5.71 7.50
CA MET E 61 -12.23 -4.73 6.41
C MET E 61 -12.83 -3.39 6.84
N GLY E 62 -13.02 -3.21 8.13
CA GLY E 62 -13.35 -1.89 8.68
C GLY E 62 -14.79 -1.67 9.12
N PHE E 63 -15.57 -2.73 9.15
CA PHE E 63 -16.97 -2.62 9.56
C PHE E 63 -17.10 -2.70 11.09
N ASN E 64 -17.82 -1.75 11.68
CA ASN E 64 -18.00 -1.71 13.13
C ASN E 64 -19.32 -2.34 13.54
N ARG E 65 -20.40 -1.91 12.88
CA ARG E 65 -21.74 -2.40 13.19
C ARG E 65 -22.56 -2.38 11.91
N PRO E 66 -23.68 -3.13 11.87
CA PRO E 66 -24.47 -3.21 10.64
C PRO E 66 -25.01 -1.85 10.21
N SER E 67 -25.05 -1.63 8.90
CA SER E 67 -25.61 -0.41 8.35
C SER E 67 -27.13 -0.42 8.49
N LYS E 68 -27.76 0.71 8.23
CA LYS E 68 -29.20 0.87 8.43
C LYS E 68 -30.00 -0.19 7.68
N ILE E 69 -29.65 -0.42 6.42
CA ILE E 69 -30.31 -1.44 5.62
C ILE E 69 -29.96 -2.82 6.14
N GLN E 70 -28.77 -2.96 6.70
CA GLN E 70 -28.30 -4.24 7.18
C GLN E 70 -28.91 -4.62 8.53
N GLU E 71 -29.32 -3.63 9.32
CA GLU E 71 -29.95 -3.89 10.60
C GLU E 71 -31.19 -4.76 10.42
N ASN E 72 -31.84 -4.64 9.27
CA ASN E 72 -33.06 -5.40 8.99
C ASN E 72 -32.86 -6.50 7.95
N ALA E 73 -31.91 -6.30 7.04
CA ALA E 73 -31.70 -7.24 5.94
C ALA E 73 -30.99 -8.52 6.41
N LEU E 74 -29.99 -8.37 7.27
CA LEU E 74 -29.18 -9.52 7.67
C LEU E 74 -29.96 -10.56 8.48
N PRO E 75 -30.72 -10.13 9.50
CA PRO E 75 -31.44 -11.17 10.25
C PRO E 75 -32.49 -11.88 9.39
N LEU E 76 -33.04 -11.18 8.40
CA LEU E 76 -34.05 -11.74 7.52
C LEU E 76 -33.44 -12.80 6.59
N MET E 77 -32.19 -12.58 6.19
CA MET E 77 -31.52 -13.46 5.23
C MET E 77 -30.90 -14.67 5.92
N LEU E 78 -30.51 -14.51 7.18
CA LEU E 78 -29.92 -15.61 7.95
C LEU E 78 -30.98 -16.43 8.68
N ALA E 79 -32.22 -15.96 8.67
CA ALA E 79 -33.30 -16.64 9.38
C ALA E 79 -33.56 -18.03 8.78
N GLU E 80 -33.98 -18.95 9.63
CA GLU E 80 -34.36 -20.29 9.20
C GLU E 80 -35.88 -20.44 9.32
N PRO E 81 -36.55 -20.92 8.25
CA PRO E 81 -36.00 -21.38 6.97
C PRO E 81 -35.50 -20.21 6.12
N PRO E 82 -34.76 -20.50 5.03
CA PRO E 82 -34.30 -19.43 4.15
C PRO E 82 -35.46 -18.60 3.59
N GLN E 83 -35.43 -17.30 3.82
CA GLN E 83 -36.50 -16.43 3.37
C GLN E 83 -35.97 -15.48 2.31
N ASN E 84 -36.66 -15.43 1.17
CA ASN E 84 -36.22 -14.60 0.06
C ASN E 84 -36.35 -13.13 0.39
N LEU E 85 -35.80 -12.27 -0.47
CA LEU E 85 -35.78 -10.83 -0.21
C LEU E 85 -35.62 -10.01 -1.48
N ILE E 86 -36.28 -8.86 -1.50
CA ILE E 86 -36.05 -7.84 -2.51
C ILE E 86 -35.78 -6.54 -1.79
N ALA E 87 -34.55 -6.04 -1.90
CA ALA E 87 -34.16 -4.84 -1.18
C ALA E 87 -33.98 -3.67 -2.12
N GLN E 88 -34.55 -2.53 -1.74
CA GLN E 88 -34.41 -1.30 -2.53
C GLN E 88 -33.86 -0.20 -1.65
N SER E 89 -32.67 0.27 -1.99
CA SER E 89 -32.02 1.34 -1.25
C SER E 89 -30.90 1.95 -2.09
N GLN E 90 -30.74 3.27 -1.99
CA GLN E 90 -29.80 3.99 -2.84
C GLN E 90 -28.41 3.37 -2.80
N SER E 91 -27.61 3.66 -3.82
CA SER E 91 -26.25 3.14 -3.90
C SER E 91 -25.41 3.71 -2.76
N GLY E 92 -24.79 2.81 -2.00
CA GLY E 92 -23.90 3.21 -0.91
C GLY E 92 -24.43 2.95 0.49
N THR E 93 -25.54 2.22 0.59
CA THR E 93 -26.14 1.95 1.88
C THR E 93 -25.65 0.63 2.49
N GLY E 94 -24.96 -0.17 1.69
CA GLY E 94 -24.44 -1.45 2.16
C GLY E 94 -25.11 -2.69 1.59
N LYS E 95 -25.74 -2.56 0.41
CA LYS E 95 -26.42 -3.70 -0.19
C LYS E 95 -25.44 -4.81 -0.55
N THR E 96 -24.36 -4.47 -1.24
CA THR E 96 -23.39 -5.47 -1.69
C THR E 96 -22.72 -6.17 -0.52
N ALA E 97 -22.27 -5.39 0.46
CA ALA E 97 -21.62 -5.96 1.64
C ALA E 97 -22.57 -6.88 2.39
N ALA E 98 -23.86 -6.66 2.21
CA ALA E 98 -24.88 -7.47 2.89
C ALA E 98 -24.99 -8.87 2.28
N PHE E 99 -25.20 -8.96 0.96
CA PHE E 99 -25.43 -10.27 0.37
C PHE E 99 -24.12 -11.05 0.23
N VAL E 100 -22.99 -10.36 0.27
CA VAL E 100 -21.70 -11.04 0.34
C VAL E 100 -21.59 -11.74 1.69
N LEU E 101 -22.08 -11.09 2.73
CA LEU E 101 -22.07 -11.67 4.07
C LEU E 101 -22.99 -12.87 4.13
N ALA E 102 -24.15 -12.77 3.49
CA ALA E 102 -25.13 -13.85 3.48
C ALA E 102 -24.59 -15.07 2.74
N MET E 103 -23.95 -14.84 1.60
CA MET E 103 -23.36 -15.92 0.82
C MET E 103 -22.38 -16.72 1.64
N LEU E 104 -21.42 -16.04 2.25
CA LEU E 104 -20.35 -16.69 2.99
C LEU E 104 -20.84 -17.45 4.23
N SER E 105 -22.05 -17.16 4.66
CA SER E 105 -22.63 -17.86 5.82
C SER E 105 -23.14 -19.24 5.44
N GLN E 106 -23.59 -19.40 4.20
CA GLN E 106 -24.20 -20.65 3.76
C GLN E 106 -23.20 -21.62 3.12
N VAL E 107 -22.08 -21.09 2.65
N VAL E 107 -22.08 -21.08 2.66
CA VAL E 107 -21.07 -21.91 1.99
CA VAL E 107 -21.07 -21.90 1.98
C VAL E 107 -20.36 -22.82 2.97
C VAL E 107 -20.37 -22.83 2.98
N GLU E 108 -19.98 -24.00 2.49
CA GLU E 108 -19.18 -24.94 3.26
C GLU E 108 -17.99 -25.39 2.40
N PRO E 109 -16.84 -24.72 2.54
CA PRO E 109 -15.76 -24.88 1.53
C PRO E 109 -15.30 -26.32 1.31
N ALA E 110 -15.76 -27.27 2.12
CA ALA E 110 -15.37 -28.67 1.95
C ALA E 110 -15.93 -29.22 0.64
N ASN E 111 -17.09 -28.73 0.23
CA ASN E 111 -17.74 -29.20 -0.99
C ASN E 111 -17.26 -28.39 -2.19
N LYS E 112 -16.61 -29.07 -3.12
CA LYS E 112 -15.97 -28.40 -4.24
C LYS E 112 -16.89 -28.34 -5.46
N TYR E 113 -17.90 -27.48 -5.38
CA TYR E 113 -18.78 -27.20 -6.50
C TYR E 113 -19.56 -25.92 -6.19
N PRO E 114 -20.09 -25.25 -7.22
CA PRO E 114 -20.78 -23.97 -6.98
C PRO E 114 -21.98 -24.11 -6.05
N GLN E 115 -22.00 -23.32 -4.98
CA GLN E 115 -23.13 -23.32 -4.04
C GLN E 115 -23.79 -21.95 -3.98
N CYS E 116 -23.09 -20.93 -4.44
CA CYS E 116 -23.63 -19.58 -4.49
C CYS E 116 -23.40 -18.97 -5.87
N LEU E 117 -24.41 -18.29 -6.37
CA LEU E 117 -24.35 -17.71 -7.71
C LEU E 117 -24.83 -16.26 -7.68
N CYS E 118 -24.01 -15.37 -8.23
CA CYS E 118 -24.36 -13.95 -8.29
C CYS E 118 -24.43 -13.49 -9.74
N LEU E 119 -25.44 -12.69 -10.06
CA LEU E 119 -25.57 -12.08 -11.37
C LEU E 119 -25.26 -10.59 -11.29
N SER E 120 -24.22 -10.18 -12.01
CA SER E 120 -23.89 -8.77 -12.12
C SER E 120 -24.10 -8.32 -13.57
N PRO E 121 -24.58 -7.08 -13.77
CA PRO E 121 -24.93 -6.64 -15.13
C PRO E 121 -23.77 -6.69 -16.11
N THR E 122 -22.55 -6.51 -15.63
CA THR E 122 -21.38 -6.42 -16.51
C THR E 122 -20.16 -7.17 -15.97
N TYR E 123 -19.12 -7.23 -16.79
CA TYR E 123 -17.87 -7.87 -16.42
C TYR E 123 -17.14 -7.09 -15.33
N GLU E 124 -17.05 -5.77 -15.52
CA GLU E 124 -16.33 -4.92 -14.58
C GLU E 124 -17.00 -4.92 -13.21
N LEU E 125 -18.32 -4.75 -13.19
CA LEU E 125 -19.07 -4.72 -11.94
C LEU E 125 -18.95 -6.05 -11.21
N ALA E 126 -18.88 -7.14 -11.96
CA ALA E 126 -18.70 -8.46 -11.36
C ALA E 126 -17.41 -8.51 -10.56
N LEU E 127 -16.37 -7.88 -11.09
CA LEU E 127 -15.08 -7.83 -10.42
C LEU E 127 -15.16 -7.08 -9.10
N GLN E 128 -15.89 -5.96 -9.09
CA GLN E 128 -16.02 -5.18 -7.87
C GLN E 128 -16.73 -5.96 -6.78
N THR E 129 -17.80 -6.64 -7.13
CA THR E 129 -18.49 -7.49 -6.17
C THR E 129 -17.56 -8.60 -5.72
N GLY E 130 -16.70 -9.06 -6.62
CA GLY E 130 -15.74 -10.10 -6.30
C GLY E 130 -14.74 -9.66 -5.25
N LYS E 131 -14.31 -8.40 -5.31
CA LYS E 131 -13.33 -7.89 -4.35
C LYS E 131 -13.90 -7.89 -2.93
N VAL E 132 -15.20 -7.66 -2.80
CA VAL E 132 -15.82 -7.65 -1.49
C VAL E 132 -15.87 -9.07 -0.94
N ILE E 133 -16.07 -10.05 -1.81
CA ILE E 133 -16.07 -11.45 -1.40
C ILE E 133 -14.67 -11.87 -0.91
N GLU E 134 -13.65 -11.56 -1.72
CA GLU E 134 -12.27 -11.93 -1.39
C GLU E 134 -11.78 -11.25 -0.12
N GLN E 135 -12.26 -10.03 0.12
CA GLN E 135 -11.90 -9.31 1.33
C GLN E 135 -12.60 -9.87 2.56
N MET E 136 -13.93 -9.92 2.51
CA MET E 136 -14.71 -10.38 3.66
C MET E 136 -14.44 -11.85 3.95
N GLY E 137 -14.12 -12.61 2.90
CA GLY E 137 -13.86 -14.03 3.05
C GLY E 137 -12.40 -14.42 2.91
N LYS E 138 -11.48 -13.55 3.32
CA LYS E 138 -10.06 -13.85 3.24
C LYS E 138 -9.65 -14.89 4.26
N PHE E 139 -10.47 -15.07 5.28
CA PHE E 139 -10.17 -16.03 6.35
C PHE E 139 -10.87 -17.37 6.11
N TYR E 140 -11.39 -17.54 4.89
CA TYR E 140 -11.88 -18.84 4.44
C TYR E 140 -10.87 -19.48 3.49
N PRO E 141 -9.88 -20.21 4.02
CA PRO E 141 -8.99 -20.95 3.12
C PRO E 141 -9.76 -21.98 2.31
N GLU E 142 -9.26 -22.30 1.12
CA GLU E 142 -9.90 -23.27 0.23
C GLU E 142 -11.18 -22.73 -0.42
N LEU E 143 -11.67 -21.59 0.08
CA LEU E 143 -12.79 -20.93 -0.56
C LEU E 143 -12.28 -20.15 -1.75
N LYS E 144 -12.71 -20.54 -2.94
CA LYS E 144 -12.26 -19.90 -4.16
C LYS E 144 -13.44 -19.30 -4.90
N LEU E 145 -13.15 -18.54 -5.94
CA LEU E 145 -14.18 -17.83 -6.69
C LEU E 145 -14.01 -18.12 -8.18
N ALA E 146 -15.12 -18.28 -8.89
CA ALA E 146 -15.08 -18.49 -10.33
C ALA E 146 -15.83 -17.37 -11.04
N TYR E 147 -15.19 -16.79 -12.06
CA TYR E 147 -15.80 -15.70 -12.81
C TYR E 147 -16.40 -16.23 -14.11
N ALA E 148 -17.73 -16.26 -14.17
CA ALA E 148 -18.43 -16.77 -15.34
C ALA E 148 -18.82 -15.63 -16.29
N VAL E 149 -17.83 -15.08 -16.98
CA VAL E 149 -18.05 -13.97 -17.89
C VAL E 149 -17.40 -14.25 -19.24
N ARG E 150 -17.80 -13.50 -20.28
CA ARG E 150 -17.13 -13.61 -21.57
C ARG E 150 -15.66 -13.21 -21.41
N GLY E 151 -14.79 -13.98 -22.05
CA GLY E 151 -13.35 -13.76 -21.93
C GLY E 151 -12.72 -14.89 -21.15
N ASN E 152 -13.52 -15.55 -20.31
CA ASN E 152 -13.03 -16.68 -19.52
C ASN E 152 -12.84 -17.91 -20.39
N LYS E 153 -11.60 -18.38 -20.44
CA LYS E 153 -11.28 -19.56 -21.24
C LYS E 153 -11.62 -20.82 -20.47
N LEU E 154 -12.44 -21.67 -21.06
CA LEU E 154 -12.81 -22.93 -20.46
C LEU E 154 -12.80 -24.05 -21.49
N GLU E 155 -12.58 -25.27 -21.02
CA GLU E 155 -12.54 -26.43 -21.90
C GLU E 155 -13.69 -27.40 -21.62
N ARG E 156 -13.94 -28.25 -22.61
CA ARG E 156 -15.03 -29.21 -22.56
C ARG E 156 -14.81 -30.24 -21.45
N GLY E 157 -15.89 -30.77 -20.91
CA GLY E 157 -15.81 -31.82 -19.91
C GLY E 157 -15.35 -31.45 -18.51
N GLN E 158 -15.17 -30.17 -18.25
CA GLN E 158 -14.78 -29.72 -16.91
C GLN E 158 -15.98 -29.40 -16.02
N LYS E 159 -15.79 -29.54 -14.71
CA LYS E 159 -16.81 -29.21 -13.74
C LYS E 159 -16.16 -28.29 -12.69
N ILE E 160 -16.71 -27.11 -12.52
CA ILE E 160 -16.17 -26.12 -11.59
C ILE E 160 -16.15 -26.64 -10.17
N SER E 161 -15.04 -26.39 -9.47
CA SER E 161 -14.87 -26.81 -8.09
C SER E 161 -15.01 -25.65 -7.10
N GLU E 162 -15.04 -24.43 -7.62
CA GLU E 162 -15.22 -23.25 -6.78
C GLU E 162 -16.59 -23.27 -6.10
N GLN E 163 -16.64 -22.79 -4.86
CA GLN E 163 -17.89 -22.79 -4.09
C GLN E 163 -18.73 -21.55 -4.36
N ILE E 164 -18.16 -20.57 -5.07
CA ILE E 164 -18.89 -19.36 -5.40
C ILE E 164 -18.64 -19.00 -6.85
N VAL E 165 -19.68 -18.54 -7.53
CA VAL E 165 -19.58 -18.13 -8.92
C VAL E 165 -20.20 -16.74 -9.07
N ILE E 166 -19.60 -15.94 -9.93
CA ILE E 166 -20.12 -14.62 -10.24
C ILE E 166 -20.01 -14.48 -11.74
N GLY E 167 -21.06 -13.97 -12.37
CA GLY E 167 -21.04 -13.83 -13.82
C GLY E 167 -22.16 -13.05 -14.48
N THR E 168 -21.99 -12.83 -15.77
CA THR E 168 -22.98 -12.16 -16.59
C THR E 168 -24.15 -13.11 -16.85
N PRO E 169 -25.32 -12.57 -17.21
CA PRO E 169 -26.45 -13.48 -17.44
C PRO E 169 -26.21 -14.42 -18.63
N GLY E 170 -25.67 -13.89 -19.72
CA GLY E 170 -25.49 -14.65 -20.95
C GLY E 170 -24.52 -15.83 -20.85
N THR E 171 -23.56 -15.73 -19.94
CA THR E 171 -22.55 -16.77 -19.81
C THR E 171 -22.93 -17.77 -18.72
N VAL E 172 -23.49 -17.26 -17.62
CA VAL E 172 -23.95 -18.12 -16.54
C VAL E 172 -24.99 -19.09 -17.06
N LEU E 173 -25.80 -18.63 -18.00
CA LEU E 173 -26.84 -19.47 -18.60
C LEU E 173 -26.20 -20.68 -19.31
N ASP E 174 -25.11 -20.44 -20.05
CA ASP E 174 -24.41 -21.52 -20.74
C ASP E 174 -23.78 -22.50 -19.74
N TRP E 175 -23.21 -21.96 -18.67
CA TRP E 175 -22.62 -22.76 -17.60
C TRP E 175 -23.62 -23.79 -17.04
N CYS E 176 -24.84 -23.33 -16.80
CA CYS E 176 -25.83 -24.16 -16.12
C CYS E 176 -26.54 -25.13 -17.06
N SER E 177 -26.91 -24.64 -18.24
CA SER E 177 -27.77 -25.41 -19.13
C SER E 177 -27.02 -26.22 -20.18
N LYS E 178 -26.16 -25.56 -20.94
CA LYS E 178 -25.62 -26.17 -22.14
C LYS E 178 -24.23 -26.73 -21.89
N LEU E 179 -23.31 -25.90 -21.42
CA LEU E 179 -21.93 -26.36 -21.20
C LEU E 179 -21.83 -27.27 -19.97
N LYS E 180 -22.89 -27.31 -19.17
CA LYS E 180 -22.97 -28.21 -18.02
C LYS E 180 -21.80 -28.03 -17.06
N PHE E 181 -21.33 -26.80 -16.92
CA PHE E 181 -20.21 -26.52 -16.03
C PHE E 181 -20.69 -26.40 -14.60
N ILE E 182 -21.94 -26.00 -14.42
CA ILE E 182 -22.55 -25.88 -13.09
C ILE E 182 -23.79 -26.73 -13.00
N ASP E 183 -23.98 -27.36 -11.84
CA ASP E 183 -25.23 -28.06 -11.54
C ASP E 183 -26.13 -27.12 -10.74
N PRO E 184 -27.17 -26.56 -11.39
CA PRO E 184 -27.99 -25.57 -10.68
C PRO E 184 -28.63 -26.11 -9.41
N LYS E 185 -28.80 -27.43 -9.33
CA LYS E 185 -29.56 -28.04 -8.26
C LYS E 185 -28.80 -28.05 -6.94
N LYS E 186 -27.53 -27.64 -6.98
CA LYS E 186 -26.73 -27.54 -5.76
C LYS E 186 -26.59 -26.10 -5.26
N ILE E 187 -27.13 -25.16 -6.03
CA ILE E 187 -27.05 -23.74 -5.66
C ILE E 187 -27.98 -23.47 -4.48
N LYS E 188 -27.40 -22.95 -3.39
CA LYS E 188 -28.18 -22.67 -2.18
C LYS E 188 -28.56 -21.19 -2.07
N VAL E 189 -27.80 -20.33 -2.74
CA VAL E 189 -28.07 -18.89 -2.72
C VAL E 189 -27.92 -18.33 -4.13
N PHE E 190 -28.80 -17.42 -4.48
CA PHE E 190 -28.80 -16.79 -5.80
C PHE E 190 -29.04 -15.30 -5.66
N VAL E 191 -28.18 -14.50 -6.28
CA VAL E 191 -28.26 -13.04 -6.17
C VAL E 191 -28.35 -12.40 -7.54
N LEU E 192 -29.18 -11.37 -7.64
CA LEU E 192 -29.20 -10.53 -8.83
C LEU E 192 -28.91 -9.10 -8.38
N ASP E 193 -27.67 -8.67 -8.57
CA ASP E 193 -27.22 -7.39 -8.02
C ASP E 193 -27.48 -6.25 -9.00
N GLU E 194 -28.02 -5.15 -8.48
CA GLU E 194 -28.27 -3.96 -9.28
C GLU E 194 -29.22 -4.25 -10.43
N ALA E 195 -30.47 -4.53 -10.09
CA ALA E 195 -31.50 -4.78 -11.10
C ALA E 195 -31.78 -3.51 -11.89
N ASP E 196 -31.55 -2.36 -11.27
CA ASP E 196 -31.86 -1.07 -11.89
C ASP E 196 -31.09 -0.88 -13.20
N VAL E 197 -29.90 -1.46 -13.27
CA VAL E 197 -29.10 -1.39 -14.49
C VAL E 197 -29.24 -2.68 -15.29
N MET E 198 -29.59 -3.76 -14.62
CA MET E 198 -29.75 -5.04 -15.28
C MET E 198 -30.84 -4.94 -16.36
N ILE E 199 -31.89 -4.16 -16.08
CA ILE E 199 -33.01 -4.04 -17.00
C ILE E 199 -32.66 -3.19 -18.22
N ALA E 200 -31.60 -2.40 -18.11
CA ALA E 200 -31.23 -1.49 -19.19
C ALA E 200 -30.96 -2.24 -20.49
N THR E 201 -30.76 -3.54 -20.39
CA THR E 201 -30.62 -4.41 -21.55
C THR E 201 -31.76 -5.42 -21.54
N GLN E 202 -32.55 -5.44 -22.61
CA GLN E 202 -33.69 -6.34 -22.68
C GLN E 202 -33.26 -7.80 -22.64
N GLY E 203 -32.07 -8.08 -23.16
CA GLY E 203 -31.55 -9.43 -23.15
C GLY E 203 -31.31 -9.98 -21.75
N HIS E 204 -30.82 -9.12 -20.86
CA HIS E 204 -30.50 -9.55 -19.50
C HIS E 204 -31.73 -10.05 -18.75
N GLN E 205 -32.84 -9.34 -18.91
CA GLN E 205 -34.04 -9.63 -18.14
C GLN E 205 -34.53 -11.06 -18.36
N ASP E 206 -34.50 -11.53 -19.60
CA ASP E 206 -35.00 -12.86 -19.92
C ASP E 206 -34.03 -13.95 -19.49
N GLN E 207 -32.73 -13.71 -19.71
CA GLN E 207 -31.71 -14.69 -19.37
C GLN E 207 -31.62 -14.90 -17.87
N SER E 208 -31.84 -13.83 -17.11
CA SER E 208 -31.78 -13.92 -15.66
C SER E 208 -32.92 -14.80 -15.13
N ILE E 209 -34.09 -14.66 -15.74
CA ILE E 209 -35.25 -15.42 -15.32
C ILE E 209 -35.05 -16.89 -15.67
N ARG E 210 -34.62 -17.16 -16.90
CA ARG E 210 -34.37 -18.54 -17.33
C ARG E 210 -33.41 -19.22 -16.37
N ILE E 211 -32.41 -18.47 -15.91
CA ILE E 211 -31.47 -18.96 -14.90
C ILE E 211 -32.23 -19.26 -13.61
N GLN E 212 -33.08 -18.32 -13.20
CA GLN E 212 -33.82 -18.44 -11.95
C GLN E 212 -34.75 -19.67 -11.95
N ARG E 213 -35.13 -20.13 -13.13
CA ARG E 213 -36.07 -21.25 -13.25
C ARG E 213 -35.39 -22.61 -13.16
N MET E 214 -34.06 -22.64 -13.31
CA MET E 214 -33.30 -23.89 -13.18
C MET E 214 -32.90 -24.19 -11.74
N LEU E 215 -33.14 -23.23 -10.84
CA LEU E 215 -32.72 -23.37 -9.45
C LEU E 215 -33.72 -24.20 -8.65
N PRO E 216 -33.27 -24.76 -7.51
CA PRO E 216 -34.22 -25.42 -6.60
C PRO E 216 -35.21 -24.44 -5.98
N ARG E 217 -36.21 -24.95 -5.28
CA ARG E 217 -37.20 -24.11 -4.61
C ARG E 217 -36.69 -23.67 -3.24
N ASN E 218 -35.87 -24.51 -2.62
CA ASN E 218 -35.28 -24.18 -1.32
C ASN E 218 -34.11 -23.20 -1.44
N CYS E 219 -33.77 -22.82 -2.67
CA CYS E 219 -32.68 -21.88 -2.91
C CYS E 219 -33.10 -20.47 -2.52
N GLN E 220 -32.27 -19.82 -1.70
CA GLN E 220 -32.58 -18.49 -1.19
C GLN E 220 -32.42 -17.46 -2.32
N MET E 221 -33.52 -16.78 -2.66
CA MET E 221 -33.54 -15.84 -3.79
C MET E 221 -33.45 -14.39 -3.31
N LEU E 222 -32.47 -13.65 -3.85
CA LEU E 222 -32.23 -12.28 -3.42
C LEU E 222 -32.07 -11.34 -4.62
N LEU E 223 -32.63 -10.14 -4.52
CA LEU E 223 -32.46 -9.14 -5.56
C LEU E 223 -32.26 -7.76 -4.94
N PHE E 224 -31.41 -6.96 -5.56
CA PHE E 224 -31.08 -5.64 -5.04
C PHE E 224 -31.12 -4.60 -6.15
N SER E 225 -31.59 -3.42 -5.79
CA SER E 225 -31.74 -2.33 -6.75
C SER E 225 -31.61 -1.00 -6.03
N ALA E 226 -30.89 -0.07 -6.66
CA ALA E 226 -30.70 1.25 -6.08
C ALA E 226 -31.96 2.09 -6.28
N THR E 227 -32.69 1.80 -7.36
CA THR E 227 -33.87 2.57 -7.71
C THR E 227 -35.15 1.79 -7.45
N PHE E 228 -36.25 2.51 -7.28
CA PHE E 228 -37.55 1.90 -6.99
C PHE E 228 -38.47 1.95 -8.21
N GLU E 229 -37.87 1.97 -9.40
CA GLU E 229 -38.61 2.07 -10.65
C GLU E 229 -39.69 0.99 -10.78
N ASP E 230 -40.71 1.27 -11.58
CA ASP E 230 -41.79 0.32 -11.81
C ASP E 230 -41.32 -0.81 -12.73
N SER E 231 -40.56 -0.46 -13.75
CA SER E 231 -39.98 -1.46 -14.64
C SER E 231 -39.09 -2.41 -13.86
N VAL E 232 -38.43 -1.88 -12.83
CA VAL E 232 -37.63 -2.68 -11.92
C VAL E 232 -38.55 -3.57 -11.10
N TRP E 233 -39.55 -2.96 -10.46
CA TRP E 233 -40.45 -3.68 -9.58
C TRP E 233 -41.22 -4.76 -10.33
N LYS E 234 -41.57 -4.47 -11.57
CA LYS E 234 -42.24 -5.43 -12.42
C LYS E 234 -41.30 -6.56 -12.81
N PHE E 235 -40.02 -6.23 -12.97
CA PHE E 235 -39.01 -7.23 -13.31
C PHE E 235 -38.63 -8.10 -12.13
N ALA E 236 -38.63 -7.51 -10.93
CA ALA E 236 -38.21 -8.24 -9.73
C ALA E 236 -39.23 -9.29 -9.31
N GLN E 237 -40.51 -9.03 -9.55
CA GLN E 237 -41.58 -9.94 -9.14
C GLN E 237 -41.49 -11.27 -9.87
N LYS E 238 -41.05 -11.22 -11.13
CA LYS E 238 -40.91 -12.42 -11.94
C LYS E 238 -39.77 -13.31 -11.45
N VAL E 239 -38.82 -12.71 -10.75
CA VAL E 239 -37.58 -13.38 -10.38
C VAL E 239 -37.65 -13.98 -8.97
N VAL E 240 -38.32 -13.30 -8.05
CA VAL E 240 -38.35 -13.72 -6.65
C VAL E 240 -39.77 -14.13 -6.23
N PRO E 241 -40.04 -15.45 -6.13
CA PRO E 241 -41.34 -15.88 -5.63
C PRO E 241 -41.47 -15.74 -4.10
N ASP E 242 -42.67 -15.46 -3.62
CA ASP E 242 -42.93 -15.30 -2.19
C ASP E 242 -41.88 -14.42 -1.50
N PRO E 243 -41.70 -13.18 -1.99
CA PRO E 243 -40.61 -12.33 -1.50
C PRO E 243 -40.96 -11.44 -0.30
N ASN E 244 -40.02 -11.35 0.64
CA ASN E 244 -40.01 -10.23 1.58
C ASN E 244 -39.59 -8.99 0.80
N VAL E 245 -39.82 -7.81 1.37
CA VAL E 245 -39.46 -6.56 0.70
C VAL E 245 -38.89 -5.57 1.71
N ILE E 246 -37.77 -4.96 1.36
CA ILE E 246 -37.18 -3.90 2.16
C ILE E 246 -36.95 -2.68 1.26
N LYS E 247 -37.42 -1.53 1.72
CA LYS E 247 -37.23 -0.27 1.00
C LYS E 247 -36.61 0.76 1.93
N LEU E 248 -35.75 1.60 1.38
CA LEU E 248 -35.25 2.76 2.12
C LEU E 248 -35.27 3.96 1.17
N LYS E 249 -36.17 4.90 1.46
CA LYS E 249 -36.36 6.04 0.56
C LYS E 249 -35.08 6.86 0.50
N ARG E 250 -34.71 7.26 -0.72
CA ARG E 250 -33.47 7.98 -0.95
C ARG E 250 -33.43 9.20 -0.05
N GLU E 251 -32.27 9.46 0.55
CA GLU E 251 -32.12 10.63 1.40
C GLU E 251 -32.32 11.87 0.56
N GLU E 252 -33.30 12.69 0.93
CA GLU E 252 -33.57 13.92 0.21
C GLU E 252 -32.58 14.99 0.64
N GLU E 253 -32.31 15.92 -0.29
CA GLU E 253 -31.34 16.98 -0.07
C GLU E 253 -32.03 18.31 -0.25
N THR E 254 -31.65 19.29 0.57
CA THR E 254 -32.31 20.59 0.52
C THR E 254 -31.28 21.69 0.43
N LEU E 255 -31.75 22.92 0.25
CA LEU E 255 -30.89 24.09 0.14
C LEU E 255 -30.98 24.94 1.40
N ASP E 256 -31.40 24.32 2.51
CA ASP E 256 -31.61 25.04 3.77
C ASP E 256 -30.42 25.89 4.16
N THR E 257 -29.22 25.40 3.90
CA THR E 257 -28.01 26.00 4.45
C THR E 257 -27.10 26.63 3.39
N ILE E 258 -27.44 26.45 2.12
CA ILE E 258 -26.60 26.96 1.05
C ILE E 258 -27.05 28.36 0.65
N LYS E 259 -26.08 29.20 0.28
CA LYS E 259 -26.37 30.53 -0.23
C LYS E 259 -26.19 30.54 -1.73
N GLN E 260 -27.26 30.91 -2.43
CA GLN E 260 -27.30 30.87 -3.89
C GLN E 260 -27.10 32.26 -4.47
N TYR E 261 -26.24 32.36 -5.48
CA TYR E 261 -25.98 33.65 -6.13
C TYR E 261 -25.85 33.48 -7.63
N TYR E 262 -25.94 34.58 -8.36
CA TYR E 262 -25.73 34.56 -9.81
C TYR E 262 -25.04 35.85 -10.24
N VAL E 263 -24.44 35.81 -11.42
CA VAL E 263 -23.67 36.94 -11.93
C VAL E 263 -24.04 37.17 -13.39
N LEU E 264 -24.32 38.43 -13.72
CA LEU E 264 -24.57 38.80 -15.10
C LEU E 264 -23.25 39.06 -15.82
N CYS E 265 -23.12 38.47 -16.99
CA CYS E 265 -21.91 38.65 -17.79
C CYS E 265 -22.26 38.79 -19.26
N SER E 266 -21.53 39.65 -19.95
CA SER E 266 -21.82 39.95 -21.34
C SER E 266 -21.32 38.83 -22.27
N SER E 267 -20.25 38.15 -21.85
CA SER E 267 -19.61 37.15 -22.68
C SER E 267 -18.87 36.11 -21.83
N ARG E 268 -18.06 35.27 -22.47
CA ARG E 268 -17.39 34.19 -21.78
C ARG E 268 -16.14 34.66 -21.03
N ASP E 269 -15.39 35.56 -21.64
CA ASP E 269 -14.19 36.12 -20.98
C ASP E 269 -14.54 36.89 -19.72
N GLU E 270 -15.78 37.38 -19.65
CA GLU E 270 -16.25 38.07 -18.45
C GLU E 270 -16.57 37.07 -17.33
N LYS E 271 -17.14 35.93 -17.72
CA LYS E 271 -17.41 34.86 -16.77
C LYS E 271 -16.12 34.36 -16.16
N PHE E 272 -15.04 34.42 -16.93
CA PHE E 272 -13.73 34.04 -16.44
C PHE E 272 -13.20 35.09 -15.47
N GLN E 273 -13.29 36.35 -15.89
CA GLN E 273 -12.89 37.47 -15.05
C GLN E 273 -13.79 37.55 -13.83
N ALA E 274 -15.07 37.30 -14.04
CA ALA E 274 -16.02 37.24 -12.93
C ALA E 274 -15.57 36.16 -11.96
N LEU E 275 -15.02 35.07 -12.49
CA LEU E 275 -14.57 33.95 -11.68
C LEU E 275 -13.26 34.28 -10.96
N CYS E 276 -12.42 35.07 -11.61
CA CYS E 276 -11.11 35.40 -11.05
C CYS E 276 -11.25 36.29 -9.82
N ASN E 277 -12.04 37.36 -9.93
CA ASN E 277 -12.22 38.30 -8.84
C ASN E 277 -12.79 37.62 -7.59
N LEU E 278 -13.51 36.52 -7.80
CA LEU E 278 -14.10 35.76 -6.71
C LEU E 278 -13.04 35.09 -5.83
N TYR E 279 -11.92 34.73 -6.44
CA TYR E 279 -10.88 33.97 -5.75
C TYR E 279 -10.01 34.78 -4.78
N GLY E 280 -10.24 36.09 -4.70
CA GLY E 280 -9.43 36.94 -3.86
C GLY E 280 -10.24 37.56 -2.73
N ALA E 281 -11.55 37.55 -2.90
CA ALA E 281 -12.48 38.08 -1.91
C ALA E 281 -12.70 37.15 -0.72
N ILE E 282 -12.46 35.85 -0.91
CA ILE E 282 -12.88 34.87 0.08
C ILE E 282 -11.85 33.79 0.37
N THR E 283 -12.11 33.01 1.41
CA THR E 283 -11.26 31.88 1.77
C THR E 283 -11.87 30.60 1.20
N ILE E 284 -11.48 30.28 -0.03
CA ILE E 284 -12.04 29.13 -0.73
C ILE E 284 -11.05 27.96 -0.75
N ALA E 285 -11.52 26.80 -0.32
CA ALA E 285 -10.67 25.61 -0.25
C ALA E 285 -10.62 24.89 -1.59
N GLN E 286 -11.65 24.11 -1.88
CA GLN E 286 -11.76 23.41 -3.15
C GLN E 286 -13.02 23.89 -3.85
N ALA E 287 -13.16 23.56 -5.13
CA ALA E 287 -14.31 24.02 -5.89
C ALA E 287 -14.55 23.22 -7.15
N MET E 288 -15.82 23.13 -7.53
CA MET E 288 -16.22 22.47 -8.76
C MET E 288 -16.81 23.49 -9.70
N ILE E 289 -16.48 23.36 -10.97
CA ILE E 289 -17.01 24.24 -12.00
C ILE E 289 -17.65 23.36 -13.06
N PHE E 290 -18.90 23.62 -13.37
CA PHE E 290 -19.59 22.82 -14.37
C PHE E 290 -19.80 23.61 -15.67
N CYS E 291 -19.32 23.04 -16.77
CA CYS E 291 -19.48 23.68 -18.08
C CYS E 291 -20.30 22.75 -18.98
N HIS E 292 -20.91 23.32 -20.02
CA HIS E 292 -21.77 22.55 -20.91
C HIS E 292 -20.95 21.93 -22.04
N THR E 293 -20.07 22.74 -22.62
CA THR E 293 -19.31 22.32 -23.79
C THR E 293 -17.86 22.00 -23.44
N ARG E 294 -17.32 21.02 -24.14
CA ARG E 294 -15.96 20.55 -23.95
C ARG E 294 -14.96 21.67 -24.21
N LYS E 295 -15.34 22.53 -25.15
CA LYS E 295 -14.50 23.65 -25.57
C LYS E 295 -14.35 24.64 -24.44
N THR E 296 -15.43 24.84 -23.68
CA THR E 296 -15.38 25.76 -22.57
C THR E 296 -14.50 25.18 -21.48
N ALA E 297 -14.66 23.88 -21.19
CA ALA E 297 -13.85 23.24 -20.16
C ALA E 297 -12.39 23.26 -20.53
N SER E 298 -12.07 22.74 -21.71
CA SER E 298 -10.70 22.68 -22.17
C SER E 298 -10.12 24.09 -22.24
N TRP E 299 -10.96 25.06 -22.64
CA TRP E 299 -10.52 26.45 -22.67
C TRP E 299 -10.42 27.00 -21.26
N LEU E 300 -11.51 26.86 -20.51
CA LEU E 300 -11.56 27.37 -19.14
C LEU E 300 -10.39 26.79 -18.36
N ALA E 301 -10.34 25.46 -18.26
CA ALA E 301 -9.27 24.78 -17.55
C ALA E 301 -7.91 25.32 -17.97
N ALA E 302 -7.77 25.58 -19.27
CA ALA E 302 -6.54 26.16 -19.81
C ALA E 302 -6.35 27.57 -19.26
N GLU E 303 -7.40 28.38 -19.25
CA GLU E 303 -7.32 29.75 -18.75
C GLU E 303 -6.89 29.77 -17.28
N LEU E 304 -7.45 28.89 -16.46
CA LEU E 304 -7.07 28.80 -15.05
C LEU E 304 -5.64 28.28 -14.87
N SER E 305 -5.26 27.31 -15.70
CA SER E 305 -3.93 26.73 -15.62
C SER E 305 -2.87 27.79 -15.93
N LYS E 306 -3.13 28.63 -16.94
CA LYS E 306 -2.20 29.70 -17.29
C LYS E 306 -1.88 30.51 -16.05
N GLU E 307 -2.90 30.78 -15.23
CA GLU E 307 -2.73 31.56 -14.01
C GLU E 307 -1.95 30.84 -12.91
N GLY E 308 -1.68 29.55 -13.09
CA GLY E 308 -0.94 28.79 -12.09
C GLY E 308 -1.77 28.08 -11.03
N HIS E 309 -3.08 28.22 -11.12
CA HIS E 309 -3.99 27.46 -10.27
C HIS E 309 -3.91 25.97 -10.54
N GLN E 310 -3.78 25.17 -9.49
CA GLN E 310 -3.79 23.71 -9.64
C GLN E 310 -5.20 23.28 -10.02
N VAL E 311 -5.31 22.49 -11.09
CA VAL E 311 -6.62 22.16 -11.65
C VAL E 311 -6.75 20.69 -12.00
N ALA E 312 -8.00 20.21 -11.92
CA ALA E 312 -8.34 18.86 -12.33
C ALA E 312 -9.39 18.94 -13.41
N LEU E 313 -9.19 18.21 -14.50
CA LEU E 313 -10.13 18.24 -15.61
C LEU E 313 -10.72 16.85 -15.88
N LEU E 314 -12.05 16.80 -15.96
CA LEU E 314 -12.75 15.56 -16.28
C LEU E 314 -13.34 15.68 -17.67
N SER E 315 -12.85 14.83 -18.57
CA SER E 315 -13.31 14.86 -19.96
C SER E 315 -13.83 13.48 -20.34
N GLY E 316 -14.58 13.42 -21.45
CA GLY E 316 -15.24 12.20 -21.85
C GLY E 316 -14.31 11.08 -22.32
N GLU E 317 -13.23 11.44 -23.00
CA GLU E 317 -12.31 10.44 -23.53
C GLU E 317 -11.66 9.62 -22.42
N MET E 318 -11.42 10.25 -21.27
CA MET E 318 -10.76 9.57 -20.15
C MET E 318 -11.45 8.24 -19.85
N MET E 319 -10.64 7.21 -19.61
CA MET E 319 -11.16 5.92 -19.21
C MET E 319 -11.77 6.02 -17.82
N VAL E 320 -12.49 4.99 -17.39
CA VAL E 320 -13.22 5.04 -16.12
C VAL E 320 -12.27 5.15 -14.95
N GLU E 321 -11.23 4.32 -14.93
CA GLU E 321 -10.24 4.38 -13.87
C GLU E 321 -9.52 5.72 -13.86
N GLN E 322 -9.32 6.29 -15.04
CA GLN E 322 -8.67 7.58 -15.17
C GLN E 322 -9.51 8.68 -14.53
N ARG E 323 -10.83 8.60 -14.71
CA ARG E 323 -11.72 9.57 -14.07
C ARG E 323 -11.62 9.49 -12.56
N ALA E 324 -11.56 8.27 -12.03
CA ALA E 324 -11.46 8.06 -10.59
C ALA E 324 -10.15 8.59 -10.02
N ALA E 325 -9.05 8.39 -10.75
CA ALA E 325 -7.74 8.83 -10.30
C ALA E 325 -7.72 10.35 -10.13
N VAL E 326 -8.29 11.06 -11.11
CA VAL E 326 -8.36 12.51 -11.04
C VAL E 326 -9.20 12.90 -9.83
N ILE E 327 -10.30 12.18 -9.62
CA ILE E 327 -11.17 12.45 -8.50
C ILE E 327 -10.45 12.20 -7.18
N GLU E 328 -9.65 11.14 -7.14
CA GLU E 328 -8.90 10.82 -5.94
C GLU E 328 -7.93 11.94 -5.58
N ARG E 329 -7.16 12.39 -6.56
CA ARG E 329 -6.22 13.48 -6.34
C ARG E 329 -6.97 14.71 -5.83
N PHE E 330 -8.11 14.99 -6.45
CA PHE E 330 -8.94 16.12 -6.03
C PHE E 330 -9.31 15.98 -4.57
N ARG E 331 -9.75 14.78 -4.18
CA ARG E 331 -10.06 14.48 -2.78
C ARG E 331 -8.79 14.56 -1.92
N GLU E 332 -7.67 14.07 -2.44
CA GLU E 332 -6.42 14.04 -1.69
C GLU E 332 -5.86 15.44 -1.45
N GLY E 333 -6.54 16.46 -1.97
CA GLY E 333 -6.14 17.84 -1.77
C GLY E 333 -5.04 18.26 -2.73
N LYS E 334 -4.69 17.38 -3.66
CA LYS E 334 -3.70 17.70 -4.67
C LYS E 334 -4.21 18.77 -5.64
N GLU E 335 -5.49 18.72 -5.98
CA GLU E 335 -6.08 19.70 -6.89
C GLU E 335 -7.12 20.53 -6.15
N LYS E 336 -7.19 21.82 -6.45
CA LYS E 336 -8.10 22.71 -5.74
C LYS E 336 -9.33 23.09 -6.58
N VAL E 337 -9.34 22.69 -7.85
CA VAL E 337 -10.46 23.03 -8.72
C VAL E 337 -10.71 21.91 -9.72
N LEU E 338 -11.95 21.45 -9.78
CA LEU E 338 -12.33 20.37 -10.69
C LEU E 338 -13.36 20.86 -11.71
N VAL E 339 -12.93 21.01 -12.96
CA VAL E 339 -13.81 21.43 -14.03
C VAL E 339 -14.31 20.21 -14.80
N THR E 340 -15.62 20.13 -15.01
CA THR E 340 -16.20 18.95 -15.67
C THR E 340 -17.43 19.32 -16.50
N THR E 341 -17.73 18.48 -17.49
CA THR E 341 -18.81 18.75 -18.44
C THR E 341 -19.59 17.50 -18.87
N ASN E 342 -20.70 17.23 -18.22
CA ASN E 342 -21.56 16.09 -18.56
C ASN E 342 -20.95 14.74 -18.19
N VAL E 343 -19.68 14.73 -17.79
CA VAL E 343 -19.06 13.53 -17.22
C VAL E 343 -19.08 13.66 -15.69
N CYS E 344 -19.78 12.75 -15.04
CA CYS E 344 -20.02 12.85 -13.59
C CYS E 344 -20.81 14.13 -13.28
N ALA E 345 -22.03 14.18 -13.81
CA ALA E 345 -22.86 15.38 -13.76
C ALA E 345 -23.63 15.58 -12.46
N ARG E 346 -23.84 14.52 -11.69
CA ARG E 346 -24.68 14.62 -10.49
C ARG E 346 -24.02 15.50 -9.46
N GLY E 347 -22.70 15.56 -9.51
CA GLY E 347 -21.94 16.27 -8.50
C GLY E 347 -21.35 15.20 -7.62
N ILE E 348 -20.07 15.31 -7.32
CA ILE E 348 -19.42 14.27 -6.53
C ILE E 348 -19.37 14.69 -5.06
N ASP E 349 -19.48 13.70 -4.18
CA ASP E 349 -19.43 13.93 -2.75
C ASP E 349 -17.99 14.13 -2.28
N VAL E 350 -17.35 15.15 -2.81
CA VAL E 350 -16.04 15.59 -2.35
C VAL E 350 -16.21 16.32 -1.02
N GLU E 351 -15.18 16.25 -0.19
CA GLU E 351 -15.25 16.74 1.19
C GLU E 351 -14.98 18.23 1.36
N GLN E 352 -14.04 18.76 0.59
CA GLN E 352 -13.62 20.13 0.77
C GLN E 352 -14.27 21.09 -0.22
N VAL E 353 -15.42 20.71 -0.77
CA VAL E 353 -16.06 21.55 -1.77
C VAL E 353 -16.62 22.76 -1.07
N SER E 354 -15.88 23.87 -1.15
CA SER E 354 -16.32 25.11 -0.54
C SER E 354 -17.33 25.83 -1.43
N VAL E 355 -17.19 25.66 -2.74
CA VAL E 355 -18.05 26.37 -3.70
C VAL E 355 -18.30 25.53 -4.94
N VAL E 356 -19.52 25.66 -5.48
CA VAL E 356 -19.87 25.08 -6.76
C VAL E 356 -20.15 26.22 -7.74
N ILE E 357 -19.51 26.19 -8.89
CA ILE E 357 -19.71 27.22 -9.89
C ILE E 357 -20.47 26.63 -11.06
N ASN E 358 -21.51 27.32 -11.51
CA ASN E 358 -22.24 26.90 -12.70
C ASN E 358 -21.93 27.84 -13.83
N PHE E 359 -20.74 27.69 -14.39
CA PHE E 359 -20.29 28.48 -15.52
C PHE E 359 -21.34 28.44 -16.63
N ASP E 360 -22.05 27.32 -16.71
CA ASP E 360 -23.21 27.20 -17.58
C ASP E 360 -24.33 26.49 -16.81
N LEU E 361 -25.57 26.85 -17.11
CA LEU E 361 -26.71 26.42 -16.30
C LEU E 361 -27.05 24.95 -16.55
N PRO E 362 -27.54 24.24 -15.51
CA PRO E 362 -27.98 22.86 -15.71
C PRO E 362 -29.17 22.76 -16.65
N VAL E 363 -28.92 22.38 -17.89
CA VAL E 363 -29.97 22.36 -18.91
C VAL E 363 -30.39 20.94 -19.25
N ASP E 364 -31.70 20.72 -19.27
CA ASP E 364 -32.25 19.43 -19.68
C ASP E 364 -32.29 19.37 -21.20
N LYS E 365 -32.46 18.16 -21.73
CA LYS E 365 -32.74 18.00 -23.15
C LYS E 365 -34.04 18.73 -23.49
N ASP E 366 -34.10 19.29 -24.70
CA ASP E 366 -35.26 20.06 -25.19
C ASP E 366 -35.27 21.52 -24.70
N GLY E 367 -34.41 21.84 -23.74
CA GLY E 367 -34.27 23.22 -23.29
C GLY E 367 -35.04 23.66 -22.06
N ASN E 368 -35.34 22.72 -21.17
CA ASN E 368 -36.03 23.03 -19.91
C ASN E 368 -35.03 22.96 -18.75
N PRO E 369 -35.39 23.54 -17.59
CA PRO E 369 -34.46 23.49 -16.45
C PRO E 369 -34.29 22.11 -15.84
N ASP E 370 -33.03 21.76 -15.54
CA ASP E 370 -32.70 20.46 -14.96
C ASP E 370 -32.60 20.62 -13.45
N ASN E 371 -33.75 20.58 -12.78
CA ASN E 371 -33.83 20.88 -11.36
C ASN E 371 -33.16 19.80 -10.51
N GLU E 372 -33.31 18.54 -10.91
CA GLU E 372 -32.69 17.44 -10.18
C GLU E 372 -31.17 17.61 -10.16
N THR E 373 -30.59 17.95 -11.30
CA THR E 373 -29.15 18.17 -11.39
C THR E 373 -28.70 19.32 -10.50
N TYR E 374 -29.47 20.41 -10.50
CA TYR E 374 -29.14 21.59 -9.71
C TYR E 374 -29.08 21.25 -8.23
N LEU E 375 -30.00 20.40 -7.79
CA LEU E 375 -30.07 20.02 -6.39
C LEU E 375 -28.89 19.16 -5.96
N HIS E 376 -28.62 18.09 -6.70
CA HIS E 376 -27.52 17.18 -6.36
C HIS E 376 -26.16 17.88 -6.42
N ARG E 377 -25.96 18.72 -7.43
CA ARG E 377 -24.72 19.48 -7.56
C ARG E 377 -24.46 20.32 -6.31
N ILE E 378 -25.52 20.94 -5.82
CA ILE E 378 -25.42 21.94 -4.75
C ILE E 378 -25.81 21.33 -3.40
N GLY E 379 -26.67 20.32 -3.43
CA GLY E 379 -27.13 19.68 -2.21
C GLY E 379 -26.07 19.01 -1.36
N ARG E 380 -25.04 18.45 -2.00
CA ARG E 380 -23.99 17.73 -1.27
C ARG E 380 -23.17 18.61 -0.34
N THR E 381 -22.86 19.83 -0.76
CA THR E 381 -22.00 20.71 0.03
C THR E 381 -22.62 21.04 1.38
N GLY E 382 -23.93 21.28 1.39
CA GLY E 382 -24.62 21.72 2.59
C GLY E 382 -25.47 20.64 3.21
N ARG E 383 -24.81 19.56 3.62
CA ARG E 383 -25.47 18.45 4.28
C ARG E 383 -25.35 18.53 5.79
N PHE E 384 -26.45 18.26 6.48
CA PHE E 384 -26.45 18.22 7.94
C PHE E 384 -26.04 19.55 8.56
N GLY E 385 -26.24 20.64 7.82
CA GLY E 385 -26.16 21.97 8.39
C GLY E 385 -24.85 22.70 8.15
N LYS E 386 -23.87 22.02 7.57
CA LYS E 386 -22.63 22.71 7.22
C LYS E 386 -23.03 23.67 6.10
N ARG E 387 -22.17 24.64 5.80
CA ARG E 387 -22.54 25.68 4.84
C ARG E 387 -21.81 25.55 3.51
N GLY E 388 -22.51 25.92 2.45
CA GLY E 388 -21.97 25.86 1.11
C GLY E 388 -22.27 27.14 0.34
N LEU E 389 -21.78 27.19 -0.89
CA LEU E 389 -21.95 28.35 -1.75
C LEU E 389 -22.17 27.92 -3.20
N ALA E 390 -22.96 28.71 -3.93
CA ALA E 390 -23.27 28.40 -5.32
C ALA E 390 -23.29 29.70 -6.12
N VAL E 391 -22.73 29.65 -7.33
CA VAL E 391 -22.65 30.83 -8.16
C VAL E 391 -22.99 30.44 -9.59
N ASN E 392 -23.98 31.12 -10.15
CA ASN E 392 -24.45 30.82 -11.49
C ASN E 392 -24.11 31.97 -12.44
N MET E 393 -23.38 31.65 -13.49
CA MET E 393 -23.00 32.65 -14.47
C MET E 393 -24.07 32.78 -15.54
N VAL E 394 -24.62 33.97 -15.69
CA VAL E 394 -25.63 34.24 -16.70
C VAL E 394 -24.99 35.08 -17.81
N ASP E 395 -25.06 34.57 -19.04
CA ASP E 395 -24.38 35.21 -20.17
C ASP E 395 -25.36 35.74 -21.22
N SER E 396 -26.65 35.57 -20.98
CA SER E 396 -27.66 36.03 -21.93
C SER E 396 -29.03 36.16 -21.27
N LYS E 397 -29.99 36.70 -22.01
CA LYS E 397 -31.35 36.85 -21.49
C LYS E 397 -32.06 35.52 -21.47
N HIS E 398 -31.64 34.61 -22.35
CA HIS E 398 -32.15 33.24 -22.33
C HIS E 398 -31.68 32.53 -21.07
N SER E 399 -30.41 32.71 -20.76
CA SER E 399 -29.82 32.14 -19.54
C SER E 399 -30.48 32.73 -18.29
N MET E 400 -30.77 34.03 -18.32
CA MET E 400 -31.46 34.69 -17.21
C MET E 400 -32.88 34.16 -17.07
N ASN E 401 -33.53 33.91 -18.20
CA ASN E 401 -34.89 33.38 -18.23
C ASN E 401 -34.96 32.05 -17.48
N ILE E 402 -33.94 31.23 -17.66
CA ILE E 402 -33.87 29.94 -16.99
C ILE E 402 -33.67 30.12 -15.49
N LEU E 403 -32.93 31.15 -15.09
CA LEU E 403 -32.53 31.32 -13.69
C LEU E 403 -33.71 31.53 -12.76
N ASN E 404 -34.58 32.48 -13.09
CA ASN E 404 -35.78 32.69 -12.29
C ASN E 404 -36.67 31.45 -12.34
N ARG E 405 -36.59 30.70 -13.44
CA ARG E 405 -37.38 29.48 -13.60
C ARG E 405 -36.97 28.42 -12.55
N ILE E 406 -35.67 28.33 -12.28
CA ILE E 406 -35.18 27.48 -11.19
C ILE E 406 -35.55 28.10 -9.85
N GLN E 407 -35.37 29.42 -9.75
CA GLN E 407 -35.80 30.17 -8.56
C GLN E 407 -37.26 29.88 -8.25
N GLU E 408 -38.05 29.64 -9.30
CA GLU E 408 -39.46 29.29 -9.15
C GLU E 408 -39.64 27.94 -8.46
N HIS E 409 -39.02 26.91 -9.04
CA HIS E 409 -39.22 25.53 -8.59
C HIS E 409 -38.87 25.35 -7.11
N PHE E 410 -37.77 25.96 -6.68
CA PHE E 410 -37.33 25.87 -5.29
C PHE E 410 -37.94 26.95 -4.40
N ASN E 411 -38.42 28.02 -5.04
CA ASN E 411 -39.04 29.13 -4.33
C ASN E 411 -38.06 29.76 -3.33
N LYS E 412 -36.77 29.57 -3.59
CA LYS E 412 -35.72 30.21 -2.80
C LYS E 412 -34.95 31.20 -3.65
N LYS E 413 -34.65 32.37 -3.08
CA LYS E 413 -34.13 33.49 -3.88
C LYS E 413 -32.65 33.32 -4.23
N ILE E 414 -32.35 33.43 -5.52
CA ILE E 414 -30.99 33.49 -6.01
C ILE E 414 -30.64 34.96 -6.24
N GLU E 415 -30.08 35.62 -5.22
CA GLU E 415 -29.79 37.04 -5.33
C GLU E 415 -28.66 37.29 -6.32
N ARG E 416 -28.48 38.55 -6.71
CA ARG E 416 -27.45 38.92 -7.69
C ARG E 416 -26.17 39.35 -6.98
N LEU E 417 -25.05 38.96 -7.58
CA LEU E 417 -23.73 39.26 -7.04
C LEU E 417 -22.86 40.04 -8.03
N ASP E 418 -22.30 41.15 -7.54
CA ASP E 418 -21.37 41.93 -8.34
C ASP E 418 -19.95 41.46 -8.04
N THR E 419 -19.25 41.00 -9.08
CA THR E 419 -17.94 40.40 -8.89
C THR E 419 -16.83 41.45 -8.92
N ASP E 420 -17.24 42.72 -8.97
CA ASP E 420 -16.29 43.83 -9.03
C ASP E 420 -16.03 44.49 -7.67
N ASP E 421 -17.08 44.65 -6.88
CA ASP E 421 -16.97 45.29 -5.58
C ASP E 421 -16.59 44.27 -4.52
N LEU E 422 -15.33 44.30 -4.10
CA LEU E 422 -14.87 43.37 -3.08
C LEU E 422 -15.66 43.52 -1.78
N ASP E 423 -16.04 44.75 -1.45
CA ASP E 423 -16.82 44.98 -0.23
C ASP E 423 -18.13 44.19 -0.31
N GLU E 424 -18.71 44.11 -1.51
CA GLU E 424 -19.91 43.30 -1.73
C GLU E 424 -19.60 41.80 -1.68
N ILE E 425 -18.48 41.40 -2.24
CA ILE E 425 -18.10 39.99 -2.25
C ILE E 425 -17.68 39.60 -0.82
N GLU E 426 -17.22 40.57 -0.04
CA GLU E 426 -16.82 40.30 1.34
C GLU E 426 -18.05 40.00 2.20
N LYS E 427 -19.16 40.65 1.87
CA LYS E 427 -20.39 40.49 2.66
C LYS E 427 -21.03 39.12 2.45
N ILE E 428 -21.04 38.65 1.20
CA ILE E 428 -21.76 37.44 0.86
C ILE E 428 -21.19 36.25 1.62
N ALA E 429 -19.87 36.23 1.75
CA ALA E 429 -19.16 35.09 2.32
C ALA E 429 -18.97 35.20 3.83
N ASN E 430 -19.50 36.26 4.43
CA ASN E 430 -19.44 36.41 5.89
C ASN E 430 -20.20 35.28 6.57
N GLU F 5 -1.17 -21.43 -28.63
CA GLU F 5 -2.48 -20.79 -28.46
C GLU F 5 -2.47 -19.75 -27.35
N ASP F 6 -2.97 -18.56 -27.66
CA ASP F 6 -3.07 -17.46 -26.71
C ASP F 6 -1.71 -17.16 -26.08
N ARG F 7 -0.88 -16.41 -26.81
CA ARG F 7 0.41 -15.95 -26.29
C ARG F 7 0.28 -14.61 -25.57
N ALA F 8 -0.87 -13.96 -25.72
CA ALA F 8 -1.12 -12.69 -25.04
C ALA F 8 -1.37 -12.92 -23.55
N ALA F 9 -2.08 -14.00 -23.24
CA ALA F 9 -2.36 -14.34 -21.85
C ALA F 9 -1.09 -14.75 -21.11
N GLN F 10 -0.21 -15.51 -21.77
CA GLN F 10 1.08 -15.86 -21.20
C GLN F 10 1.88 -14.61 -20.89
N SER F 11 1.85 -13.66 -21.83
CA SER F 11 2.59 -12.41 -21.66
C SER F 11 1.96 -11.59 -20.53
N LEU F 12 0.63 -11.53 -20.49
CA LEU F 12 -0.06 -10.76 -19.46
C LEU F 12 0.31 -11.26 -18.06
N LEU F 13 0.30 -12.57 -17.89
CA LEU F 13 0.64 -13.16 -16.59
C LEU F 13 2.09 -12.88 -16.23
N ASN F 14 2.97 -12.98 -17.22
CA ASN F 14 4.39 -12.74 -16.99
C ASN F 14 4.66 -11.30 -16.54
N LYS F 15 3.79 -10.39 -16.95
CA LYS F 15 3.94 -8.99 -16.58
C LYS F 15 3.52 -8.75 -15.13
N LEU F 16 2.42 -9.38 -14.72
CA LEU F 16 1.88 -9.18 -13.39
C LEU F 16 2.79 -9.77 -12.30
N ILE F 17 3.58 -10.78 -12.65
CA ILE F 17 4.42 -11.46 -11.65
C ILE F 17 5.88 -11.05 -11.70
N ARG F 18 6.31 -10.40 -12.79
CA ARG F 18 7.72 -10.02 -12.92
C ARG F 18 8.05 -8.88 -11.97
N SER F 19 9.09 -9.07 -11.17
CA SER F 19 9.45 -8.13 -10.11
C SER F 19 10.76 -7.41 -10.40
N ASN F 20 11.53 -7.94 -11.33
CA ASN F 20 12.84 -7.37 -11.67
C ASN F 20 13.35 -7.98 -12.97
N LEU F 21 14.53 -7.55 -13.39
CA LEU F 21 15.08 -8.04 -14.65
C LEU F 21 15.39 -9.52 -14.57
N VAL F 22 15.43 -10.15 -15.73
CA VAL F 22 15.97 -11.50 -15.85
C VAL F 22 17.43 -11.38 -16.25
N ASP F 23 18.31 -11.94 -15.43
CA ASP F 23 19.74 -11.85 -15.70
C ASP F 23 20.07 -12.51 -17.03
N ASN F 24 20.99 -11.89 -17.76
CA ASN F 24 21.42 -12.39 -19.05
C ASN F 24 22.90 -12.07 -19.26
N THR F 25 23.70 -13.11 -19.48
CA THR F 25 25.15 -12.95 -19.57
C THR F 25 25.63 -12.79 -21.01
N ASN F 26 24.77 -13.12 -21.97
CA ASN F 26 25.11 -12.98 -23.39
C ASN F 26 25.40 -11.52 -23.71
N GLN F 27 26.21 -11.30 -24.73
CA GLN F 27 26.49 -9.95 -25.21
C GLN F 27 25.48 -9.54 -26.28
N VAL F 28 25.28 -8.24 -26.43
CA VAL F 28 24.27 -7.73 -27.34
C VAL F 28 24.87 -7.53 -28.73
N GLU F 29 24.18 -8.05 -29.74
CA GLU F 29 24.56 -7.80 -31.12
C GLU F 29 23.90 -6.52 -31.63
N VAL F 30 24.65 -5.75 -32.39
CA VAL F 30 24.13 -4.51 -32.98
C VAL F 30 24.32 -4.55 -34.49
N LEU F 31 23.29 -4.16 -35.23
CA LEU F 31 23.37 -4.09 -36.69
C LEU F 31 22.82 -2.74 -37.15
N GLN F 32 23.69 -1.74 -37.13
CA GLN F 32 23.31 -0.38 -37.45
C GLN F 32 23.07 -0.15 -38.95
N ARG F 33 22.23 0.83 -39.26
CA ARG F 33 21.89 1.18 -40.65
C ARG F 33 23.15 1.47 -41.44
N ASP F 34 24.01 2.30 -40.87
CA ASP F 34 25.32 2.56 -41.45
C ASP F 34 26.27 1.59 -40.76
N PRO F 35 26.86 0.65 -41.52
CA PRO F 35 27.61 -0.38 -40.80
C PRO F 35 28.80 0.18 -40.02
N ASN F 36 29.41 1.23 -40.56
CA ASN F 36 30.59 1.83 -39.94
C ASN F 36 30.34 2.97 -38.95
N SER F 37 29.08 3.41 -38.80
CA SER F 37 28.77 4.42 -37.78
C SER F 37 29.17 3.79 -36.46
N PRO F 38 29.85 4.55 -35.58
CA PRO F 38 30.33 3.87 -34.37
C PRO F 38 29.21 3.34 -33.51
N LEU F 39 29.55 2.37 -32.66
CA LEU F 39 28.59 1.70 -31.81
C LEU F 39 28.21 2.61 -30.66
N TYR F 40 26.92 2.63 -30.35
CA TYR F 40 26.41 3.49 -29.29
C TYR F 40 26.26 2.67 -28.01
N SER F 41 27.11 2.95 -27.03
CA SER F 41 27.06 2.22 -25.76
C SER F 41 27.10 3.17 -24.57
N VAL F 42 26.29 2.86 -23.56
CA VAL F 42 26.19 3.67 -22.35
C VAL F 42 26.14 2.76 -21.11
N LYS F 43 26.71 3.22 -20.00
CA LYS F 43 26.70 2.44 -18.76
C LYS F 43 26.02 3.14 -17.58
N SER F 44 25.48 4.33 -17.79
CA SER F 44 24.71 5.02 -16.74
C SER F 44 23.71 6.02 -17.33
N PHE F 45 22.68 6.35 -16.55
CA PHE F 45 21.64 7.27 -17.01
C PHE F 45 22.15 8.72 -17.10
N GLU F 46 23.23 9.03 -16.41
CA GLU F 46 23.79 10.38 -16.42
C GLU F 46 24.33 10.74 -17.81
N GLU F 47 24.87 9.73 -18.48
CA GLU F 47 25.51 9.91 -19.78
C GLU F 47 24.52 10.34 -20.86
N LEU F 48 23.29 9.86 -20.76
CA LEU F 48 22.27 10.14 -21.76
C LEU F 48 21.79 11.58 -21.70
N ARG F 49 22.05 12.24 -20.57
CA ARG F 49 21.61 13.61 -20.35
C ARG F 49 20.12 13.73 -20.64
N LEU F 50 19.32 13.10 -19.80
CA LEU F 50 17.86 13.15 -19.91
C LEU F 50 17.35 14.42 -19.26
N LYS F 51 16.08 14.75 -19.51
CA LYS F 51 15.46 15.88 -18.84
C LYS F 51 15.46 15.60 -17.34
N PRO F 52 15.56 16.66 -16.53
CA PRO F 52 15.64 16.43 -15.08
C PRO F 52 14.42 15.69 -14.54
N GLN F 53 13.23 16.10 -14.97
CA GLN F 53 11.98 15.50 -14.50
C GLN F 53 11.91 14.03 -14.90
N LEU F 54 12.53 13.68 -16.03
CA LEU F 54 12.52 12.32 -16.53
C LEU F 54 13.49 11.45 -15.74
N LEU F 55 14.75 11.87 -15.68
CA LEU F 55 15.76 11.16 -14.88
C LEU F 55 15.27 11.00 -13.45
N GLN F 56 14.50 11.97 -12.98
CA GLN F 56 13.92 11.94 -11.65
C GLN F 56 12.98 10.74 -11.52
N GLY F 57 12.09 10.58 -12.50
CA GLY F 57 11.15 9.48 -12.52
C GLY F 57 11.81 8.13 -12.71
N VAL F 58 12.92 8.11 -13.43
CA VAL F 58 13.68 6.89 -13.63
C VAL F 58 14.24 6.39 -12.31
N TYR F 59 14.94 7.27 -11.60
CA TYR F 59 15.50 6.91 -10.29
C TYR F 59 14.39 6.64 -9.28
N ALA F 60 13.24 7.26 -9.50
CA ALA F 60 12.13 7.17 -8.55
C ALA F 60 11.58 5.75 -8.48
N MET F 61 11.48 5.10 -9.63
CA MET F 61 10.83 3.78 -9.69
C MET F 61 11.81 2.63 -9.46
N GLY F 62 13.04 2.96 -9.06
CA GLY F 62 13.98 1.95 -8.59
C GLY F 62 15.09 1.56 -9.54
N PHE F 63 15.24 2.26 -10.66
CA PHE F 63 16.28 1.94 -11.63
C PHE F 63 17.59 2.63 -11.26
N ASN F 64 18.67 1.85 -11.25
CA ASN F 64 19.99 2.38 -10.90
C ASN F 64 20.80 2.71 -12.15
N ARG F 65 20.84 1.77 -13.09
CA ARG F 65 21.61 1.94 -14.32
C ARG F 65 20.92 1.19 -15.46
N PRO F 66 21.26 1.53 -16.71
CA PRO F 66 20.59 0.86 -17.84
C PRO F 66 20.81 -0.63 -17.86
N SER F 67 19.78 -1.38 -18.26
CA SER F 67 19.89 -2.82 -18.40
C SER F 67 20.73 -3.16 -19.63
N LYS F 68 21.09 -4.42 -19.78
CA LYS F 68 22.00 -4.85 -20.84
C LYS F 68 21.48 -4.45 -22.22
N ILE F 69 20.20 -4.69 -22.47
CA ILE F 69 19.59 -4.33 -23.75
C ILE F 69 19.48 -2.82 -23.89
N GLN F 70 19.31 -2.15 -22.75
CA GLN F 70 19.12 -0.70 -22.74
C GLN F 70 20.43 0.06 -22.93
N GLU F 71 21.54 -0.56 -22.56
CA GLU F 71 22.85 0.06 -22.72
C GLU F 71 23.10 0.45 -24.18
N ASN F 72 22.49 -0.29 -25.10
CA ASN F 72 22.68 -0.02 -26.53
C ASN F 72 21.44 0.60 -27.18
N ALA F 73 20.25 0.29 -26.64
CA ALA F 73 19.01 0.74 -27.25
C ALA F 73 18.73 2.22 -26.99
N LEU F 74 18.99 2.69 -25.77
CA LEU F 74 18.63 4.06 -25.40
C LEU F 74 19.40 5.10 -26.21
N PRO F 75 20.74 4.96 -26.29
CA PRO F 75 21.47 5.99 -27.05
C PRO F 75 21.12 5.98 -28.54
N LEU F 76 20.79 4.81 -29.07
CA LEU F 76 20.45 4.67 -30.48
C LEU F 76 19.12 5.37 -30.77
N MET F 77 18.22 5.35 -29.79
CA MET F 77 16.89 5.94 -29.94
C MET F 77 16.89 7.43 -29.65
N LEU F 78 17.82 7.87 -28.81
CA LEU F 78 17.95 9.29 -28.48
C LEU F 78 18.89 10.04 -29.44
N ALA F 79 19.60 9.29 -30.26
CA ALA F 79 20.56 9.89 -31.18
C ALA F 79 19.85 10.77 -32.22
N GLU F 80 20.55 11.82 -32.66
CA GLU F 80 20.04 12.68 -33.71
C GLU F 80 20.86 12.47 -34.99
N PRO F 81 20.19 12.29 -36.15
CA PRO F 81 18.73 12.31 -36.35
C PRO F 81 18.04 11.07 -35.77
N PRO F 82 16.70 11.09 -35.69
CA PRO F 82 15.97 9.92 -35.18
C PRO F 82 16.27 8.66 -35.97
N GLN F 83 16.75 7.62 -35.28
CA GLN F 83 17.11 6.37 -35.94
C GLN F 83 16.16 5.26 -35.50
N ASN F 84 15.58 4.58 -36.48
CA ASN F 84 14.61 3.52 -36.21
C ASN F 84 15.29 2.33 -35.56
N LEU F 85 14.50 1.37 -35.11
CA LEU F 85 15.03 0.24 -34.37
C LEU F 85 14.12 -0.99 -34.42
N ILE F 86 14.75 -2.16 -34.48
CA ILE F 86 14.05 -3.43 -34.28
C ILE F 86 14.83 -4.20 -33.22
N ALA F 87 14.23 -4.36 -32.05
CA ALA F 87 14.92 -5.00 -30.93
C ALA F 87 14.34 -6.36 -30.62
N GLN F 88 15.21 -7.34 -30.42
CA GLN F 88 14.80 -8.70 -30.07
C GLN F 88 15.47 -9.14 -28.78
N SER F 89 14.66 -9.36 -27.74
CA SER F 89 15.16 -9.82 -26.46
C SER F 89 14.03 -10.41 -25.62
N GLN F 90 14.34 -11.49 -24.91
CA GLN F 90 13.33 -12.24 -24.17
C GLN F 90 12.53 -11.35 -23.22
N SER F 91 11.36 -11.83 -22.83
CA SER F 91 10.49 -11.10 -21.92
C SER F 91 11.17 -10.90 -20.56
N GLY F 92 11.26 -9.64 -20.13
CA GLY F 92 11.82 -9.31 -18.84
C GLY F 92 13.18 -8.65 -18.87
N THR F 93 13.63 -8.26 -20.06
CA THR F 93 14.95 -7.67 -20.23
C THR F 93 14.95 -6.14 -20.15
N GLY F 94 13.76 -5.54 -20.20
CA GLY F 94 13.66 -4.10 -20.13
C GLY F 94 13.25 -3.42 -21.43
N LYS F 95 12.58 -4.17 -22.31
CA LYS F 95 12.14 -3.62 -23.58
C LYS F 95 11.12 -2.51 -23.37
N THR F 96 10.12 -2.78 -22.54
CA THR F 96 9.04 -1.83 -22.33
C THR F 96 9.56 -0.53 -21.71
N ALA F 97 10.39 -0.65 -20.68
CA ALA F 97 10.95 0.51 -20.00
C ALA F 97 11.82 1.34 -20.96
N ALA F 98 12.32 0.70 -22.01
CA ALA F 98 13.18 1.39 -22.96
C ALA F 98 12.38 2.35 -23.84
N PHE F 99 11.33 1.87 -24.49
CA PHE F 99 10.58 2.70 -25.43
C PHE F 99 9.70 3.71 -24.69
N VAL F 100 9.36 3.40 -23.43
CA VAL F 100 8.65 4.35 -22.60
C VAL F 100 9.56 5.52 -22.28
N LEU F 101 10.84 5.24 -22.06
CA LEU F 101 11.80 6.29 -21.79
C LEU F 101 12.00 7.15 -23.03
N ALA F 102 12.03 6.50 -24.20
CA ALA F 102 12.23 7.21 -25.46
C ALA F 102 11.05 8.12 -25.78
N MET F 103 9.84 7.62 -25.55
CA MET F 103 8.63 8.40 -25.75
C MET F 103 8.65 9.69 -24.94
N LEU F 104 8.87 9.56 -23.64
CA LEU F 104 8.80 10.70 -22.72
C LEU F 104 9.88 11.74 -22.99
N SER F 105 10.91 11.37 -23.74
CA SER F 105 11.98 12.30 -24.09
C SER F 105 11.56 13.21 -25.24
N GLN F 106 10.71 12.71 -26.13
CA GLN F 106 10.34 13.46 -27.33
C GLN F 106 9.09 14.32 -27.11
N VAL F 107 8.29 13.96 -26.12
N VAL F 107 8.28 13.95 -26.12
CA VAL F 107 7.06 14.70 -25.85
CA VAL F 107 7.06 14.69 -25.83
C VAL F 107 7.42 16.05 -25.25
C VAL F 107 7.40 16.05 -25.23
N GLU F 108 6.59 17.05 -25.58
CA GLU F 108 6.71 18.38 -24.99
C GLU F 108 5.32 18.79 -24.52
N PRO F 109 5.01 18.55 -23.22
CA PRO F 109 3.62 18.63 -22.74
C PRO F 109 2.87 19.92 -23.05
N ALA F 110 3.56 20.94 -23.56
CA ALA F 110 2.90 22.20 -23.89
C ALA F 110 1.90 22.02 -25.03
N ASN F 111 2.19 21.10 -25.93
CA ASN F 111 1.32 20.85 -27.08
C ASN F 111 0.25 19.81 -26.76
N LYS F 112 -1.00 20.20 -26.86
CA LYS F 112 -2.12 19.34 -26.47
C LYS F 112 -2.66 18.56 -27.66
N TYR F 113 -1.89 17.57 -28.10
CA TYR F 113 -2.32 16.64 -29.11
C TYR F 113 -1.36 15.45 -29.12
N PRO F 114 -1.80 14.29 -29.65
CA PRO F 114 -0.94 13.10 -29.63
C PRO F 114 0.39 13.27 -30.37
N GLN F 115 1.49 12.99 -29.69
CA GLN F 115 2.82 13.06 -30.30
C GLN F 115 3.50 11.71 -30.31
N CYS F 116 3.02 10.80 -29.47
CA CYS F 116 3.58 9.46 -29.40
C CYS F 116 2.45 8.43 -29.45
N LEU F 117 2.66 7.36 -30.21
CA LEU F 117 1.64 6.34 -30.39
C LEU F 117 2.19 4.93 -30.21
N CYS F 118 1.56 4.15 -29.35
CA CYS F 118 1.97 2.76 -29.12
C CYS F 118 0.85 1.80 -29.48
N LEU F 119 1.22 0.70 -30.13
CA LEU F 119 0.28 -0.35 -30.46
C LEU F 119 0.53 -1.55 -29.55
N SER F 120 -0.47 -1.90 -28.74
CA SER F 120 -0.37 -3.09 -27.91
C SER F 120 -1.40 -4.13 -28.38
N PRO F 121 -1.02 -5.42 -28.36
CA PRO F 121 -1.90 -6.45 -28.95
C PRO F 121 -3.30 -6.50 -28.33
N THR F 122 -3.43 -6.18 -27.05
CA THR F 122 -4.72 -6.29 -26.38
C THR F 122 -4.95 -5.12 -25.44
N TYR F 123 -6.16 -5.09 -24.85
CA TYR F 123 -6.55 -4.06 -23.90
C TYR F 123 -5.76 -4.18 -22.59
N GLU F 124 -5.66 -5.40 -22.09
CA GLU F 124 -5.00 -5.62 -20.80
C GLU F 124 -3.51 -5.28 -20.87
N LEU F 125 -2.84 -5.74 -21.91
CA LEU F 125 -1.42 -5.47 -22.08
C LEU F 125 -1.18 -3.97 -22.25
N ALA F 126 -2.11 -3.30 -22.93
CA ALA F 126 -2.02 -1.87 -23.11
C ALA F 126 -2.00 -1.17 -21.75
N LEU F 127 -2.82 -1.69 -20.84
CA LEU F 127 -2.93 -1.11 -19.51
C LEU F 127 -1.60 -1.22 -18.77
N GLN F 128 -0.97 -2.38 -18.86
CA GLN F 128 0.30 -2.61 -18.19
C GLN F 128 1.36 -1.65 -18.74
N THR F 129 1.39 -1.51 -20.06
CA THR F 129 2.32 -0.58 -20.69
C THR F 129 1.99 0.85 -20.25
N GLY F 130 0.71 1.12 -20.06
CA GLY F 130 0.27 2.44 -19.62
C GLY F 130 0.75 2.76 -18.23
N LYS F 131 0.77 1.76 -17.36
CA LYS F 131 1.19 1.94 -15.97
C LYS F 131 2.65 2.38 -15.88
N VAL F 132 3.48 1.90 -16.80
CA VAL F 132 4.90 2.23 -16.78
C VAL F 132 5.09 3.70 -17.17
N ILE F 133 4.25 4.18 -18.08
CA ILE F 133 4.30 5.56 -18.51
C ILE F 133 3.98 6.45 -17.32
N GLU F 134 2.91 6.10 -16.61
CA GLU F 134 2.43 6.88 -15.48
C GLU F 134 3.44 6.94 -14.35
N GLN F 135 4.22 5.87 -14.17
CA GLN F 135 5.25 5.85 -13.13
C GLN F 135 6.44 6.72 -13.51
N MET F 136 7.03 6.44 -14.66
CA MET F 136 8.23 7.13 -15.11
C MET F 136 7.95 8.61 -15.38
N GLY F 137 6.72 8.90 -15.80
CA GLY F 137 6.34 10.27 -16.14
C GLY F 137 5.43 10.91 -15.11
N LYS F 138 5.64 10.56 -13.84
CA LYS F 138 4.86 11.14 -12.75
C LYS F 138 5.30 12.57 -12.47
N PHE F 139 6.51 12.92 -12.92
CA PHE F 139 7.05 14.25 -12.72
C PHE F 139 6.85 15.15 -13.94
N TYR F 140 6.03 14.68 -14.86
CA TYR F 140 5.55 15.49 -15.97
C TYR F 140 4.12 15.93 -15.70
N PRO F 141 3.94 17.04 -14.98
CA PRO F 141 2.57 17.52 -14.78
C PRO F 141 1.90 17.88 -16.11
N GLU F 142 0.57 17.76 -16.16
CA GLU F 142 -0.21 18.05 -17.37
C GLU F 142 -0.03 17.00 -18.46
N LEU F 143 0.94 16.10 -18.29
CA LEU F 143 1.10 14.99 -19.21
C LEU F 143 0.09 13.89 -18.89
N LYS F 144 -0.81 13.64 -19.83
CA LYS F 144 -1.84 12.62 -19.66
C LYS F 144 -1.77 11.52 -20.73
N LEU F 145 -2.61 10.51 -20.54
CA LEU F 145 -2.63 9.32 -21.37
C LEU F 145 -4.06 9.06 -21.85
N ALA F 146 -4.18 8.65 -23.10
CA ALA F 146 -5.49 8.28 -23.65
C ALA F 146 -5.45 6.83 -24.13
N TYR F 147 -6.47 6.05 -23.77
CA TYR F 147 -6.52 4.65 -24.18
C TYR F 147 -7.44 4.50 -25.39
N ALA F 148 -6.83 4.26 -26.55
CA ALA F 148 -7.57 4.11 -27.79
C ALA F 148 -7.85 2.64 -28.06
N VAL F 149 -8.75 2.06 -27.28
CA VAL F 149 -9.09 0.65 -27.39
C VAL F 149 -10.58 0.48 -27.50
N ARG F 150 -11.00 -0.72 -27.89
CA ARG F 150 -12.42 -1.05 -27.90
C ARG F 150 -12.93 -0.90 -26.48
N GLY F 151 -14.08 -0.28 -26.33
CA GLY F 151 -14.65 -0.05 -25.01
C GLY F 151 -14.58 1.41 -24.61
N ASN F 152 -13.60 2.13 -25.15
CA ASN F 152 -13.48 3.54 -24.87
C ASN F 152 -14.57 4.25 -25.65
N LYS F 153 -15.52 4.85 -24.94
CA LYS F 153 -16.62 5.56 -25.57
C LYS F 153 -16.18 6.97 -25.91
N LEU F 154 -16.31 7.34 -27.18
CA LEU F 154 -15.98 8.69 -27.59
C LEU F 154 -17.01 9.19 -28.59
N GLU F 155 -17.23 10.51 -28.62
CA GLU F 155 -18.22 11.10 -29.51
C GLU F 155 -17.53 11.96 -30.56
N ARG F 156 -18.23 12.19 -31.67
CA ARG F 156 -17.69 12.94 -32.78
C ARG F 156 -17.51 14.40 -32.37
N GLY F 157 -16.59 15.08 -33.03
CA GLY F 157 -16.31 16.48 -32.76
C GLY F 157 -15.49 16.67 -31.50
N GLN F 158 -15.12 15.56 -30.87
CA GLN F 158 -14.21 15.62 -29.73
C GLN F 158 -12.79 15.44 -30.26
N LYS F 159 -11.82 16.04 -29.57
CA LYS F 159 -10.44 15.96 -29.99
C LYS F 159 -9.50 15.60 -28.83
N ILE F 160 -8.75 14.52 -29.01
CA ILE F 160 -7.85 14.05 -27.97
C ILE F 160 -6.84 15.16 -27.71
N SER F 161 -6.60 15.47 -26.44
CA SER F 161 -5.61 16.47 -26.07
C SER F 161 -4.38 15.83 -25.45
N GLU F 162 -4.47 14.54 -25.16
CA GLU F 162 -3.36 13.80 -24.56
C GLU F 162 -2.14 13.76 -25.49
N GLN F 163 -0.96 13.80 -24.90
CA GLN F 163 0.29 13.80 -25.66
C GLN F 163 0.78 12.39 -25.98
N ILE F 164 0.15 11.37 -25.40
CA ILE F 164 0.50 9.99 -25.65
C ILE F 164 -0.77 9.17 -25.83
N VAL F 165 -0.72 8.23 -26.78
CA VAL F 165 -1.85 7.33 -27.01
C VAL F 165 -1.37 5.90 -27.03
N ILE F 166 -2.18 5.02 -26.47
CA ILE F 166 -1.92 3.59 -26.45
C ILE F 166 -3.24 2.90 -26.74
N GLY F 167 -3.21 1.90 -27.61
CA GLY F 167 -4.45 1.23 -27.95
C GLY F 167 -4.29 -0.06 -28.73
N THR F 168 -5.42 -0.75 -28.93
CA THR F 168 -5.44 -1.97 -29.69
C THR F 168 -5.26 -1.59 -31.15
N PRO F 169 -4.82 -2.54 -31.99
CA PRO F 169 -4.55 -2.22 -33.39
C PRO F 169 -5.79 -1.78 -34.20
N GLY F 170 -6.90 -2.48 -34.02
CA GLY F 170 -8.10 -2.23 -34.79
C GLY F 170 -8.77 -0.88 -34.55
N THR F 171 -8.59 -0.32 -33.36
CA THR F 171 -9.24 0.92 -32.99
C THR F 171 -8.38 2.15 -33.26
N VAL F 172 -7.07 2.03 -33.04
CA VAL F 172 -6.15 3.14 -33.29
C VAL F 172 -6.26 3.56 -34.77
N LEU F 173 -6.50 2.59 -35.63
CA LEU F 173 -6.69 2.86 -37.06
C LEU F 173 -7.92 3.74 -37.28
N ASP F 174 -8.99 3.44 -36.56
CA ASP F 174 -10.20 4.24 -36.67
C ASP F 174 -10.00 5.66 -36.15
N TRP F 175 -9.23 5.79 -35.07
CA TRP F 175 -8.94 7.10 -34.48
C TRP F 175 -8.43 8.07 -35.54
N CYS F 176 -7.43 7.63 -36.30
CA CYS F 176 -6.77 8.48 -37.29
C CYS F 176 -7.46 8.48 -38.67
N SER F 177 -8.03 7.36 -39.05
CA SER F 177 -8.45 7.17 -40.44
C SER F 177 -9.83 7.77 -40.73
N LYS F 178 -10.84 7.37 -39.97
CA LYS F 178 -12.21 7.79 -40.23
C LYS F 178 -12.71 8.86 -39.26
N LEU F 179 -12.64 8.52 -37.98
CA LEU F 179 -13.22 9.34 -36.92
C LEU F 179 -12.41 10.62 -36.68
N LYS F 180 -11.23 10.70 -37.28
CA LYS F 180 -10.42 11.91 -37.23
C LYS F 180 -10.12 12.38 -35.81
N PHE F 181 -9.90 11.43 -34.90
CA PHE F 181 -9.59 11.77 -33.51
C PHE F 181 -8.12 12.14 -33.34
N ILE F 182 -7.26 11.56 -34.19
CA ILE F 182 -5.83 11.88 -34.16
C ILE F 182 -5.36 12.35 -35.54
N ASP F 183 -4.46 13.34 -35.56
CA ASP F 183 -3.79 13.76 -36.78
C ASP F 183 -2.43 13.06 -36.88
N PRO F 184 -2.30 12.04 -37.74
CA PRO F 184 -1.05 11.26 -37.75
C PRO F 184 0.21 12.07 -38.02
N LYS F 185 0.06 13.22 -38.68
CA LYS F 185 1.23 13.97 -39.15
C LYS F 185 1.98 14.70 -38.04
N LYS F 186 1.45 14.64 -36.82
CA LYS F 186 2.12 15.24 -35.67
C LYS F 186 2.80 14.19 -34.79
N ILE F 187 2.64 12.92 -35.15
CA ILE F 187 3.24 11.82 -34.38
C ILE F 187 4.75 11.82 -34.59
N LYS F 188 5.50 11.91 -33.49
CA LYS F 188 6.96 11.94 -33.54
C LYS F 188 7.59 10.59 -33.19
N VAL F 189 6.86 9.74 -32.46
CA VAL F 189 7.35 8.42 -32.08
C VAL F 189 6.26 7.38 -32.26
N PHE F 190 6.65 6.20 -32.73
CA PHE F 190 5.70 5.11 -32.96
C PHE F 190 6.27 3.78 -32.47
N VAL F 191 5.49 3.08 -31.65
CA VAL F 191 5.92 1.83 -31.05
C VAL F 191 4.94 0.72 -31.36
N LEU F 192 5.48 -0.46 -31.66
CA LEU F 192 4.67 -1.66 -31.77
C LEU F 192 5.22 -2.67 -30.77
N ASP F 193 4.54 -2.78 -29.63
CA ASP F 193 5.04 -3.57 -28.51
C ASP F 193 4.62 -5.04 -28.62
N GLU F 194 5.57 -5.92 -28.38
CA GLU F 194 5.32 -7.36 -28.37
C GLU F 194 4.81 -7.83 -29.72
N ALA F 195 5.66 -7.76 -30.74
CA ALA F 195 5.30 -8.22 -32.07
C ALA F 195 5.11 -9.73 -32.12
N ASP F 196 5.81 -10.45 -31.24
CA ASP F 196 5.77 -11.91 -31.23
C ASP F 196 4.35 -12.41 -31.01
N VAL F 197 3.55 -11.62 -30.30
CA VAL F 197 2.15 -11.96 -30.06
C VAL F 197 1.23 -11.20 -31.01
N MET F 198 1.69 -10.08 -31.52
CA MET F 198 0.89 -9.27 -32.43
C MET F 198 0.51 -10.06 -33.69
N ILE F 199 1.42 -10.90 -34.15
CA ILE F 199 1.20 -11.66 -35.38
C ILE F 199 0.20 -12.80 -35.19
N ALA F 200 -0.07 -13.17 -33.95
CA ALA F 200 -0.98 -14.27 -33.65
C ALA F 200 -2.39 -14.01 -34.22
N THR F 201 -2.66 -12.76 -34.55
CA THR F 201 -3.91 -12.38 -35.20
C THR F 201 -3.59 -11.78 -36.57
N GLN F 202 -4.12 -12.38 -37.64
CA GLN F 202 -3.85 -11.91 -38.99
C GLN F 202 -4.40 -10.50 -39.20
N GLY F 203 -5.49 -10.19 -38.51
CA GLY F 203 -6.08 -8.87 -38.61
C GLY F 203 -5.16 -7.78 -38.12
N HIS F 204 -4.46 -8.06 -37.02
CA HIS F 204 -3.58 -7.09 -36.39
C HIS F 204 -2.44 -6.65 -37.31
N GLN F 205 -1.84 -7.60 -38.02
CA GLN F 205 -0.66 -7.32 -38.83
C GLN F 205 -0.94 -6.26 -39.90
N ASP F 206 -2.09 -6.36 -40.55
CA ASP F 206 -2.44 -5.45 -41.64
C ASP F 206 -2.85 -4.09 -41.09
N GLN F 207 -3.60 -4.10 -39.99
CA GLN F 207 -4.07 -2.87 -39.38
C GLN F 207 -2.91 -2.04 -38.85
N SER F 208 -1.89 -2.73 -38.35
CA SER F 208 -0.72 -2.07 -37.79
C SER F 208 0.09 -1.36 -38.89
N ILE F 209 0.22 -1.98 -40.05
CA ILE F 209 1.00 -1.43 -41.15
C ILE F 209 0.30 -0.19 -41.70
N ARG F 210 -0.99 -0.31 -41.95
CA ARG F 210 -1.78 0.80 -42.48
C ARG F 210 -1.62 2.04 -41.62
N ILE F 211 -1.57 1.84 -40.30
CA ILE F 211 -1.31 2.93 -39.36
C ILE F 211 0.08 3.50 -39.61
N GLN F 212 1.05 2.60 -39.74
CA GLN F 212 2.45 3.01 -39.93
C GLN F 212 2.62 3.82 -41.22
N ARG F 213 1.73 3.58 -42.17
CA ARG F 213 1.85 4.20 -43.49
C ARG F 213 1.22 5.60 -43.51
N MET F 214 0.40 5.92 -42.51
CA MET F 214 -0.17 7.26 -42.41
C MET F 214 0.77 8.22 -41.69
N LEU F 215 1.86 7.69 -41.14
CA LEU F 215 2.78 8.49 -40.37
C LEU F 215 3.73 9.28 -41.28
N PRO F 216 4.32 10.36 -40.76
CA PRO F 216 5.38 11.05 -41.51
C PRO F 216 6.62 10.19 -41.66
N ARG F 217 7.59 10.65 -42.44
CA ARG F 217 8.83 9.93 -42.61
C ARG F 217 9.84 10.24 -41.49
N ASN F 218 9.75 11.44 -40.92
CA ASN F 218 10.63 11.83 -39.83
C ASN F 218 10.19 11.22 -38.48
N CYS F 219 9.08 10.50 -38.49
CA CYS F 219 8.58 9.86 -37.27
C CYS F 219 9.44 8.65 -36.89
N GLN F 220 9.88 8.62 -35.64
CA GLN F 220 10.77 7.55 -35.17
C GLN F 220 10.02 6.23 -35.05
N MET F 221 10.45 5.24 -35.81
CA MET F 221 9.78 3.95 -35.85
C MET F 221 10.49 2.92 -34.99
N LEU F 222 9.75 2.31 -34.06
CA LEU F 222 10.32 1.37 -33.12
C LEU F 222 9.46 0.11 -33.05
N LEU F 223 10.12 -1.04 -32.97
CA LEU F 223 9.42 -2.31 -32.83
C LEU F 223 10.16 -3.22 -31.88
N PHE F 224 9.40 -3.98 -31.09
CA PHE F 224 9.98 -4.86 -30.09
C PHE F 224 9.31 -6.23 -30.11
N SER F 225 10.10 -7.27 -29.90
CA SER F 225 9.59 -8.64 -29.93
C SER F 225 10.42 -9.53 -29.00
N ALA F 226 9.73 -10.39 -28.27
CA ALA F 226 10.40 -11.30 -27.36
C ALA F 226 11.03 -12.47 -28.11
N THR F 227 10.44 -12.85 -29.24
CA THR F 227 10.89 -14.01 -29.98
C THR F 227 11.62 -13.60 -31.26
N PHE F 228 12.47 -14.50 -31.77
CA PHE F 228 13.22 -14.24 -32.98
C PHE F 228 12.66 -15.03 -34.16
N GLU F 229 11.37 -15.37 -34.09
CA GLU F 229 10.72 -16.15 -35.14
C GLU F 229 10.90 -15.47 -36.48
N ASP F 230 10.83 -16.24 -37.56
CA ASP F 230 10.99 -15.70 -38.91
C ASP F 230 9.73 -14.94 -39.32
N SER F 231 8.57 -15.47 -38.93
CA SER F 231 7.30 -14.80 -39.20
C SER F 231 7.28 -13.42 -38.56
N VAL F 232 7.95 -13.29 -37.42
CA VAL F 232 8.13 -12.00 -36.76
C VAL F 232 9.06 -11.11 -37.57
N TRP F 233 10.24 -11.63 -37.91
CA TRP F 233 11.26 -10.86 -38.60
C TRP F 233 10.79 -10.42 -39.99
N LYS F 234 10.00 -11.25 -40.65
CA LYS F 234 9.43 -10.89 -41.95
C LYS F 234 8.38 -9.80 -41.79
N PHE F 235 7.66 -9.82 -40.67
CA PHE F 235 6.63 -8.83 -40.38
C PHE F 235 7.24 -7.49 -39.96
N ALA F 236 8.36 -7.54 -39.26
CA ALA F 236 8.98 -6.33 -38.72
C ALA F 236 9.59 -5.45 -39.82
N GLN F 237 10.11 -6.07 -40.87
CA GLN F 237 10.75 -5.33 -41.96
C GLN F 237 9.76 -4.44 -42.70
N LYS F 238 8.52 -4.90 -42.82
CA LYS F 238 7.48 -4.14 -43.51
C LYS F 238 7.06 -2.90 -42.71
N VAL F 239 7.30 -2.93 -41.40
CA VAL F 239 6.80 -1.89 -40.52
C VAL F 239 7.87 -0.82 -40.26
N VAL F 240 9.13 -1.25 -40.19
CA VAL F 240 10.22 -0.35 -39.84
C VAL F 240 11.15 -0.16 -41.05
N PRO F 241 11.05 0.99 -41.74
CA PRO F 241 11.97 1.26 -42.86
C PRO F 241 13.37 1.64 -42.40
N ASP F 242 14.38 1.24 -43.16
CA ASP F 242 15.78 1.54 -42.83
C ASP F 242 16.08 1.26 -41.37
N PRO F 243 15.83 0.02 -40.91
CA PRO F 243 15.94 -0.27 -39.48
C PRO F 243 17.32 -0.68 -39.00
N ASN F 244 17.72 -0.15 -37.85
CA ASN F 244 18.79 -0.75 -37.07
C ASN F 244 18.24 -2.05 -36.51
N VAL F 245 19.11 -2.91 -36.01
CA VAL F 245 18.66 -4.18 -35.43
C VAL F 245 19.50 -4.46 -34.18
N ILE F 246 18.80 -4.81 -33.09
CA ILE F 246 19.47 -5.21 -31.86
C ILE F 246 18.91 -6.56 -31.45
N LYS F 247 19.82 -7.49 -31.17
CA LYS F 247 19.43 -8.83 -30.74
C LYS F 247 20.13 -9.21 -29.44
N LEU F 248 19.40 -9.93 -28.59
CA LEU F 248 19.99 -10.55 -27.42
C LEU F 248 19.45 -11.97 -27.31
N LYS F 249 20.31 -12.95 -27.56
CA LYS F 249 19.90 -14.34 -27.60
C LYS F 249 19.40 -14.80 -26.24
N ARG F 250 18.30 -15.55 -26.26
CA ARG F 250 17.64 -16.01 -25.04
C ARG F 250 18.61 -16.73 -24.11
N GLU F 251 18.48 -16.46 -22.82
CA GLU F 251 19.30 -17.11 -21.81
C GLU F 251 19.02 -18.60 -21.77
N GLU F 252 20.03 -19.41 -22.02
CA GLU F 252 19.86 -20.86 -21.95
C GLU F 252 19.98 -21.32 -20.50
N GLU F 253 19.29 -22.41 -20.20
CA GLU F 253 19.26 -22.96 -18.84
C GLU F 253 19.70 -24.42 -18.88
N THR F 254 20.46 -24.82 -17.87
CA THR F 254 21.06 -26.16 -17.85
C THR F 254 20.84 -26.94 -16.56
N LEU F 255 21.28 -28.20 -16.57
CA LEU F 255 21.15 -29.07 -15.41
C LEU F 255 22.50 -29.33 -14.75
N ASP F 256 23.47 -28.46 -15.01
CA ASP F 256 24.82 -28.59 -14.47
C ASP F 256 24.79 -28.76 -12.95
N THR F 257 23.82 -28.12 -12.31
CA THR F 257 23.82 -28.00 -10.86
C THR F 257 22.71 -28.82 -10.20
N ILE F 258 21.82 -29.40 -11.01
CA ILE F 258 20.69 -30.16 -10.48
C ILE F 258 21.00 -31.65 -10.44
N LYS F 259 20.43 -32.31 -9.43
CA LYS F 259 20.55 -33.74 -9.26
C LYS F 259 19.23 -34.36 -9.67
N GLN F 260 19.26 -35.28 -10.62
CA GLN F 260 18.02 -35.87 -11.10
C GLN F 260 17.80 -37.24 -10.49
N TYR F 261 16.56 -37.47 -10.02
CA TYR F 261 16.18 -38.73 -9.40
C TYR F 261 14.81 -39.14 -9.89
N TYR F 262 14.48 -40.40 -9.67
CA TYR F 262 13.16 -40.90 -9.98
C TYR F 262 12.79 -42.00 -8.99
N VAL F 263 11.51 -42.30 -8.88
CA VAL F 263 11.05 -43.30 -7.93
C VAL F 263 10.04 -44.21 -8.60
N LEU F 264 10.23 -45.51 -8.42
CA LEU F 264 9.29 -46.50 -8.93
C LEU F 264 8.14 -46.69 -7.94
N CYS F 265 6.91 -46.63 -8.44
CA CYS F 265 5.72 -46.80 -7.61
C CYS F 265 4.67 -47.62 -8.33
N SER F 266 3.96 -48.46 -7.58
CA SER F 266 3.01 -49.39 -8.17
C SER F 266 1.72 -48.70 -8.61
N SER F 267 1.37 -47.62 -7.91
CA SER F 267 0.11 -46.94 -8.17
C SER F 267 0.19 -45.49 -7.73
N ARG F 268 -0.96 -44.81 -7.71
CA ARG F 268 -0.99 -43.39 -7.38
C ARG F 268 -0.94 -43.19 -5.86
N ASP F 269 -1.62 -44.06 -5.12
CA ASP F 269 -1.60 -44.00 -3.66
C ASP F 269 -0.18 -44.22 -3.14
N GLU F 270 0.62 -44.95 -3.93
CA GLU F 270 2.02 -45.15 -3.60
C GLU F 270 2.84 -43.92 -3.97
N LYS F 271 2.48 -43.27 -5.08
CA LYS F 271 3.14 -42.03 -5.47
C LYS F 271 2.93 -40.97 -4.38
N PHE F 272 1.79 -41.04 -3.69
CA PHE F 272 1.53 -40.13 -2.58
C PHE F 272 2.30 -40.55 -1.33
N GLN F 273 2.31 -41.84 -1.02
CA GLN F 273 3.10 -42.34 0.11
C GLN F 273 4.58 -42.08 -0.12
N ALA F 274 5.03 -42.28 -1.36
CA ALA F 274 6.40 -41.96 -1.75
C ALA F 274 6.71 -40.49 -1.53
N LEU F 275 5.70 -39.64 -1.75
CA LEU F 275 5.87 -38.20 -1.60
C LEU F 275 5.95 -37.79 -0.13
N CYS F 276 5.22 -38.52 0.72
CA CYS F 276 5.19 -38.20 2.14
C CYS F 276 6.53 -38.51 2.81
N ASN F 277 7.06 -39.70 2.55
CA ASN F 277 8.33 -40.12 3.15
C ASN F 277 9.48 -39.19 2.79
N LEU F 278 9.37 -38.51 1.65
CA LEU F 278 10.41 -37.57 1.23
C LEU F 278 10.42 -36.37 2.18
N TYR F 279 9.25 -36.02 2.70
CA TYR F 279 9.16 -34.88 3.59
C TYR F 279 9.69 -35.29 4.95
N GLY F 280 10.61 -34.51 5.49
CA GLY F 280 11.24 -34.85 6.74
C GLY F 280 12.54 -35.60 6.54
N ALA F 281 12.73 -36.15 5.34
CA ALA F 281 13.97 -36.83 5.01
C ALA F 281 15.06 -35.82 4.73
N ILE F 282 14.66 -34.63 4.28
CA ILE F 282 15.59 -33.61 3.84
C ILE F 282 15.06 -32.23 4.24
N THR F 283 15.85 -31.20 4.00
CA THR F 283 15.41 -29.85 4.32
C THR F 283 14.73 -29.23 3.11
N ILE F 284 13.41 -29.45 3.04
CA ILE F 284 12.63 -28.94 1.93
C ILE F 284 11.86 -27.72 2.40
N ALA F 285 12.07 -26.61 1.72
CA ALA F 285 11.39 -25.37 2.06
C ALA F 285 10.04 -25.33 1.37
N GLN F 286 10.07 -24.96 0.09
CA GLN F 286 8.87 -24.98 -0.73
C GLN F 286 9.12 -25.89 -1.93
N ALA F 287 8.08 -26.24 -2.66
CA ALA F 287 8.21 -27.17 -3.79
C ALA F 287 7.04 -27.09 -4.75
N MET F 288 7.31 -27.44 -6.02
CA MET F 288 6.28 -27.44 -7.05
C MET F 288 6.00 -28.87 -7.50
N ILE F 289 4.73 -29.18 -7.73
CA ILE F 289 4.33 -30.49 -8.22
C ILE F 289 3.53 -30.35 -9.50
N PHE F 290 3.97 -31.05 -10.54
CA PHE F 290 3.31 -30.99 -11.84
C PHE F 290 2.55 -32.29 -12.09
N CYS F 291 1.26 -32.15 -12.41
CA CYS F 291 0.40 -33.29 -12.63
C CYS F 291 -0.12 -33.39 -14.06
N HIS F 292 -0.64 -34.57 -14.40
CA HIS F 292 -1.16 -34.84 -15.73
C HIS F 292 -2.62 -34.40 -15.91
N THR F 293 -3.49 -34.86 -15.02
CA THR F 293 -4.92 -34.59 -15.12
C THR F 293 -5.42 -33.69 -13.99
N ARG F 294 -6.37 -32.79 -14.30
CA ARG F 294 -6.90 -31.91 -13.25
C ARG F 294 -7.66 -32.72 -12.20
N LYS F 295 -8.18 -33.89 -12.57
CA LYS F 295 -8.90 -34.74 -11.63
C LYS F 295 -7.95 -35.26 -10.54
N THR F 296 -6.73 -35.61 -10.95
CA THR F 296 -5.69 -36.09 -10.04
C THR F 296 -5.10 -34.96 -9.19
N ALA F 297 -4.87 -33.80 -9.80
CA ALA F 297 -4.27 -32.67 -9.09
C ALA F 297 -5.14 -32.28 -7.91
N SER F 298 -6.42 -32.06 -8.16
CA SER F 298 -7.35 -31.69 -7.10
C SER F 298 -7.36 -32.77 -6.02
N TRP F 299 -7.16 -34.03 -6.43
CA TRP F 299 -7.09 -35.14 -5.48
C TRP F 299 -5.81 -35.05 -4.65
N LEU F 300 -4.66 -34.93 -5.31
CA LEU F 300 -3.41 -34.81 -4.60
C LEU F 300 -3.44 -33.66 -3.61
N ALA F 301 -3.65 -32.45 -4.13
CA ALA F 301 -3.73 -31.26 -3.29
C ALA F 301 -4.69 -31.50 -2.11
N ALA F 302 -5.81 -32.17 -2.38
CA ALA F 302 -6.76 -32.48 -1.32
C ALA F 302 -6.14 -33.47 -0.34
N GLU F 303 -5.53 -34.53 -0.86
CA GLU F 303 -4.87 -35.53 -0.02
C GLU F 303 -3.73 -34.87 0.78
N LEU F 304 -2.98 -33.99 0.12
CA LEU F 304 -1.89 -33.28 0.78
C LEU F 304 -2.43 -32.35 1.87
N SER F 305 -3.53 -31.68 1.59
CA SER F 305 -4.17 -30.80 2.56
C SER F 305 -4.68 -31.60 3.77
N LYS F 306 -5.24 -32.78 3.50
CA LYS F 306 -5.74 -33.68 4.53
C LYS F 306 -4.69 -33.95 5.61
N GLU F 307 -3.44 -34.13 5.18
CA GLU F 307 -2.33 -34.39 6.09
C GLU F 307 -2.01 -33.17 6.96
N GLY F 308 -2.64 -32.04 6.65
CA GLY F 308 -2.41 -30.80 7.36
C GLY F 308 -1.33 -29.97 6.70
N HIS F 309 -0.75 -30.53 5.64
CA HIS F 309 0.19 -29.80 4.80
C HIS F 309 -0.55 -28.66 4.09
N GLN F 310 -0.06 -27.44 4.25
CA GLN F 310 -0.64 -26.29 3.55
C GLN F 310 -0.25 -26.26 2.06
N VAL F 311 -1.24 -26.09 1.18
CA VAL F 311 -1.00 -26.22 -0.26
C VAL F 311 -1.67 -25.12 -1.08
N ALA F 312 -1.08 -24.88 -2.25
CA ALA F 312 -1.64 -23.95 -3.22
C ALA F 312 -1.97 -24.74 -4.49
N LEU F 313 -3.17 -24.52 -5.02
CA LEU F 313 -3.62 -25.24 -6.21
C LEU F 313 -3.84 -24.30 -7.37
N LEU F 314 -3.21 -24.64 -8.49
CA LEU F 314 -3.35 -23.87 -9.72
C LEU F 314 -4.08 -24.70 -10.77
N SER F 315 -5.29 -24.30 -11.13
CA SER F 315 -6.08 -25.03 -12.11
C SER F 315 -6.49 -24.10 -13.24
N GLY F 316 -6.91 -24.68 -14.36
CA GLY F 316 -7.19 -23.91 -15.56
C GLY F 316 -8.39 -22.98 -15.50
N GLU F 317 -9.42 -23.38 -14.77
CA GLU F 317 -10.66 -22.60 -14.71
C GLU F 317 -10.38 -21.21 -14.14
N MET F 318 -9.42 -21.14 -13.22
CA MET F 318 -9.07 -19.89 -12.56
C MET F 318 -8.80 -18.78 -13.57
N MET F 319 -9.29 -17.58 -13.27
CA MET F 319 -8.98 -16.43 -14.09
C MET F 319 -7.51 -16.09 -14.03
N VAL F 320 -7.07 -15.22 -14.94
CA VAL F 320 -5.67 -14.88 -15.07
C VAL F 320 -5.17 -14.15 -13.83
N GLU F 321 -5.93 -13.17 -13.37
CA GLU F 321 -5.57 -12.43 -12.17
C GLU F 321 -5.59 -13.35 -10.95
N GLN F 322 -6.51 -14.31 -10.95
CA GLN F 322 -6.61 -15.27 -9.87
C GLN F 322 -5.36 -16.16 -9.80
N ARG F 323 -4.86 -16.55 -10.96
CA ARG F 323 -3.62 -17.32 -11.03
C ARG F 323 -2.47 -16.53 -10.43
N ALA F 324 -2.43 -15.24 -10.74
CA ALA F 324 -1.36 -14.36 -10.25
C ALA F 324 -1.40 -14.26 -8.73
N ALA F 325 -2.61 -14.18 -8.17
CA ALA F 325 -2.77 -14.03 -6.73
C ALA F 325 -2.21 -15.23 -5.97
N VAL F 326 -2.54 -16.44 -6.42
CA VAL F 326 -2.04 -17.64 -5.77
C VAL F 326 -0.52 -17.72 -5.86
N ILE F 327 0.01 -17.36 -7.04
CA ILE F 327 1.46 -17.39 -7.26
C ILE F 327 2.15 -16.39 -6.34
N GLU F 328 1.54 -15.22 -6.16
CA GLU F 328 2.09 -14.19 -5.29
C GLU F 328 2.21 -14.69 -3.85
N ARG F 329 1.12 -15.26 -3.35
CA ARG F 329 1.13 -15.82 -2.01
C ARG F 329 2.22 -16.88 -1.88
N PHE F 330 2.36 -17.72 -2.89
CA PHE F 330 3.37 -18.76 -2.87
C PHE F 330 4.75 -18.13 -2.70
N ARG F 331 5.03 -17.08 -3.45
CA ARG F 331 6.31 -16.38 -3.33
C ARG F 331 6.46 -15.77 -1.94
N GLU F 332 5.38 -15.19 -1.43
CA GLU F 332 5.38 -14.56 -0.11
C GLU F 332 5.48 -15.58 1.03
N GLY F 333 5.52 -16.87 0.70
CA GLY F 333 5.68 -17.89 1.71
C GLY F 333 4.40 -18.29 2.45
N LYS F 334 3.26 -17.81 1.96
CA LYS F 334 1.99 -18.14 2.58
C LYS F 334 1.76 -19.64 2.42
N GLU F 335 2.15 -20.16 1.25
CA GLU F 335 2.00 -21.57 0.88
C GLU F 335 3.35 -22.23 0.67
N LYS F 336 3.47 -23.50 1.05
CA LYS F 336 4.75 -24.20 0.95
C LYS F 336 4.82 -25.21 -0.19
N VAL F 337 3.69 -25.46 -0.85
CA VAL F 337 3.64 -26.41 -1.94
C VAL F 337 2.63 -26.00 -3.00
N LEU F 338 3.06 -25.97 -4.25
CA LEU F 338 2.18 -25.57 -5.35
C LEU F 338 1.93 -26.72 -6.32
N VAL F 339 0.72 -27.24 -6.29
CA VAL F 339 0.30 -28.31 -7.20
C VAL F 339 -0.40 -27.69 -8.40
N THR F 340 0.01 -28.10 -9.60
CA THR F 340 -0.50 -27.49 -10.82
C THR F 340 -0.64 -28.48 -11.96
N THR F 341 -1.47 -28.11 -12.94
CA THR F 341 -1.77 -29.00 -14.06
C THR F 341 -1.81 -28.20 -15.35
N ASN F 342 -0.65 -28.08 -15.98
CA ASN F 342 -0.52 -27.40 -17.27
C ASN F 342 -0.79 -25.89 -17.19
N VAL F 343 -1.11 -25.39 -15.99
CA VAL F 343 -1.24 -23.95 -15.82
C VAL F 343 0.12 -23.41 -15.41
N CYS F 344 0.72 -22.63 -16.30
CA CYS F 344 2.08 -22.15 -16.10
C CYS F 344 2.99 -23.38 -15.92
N ALA F 345 3.10 -24.19 -16.96
CA ALA F 345 3.77 -25.48 -16.88
C ALA F 345 5.29 -25.37 -16.97
N ARG F 346 5.77 -24.26 -17.51
CA ARG F 346 7.20 -24.08 -17.75
C ARG F 346 8.03 -23.94 -16.47
N GLY F 347 7.39 -23.50 -15.39
CA GLY F 347 8.09 -23.23 -14.14
C GLY F 347 8.17 -21.74 -13.84
N ILE F 348 7.86 -21.40 -12.60
CA ILE F 348 7.81 -20.02 -12.16
C ILE F 348 9.11 -19.63 -11.46
N ASP F 349 9.49 -18.36 -11.56
CA ASP F 349 10.71 -17.88 -10.91
C ASP F 349 10.50 -17.67 -9.42
N VAL F 350 10.06 -18.71 -8.72
CA VAL F 350 10.03 -18.67 -7.27
C VAL F 350 11.46 -18.94 -6.80
N GLU F 351 11.87 -18.27 -5.73
CA GLU F 351 13.27 -18.34 -5.33
C GLU F 351 13.47 -19.45 -4.30
N GLN F 352 12.44 -19.72 -3.52
CA GLN F 352 12.54 -20.61 -2.35
C GLN F 352 12.17 -22.05 -2.66
N VAL F 353 12.17 -22.38 -3.95
CA VAL F 353 11.79 -23.71 -4.40
C VAL F 353 12.97 -24.66 -4.20
N SER F 354 12.88 -25.52 -3.19
CA SER F 354 13.95 -26.48 -2.92
C SER F 354 13.91 -27.65 -3.89
N VAL F 355 12.71 -28.02 -4.35
CA VAL F 355 12.54 -29.19 -5.22
C VAL F 355 11.42 -29.05 -6.24
N VAL F 356 11.59 -29.66 -7.40
CA VAL F 356 10.55 -29.78 -8.41
C VAL F 356 10.13 -31.24 -8.50
N ILE F 357 8.84 -31.50 -8.39
CA ILE F 357 8.32 -32.87 -8.46
C ILE F 357 7.50 -33.07 -9.73
N ASN F 358 7.77 -34.17 -10.41
CA ASN F 358 6.99 -34.55 -11.59
C ASN F 358 6.14 -35.77 -11.27
N PHE F 359 5.07 -35.56 -10.51
CA PHE F 359 4.12 -36.61 -10.19
C PHE F 359 3.69 -37.36 -11.45
N ASP F 360 3.62 -36.63 -12.55
CA ASP F 360 3.43 -37.21 -13.87
C ASP F 360 4.41 -36.53 -14.80
N LEU F 361 4.90 -37.28 -15.79
CA LEU F 361 6.03 -36.83 -16.60
C LEU F 361 5.63 -35.72 -17.57
N PRO F 362 6.56 -34.79 -17.86
CA PRO F 362 6.24 -33.76 -18.86
C PRO F 362 6.04 -34.38 -20.25
N VAL F 363 4.78 -34.54 -20.64
CA VAL F 363 4.44 -35.22 -21.87
C VAL F 363 3.96 -34.21 -22.91
N ASP F 364 4.54 -34.29 -24.09
CA ASP F 364 4.12 -33.48 -25.22
C ASP F 364 2.89 -34.11 -25.85
N LYS F 365 2.19 -33.36 -26.70
CA LYS F 365 1.13 -33.94 -27.52
C LYS F 365 1.71 -35.06 -28.37
N ASP F 366 0.90 -36.07 -28.64
CA ASP F 366 1.29 -37.25 -29.42
C ASP F 366 1.98 -38.30 -28.57
N GLY F 367 2.36 -37.95 -27.34
CA GLY F 367 2.94 -38.90 -26.42
C GLY F 367 4.45 -38.90 -26.43
N ASN F 368 5.04 -37.76 -26.78
CA ASN F 368 6.49 -37.64 -26.83
C ASN F 368 7.02 -36.90 -25.61
N PRO F 369 8.34 -37.03 -25.33
CA PRO F 369 8.89 -36.32 -24.16
C PRO F 369 8.94 -34.82 -24.41
N ASP F 370 8.53 -34.04 -23.42
CA ASP F 370 8.54 -32.59 -23.55
C ASP F 370 9.81 -32.05 -22.90
N ASN F 371 10.90 -32.11 -23.65
CA ASN F 371 12.22 -31.77 -23.10
C ASN F 371 12.34 -30.30 -22.75
N GLU F 372 11.77 -29.43 -23.58
CA GLU F 372 11.80 -28.00 -23.30
C GLU F 372 11.12 -27.73 -21.97
N THR F 373 9.97 -28.35 -21.75
CA THR F 373 9.25 -28.19 -20.50
C THR F 373 10.08 -28.73 -19.34
N TYR F 374 10.70 -29.89 -19.53
CA TYR F 374 11.53 -30.50 -18.49
C TYR F 374 12.70 -29.59 -18.14
N LEU F 375 13.28 -28.97 -19.16
CA LEU F 375 14.43 -28.12 -18.95
C LEU F 375 14.02 -26.85 -18.21
N HIS F 376 12.99 -26.19 -18.74
CA HIS F 376 12.53 -24.93 -18.17
C HIS F 376 11.99 -25.14 -16.75
N ARG F 377 11.30 -26.25 -16.52
CA ARG F 377 10.81 -26.56 -15.17
C ARG F 377 11.93 -26.53 -14.15
N ILE F 378 13.08 -27.11 -14.49
CA ILE F 378 14.16 -27.29 -13.54
C ILE F 378 15.26 -26.25 -13.73
N GLY F 379 15.38 -25.72 -14.95
CA GLY F 379 16.42 -24.77 -15.26
C GLY F 379 16.37 -23.54 -14.37
N ARG F 380 15.16 -23.15 -14.00
CA ARG F 380 14.94 -21.94 -13.20
C ARG F 380 15.56 -22.11 -11.81
N THR F 381 15.44 -23.32 -11.27
CA THR F 381 15.85 -23.58 -9.89
C THR F 381 17.34 -23.33 -9.66
N GLY F 382 18.18 -23.87 -10.54
CA GLY F 382 19.62 -23.75 -10.39
C GLY F 382 20.33 -22.94 -11.46
N ARG F 383 19.95 -21.69 -11.63
CA ARG F 383 20.60 -20.84 -12.63
C ARG F 383 21.67 -19.99 -11.94
N PHE F 384 22.80 -19.80 -12.63
CA PHE F 384 23.90 -19.02 -12.08
C PHE F 384 24.52 -19.65 -10.83
N GLY F 385 24.43 -20.97 -10.71
CA GLY F 385 25.21 -21.70 -9.72
C GLY F 385 24.49 -22.15 -8.47
N LYS F 386 23.21 -21.81 -8.34
CA LYS F 386 22.41 -22.27 -7.20
C LYS F 386 22.24 -23.78 -7.26
N ARG F 387 21.73 -24.37 -6.18
CA ARG F 387 21.55 -25.80 -6.14
C ARG F 387 20.06 -26.12 -6.24
N GLY F 388 19.72 -27.19 -6.94
CA GLY F 388 18.34 -27.59 -7.12
C GLY F 388 18.13 -29.08 -6.96
N LEU F 389 16.87 -29.51 -7.03
CA LEU F 389 16.56 -30.92 -6.86
C LEU F 389 15.41 -31.30 -7.78
N ALA F 390 15.39 -32.55 -8.22
CA ALA F 390 14.35 -33.04 -9.11
C ALA F 390 13.96 -34.48 -8.77
N VAL F 391 12.66 -34.76 -8.81
CA VAL F 391 12.16 -36.09 -8.50
C VAL F 391 11.02 -36.42 -9.46
N ASN F 392 11.16 -37.55 -10.15
CA ASN F 392 10.17 -37.97 -11.15
C ASN F 392 9.45 -39.24 -10.71
N MET F 393 8.12 -39.17 -10.68
CA MET F 393 7.32 -40.34 -10.31
C MET F 393 7.01 -41.19 -11.54
N VAL F 394 7.44 -42.45 -11.50
CA VAL F 394 7.16 -43.40 -12.56
C VAL F 394 6.14 -44.42 -12.06
N ASP F 395 5.03 -44.55 -12.78
CA ASP F 395 3.94 -45.44 -12.33
C ASP F 395 3.72 -46.62 -13.27
N SER F 396 4.51 -46.71 -14.34
CA SER F 396 4.38 -47.81 -15.30
C SER F 396 5.65 -47.95 -16.14
N LYS F 397 5.70 -49.00 -16.94
CA LYS F 397 6.85 -49.25 -17.80
C LYS F 397 6.87 -48.29 -18.99
N HIS F 398 5.69 -47.81 -19.39
CA HIS F 398 5.62 -46.80 -20.43
C HIS F 398 6.19 -45.49 -19.91
N SER F 399 5.82 -45.13 -18.68
CA SER F 399 6.37 -43.94 -18.05
C SER F 399 7.87 -44.11 -17.87
N MET F 400 8.27 -45.33 -17.50
CA MET F 400 9.69 -45.63 -17.34
C MET F 400 10.41 -45.51 -18.67
N ASN F 401 9.75 -45.95 -19.73
CA ASN F 401 10.31 -45.86 -21.08
C ASN F 401 10.60 -44.41 -21.43
N ILE F 402 9.70 -43.52 -21.04
CA ILE F 402 9.87 -42.10 -21.33
C ILE F 402 11.06 -41.56 -20.54
N LEU F 403 11.27 -42.09 -19.34
CA LEU F 403 12.27 -41.55 -18.42
C LEU F 403 13.68 -41.71 -18.98
N ASN F 404 14.01 -42.91 -19.43
CA ASN F 404 15.31 -43.19 -20.04
C ASN F 404 15.48 -42.34 -21.28
N ARG F 405 14.37 -42.08 -21.96
CA ARG F 405 14.35 -41.28 -23.18
C ARG F 405 14.76 -39.85 -22.90
N ILE F 406 14.31 -39.31 -21.76
CA ILE F 406 14.68 -37.98 -21.34
C ILE F 406 16.16 -38.01 -20.98
N GLN F 407 16.53 -39.04 -20.22
CA GLN F 407 17.91 -39.27 -19.83
C GLN F 407 18.84 -39.30 -21.05
N GLU F 408 18.32 -39.77 -22.17
CA GLU F 408 19.07 -39.78 -23.42
C GLU F 408 19.33 -38.36 -23.91
N HIS F 409 18.26 -37.60 -24.09
CA HIS F 409 18.36 -36.28 -24.70
C HIS F 409 19.31 -35.37 -23.94
N PHE F 410 19.24 -35.40 -22.61
CA PHE F 410 20.15 -34.59 -21.79
C PHE F 410 21.44 -35.36 -21.50
N ASN F 411 21.39 -36.67 -21.66
CA ASN F 411 22.57 -37.51 -21.43
C ASN F 411 23.08 -37.38 -20.00
N LYS F 412 22.20 -36.96 -19.09
CA LYS F 412 22.52 -36.90 -17.67
C LYS F 412 21.69 -37.91 -16.88
N LYS F 413 22.34 -38.60 -15.95
CA LYS F 413 21.72 -39.74 -15.30
C LYS F 413 20.67 -39.32 -14.28
N ILE F 414 19.48 -39.88 -14.43
CA ILE F 414 18.43 -39.74 -13.43
C ILE F 414 18.47 -41.01 -12.59
N GLU F 415 19.22 -41.00 -11.50
CA GLU F 415 19.38 -42.19 -10.69
C GLU F 415 18.06 -42.53 -9.98
N ARG F 416 17.99 -43.74 -9.44
CA ARG F 416 16.78 -44.18 -8.75
C ARG F 416 16.90 -43.89 -7.26
N LEU F 417 15.77 -43.53 -6.66
CA LEU F 417 15.73 -43.24 -5.22
C LEU F 417 14.75 -44.21 -4.57
N ASP F 418 15.22 -44.93 -3.55
CA ASP F 418 14.36 -45.85 -2.81
C ASP F 418 13.80 -45.16 -1.58
N THR F 419 12.48 -45.09 -1.48
CA THR F 419 11.81 -44.31 -0.42
C THR F 419 11.61 -45.05 0.90
N ASP F 420 12.22 -46.22 1.08
CA ASP F 420 12.02 -46.96 2.31
C ASP F 420 13.10 -46.60 3.32
N ASP F 421 14.34 -46.51 2.85
CA ASP F 421 15.46 -46.15 3.73
C ASP F 421 15.68 -44.64 3.75
N LEU F 422 15.27 -43.99 4.85
CA LEU F 422 15.45 -42.55 4.99
C LEU F 422 16.93 -42.17 4.92
N ASP F 423 17.77 -43.06 5.42
CA ASP F 423 19.21 -42.81 5.46
C ASP F 423 19.75 -42.50 4.07
N GLU F 424 19.21 -43.16 3.07
CA GLU F 424 19.61 -42.93 1.68
C GLU F 424 19.10 -41.58 1.17
N ILE F 425 17.88 -41.21 1.58
CA ILE F 425 17.26 -39.98 1.10
C ILE F 425 17.93 -38.74 1.66
N GLU F 426 18.57 -38.87 2.83
CA GLU F 426 19.26 -37.74 3.44
C GLU F 426 20.52 -37.35 2.66
N LYS F 427 21.11 -38.31 1.97
CA LYS F 427 22.40 -38.13 1.32
C LYS F 427 22.32 -37.15 0.15
N ILE F 428 21.25 -37.24 -0.62
CA ILE F 428 21.08 -36.48 -1.86
C ILE F 428 21.01 -34.94 -1.68
N ALA F 429 20.27 -34.48 -0.68
CA ALA F 429 20.04 -33.04 -0.51
C ALA F 429 21.03 -32.37 0.44
N ASN F 430 22.00 -33.13 0.92
CA ASN F 430 23.03 -32.56 1.80
C ASN F 430 23.81 -31.49 1.06
P PO4 G . -2.91 -3.04 17.40
O1 PO4 G . -2.85 -3.13 15.90
O2 PO4 G . -4.32 -2.67 17.84
O3 PO4 G . -2.53 -4.37 18.00
O4 PO4 G . -1.95 -1.98 17.88
P PO4 H . 15.10 9.29 2.66
O1 PO4 H . 13.91 8.71 1.93
O2 PO4 H . 15.53 10.57 1.99
O3 PO4 H . 16.24 8.29 2.65
O4 PO4 H . 14.71 9.58 4.10
PB ADP I . -23.95 -0.60 -2.28
O1B ADP I . -25.09 -0.43 -1.35
O2B ADP I . -23.87 -2.02 -2.84
O3B ADP I . -24.00 0.41 -3.45
PA ADP I . -21.94 -1.01 -0.21
O1A ADP I . -20.70 -1.42 -0.89
O2A ADP I . -21.93 -2.57 -0.32
O3A ADP I . -22.58 -0.36 -1.52
O5' ADP I . -20.72 -0.25 0.59
C5' ADP I . -20.83 1.11 1.06
C4' ADP I . -19.51 1.47 1.71
O4' ADP I . -19.63 1.36 3.15
C3' ADP I . -18.34 0.56 1.34
O3' ADP I . -17.11 1.27 1.43
C2' ADP I . -18.43 -0.54 2.40
O2' ADP I . -17.15 -1.11 2.65
C1' ADP I . -18.91 0.25 3.63
N9 ADP I . -19.77 -0.49 4.53
C8 ADP I . -20.81 -1.31 4.20
N7 ADP I . -21.44 -1.84 5.23
C5 ADP I . -20.75 -1.33 6.31
C6 ADP I . -20.93 -1.47 7.70
N6 ADP I . -21.88 -2.25 8.25
N1 ADP I . -20.09 -0.81 8.52
C2 ADP I . -19.13 -0.06 7.98
N3 ADP I . -18.86 0.17 6.69
C4 ADP I . -19.72 -0.50 5.92
HOB2 ADP I . -24.37 -2.24 -3.67
HOB3 ADP I . -24.73 0.56 -4.10
HOA2 ADP I . -22.65 -3.13 -0.70
H5'1 ADP I . -21.65 1.21 1.76
H5'2 ADP I . -21.01 1.68 0.16
H4' ADP I . -19.26 2.52 1.54
H3' ADP I . -18.43 0.18 0.32
HO3' ADP I . -16.87 1.51 0.50
H2' ADP I . -19.16 -1.30 2.10
HO2' ADP I . -17.23 -2.05 2.33
H1' ADP I . -18.06 0.63 4.20
H8 ADP I . -21.10 -1.52 3.17
HN61 ADP I . -22.52 -2.77 7.67
HN62 ADP I . -21.95 -2.31 9.27
H2 ADP I . -18.49 0.45 8.70
P PO4 J . -25.97 9.63 -6.21
O1 PO4 J . -26.47 10.72 -7.12
O2 PO4 J . -24.49 9.40 -6.47
O3 PO4 J . -26.74 8.35 -6.42
O4 PO4 J . -26.13 10.09 -4.78
P PO4 K . -22.65 -12.14 -21.36
O1 PO4 K . -22.34 -13.30 -22.28
O2 PO4 K . -23.21 -11.02 -22.20
O3 PO4 K . -21.39 -11.70 -20.65
O4 PO4 K . -23.72 -12.51 -20.36
PB ADP L . 9.85 -6.63 -20.95
O1B ADP L . 11.13 -6.58 -21.70
O2B ADP L . 8.87 -5.61 -21.48
O3B ADP L . 9.20 -8.01 -21.00
PA ADP L . 10.58 -4.97 -18.65
O1A ADP L . 9.25 -4.46 -18.27
O2A ADP L . 10.23 -3.67 -19.46
O3A ADP L . 10.05 -6.26 -19.42
O5' ADP L . 10.52 -4.95 -17.01
C5' ADP L . 10.40 -6.15 -16.21
C4' ADP L . 10.56 -5.78 -14.75
O4' ADP L . 11.88 -5.25 -14.53
C3' ADP L . 9.56 -4.75 -14.23
O3' ADP L . 9.12 -5.09 -12.91
C2' ADP L . 10.37 -3.45 -14.25
O2' ADP L . 9.97 -2.59 -13.18
C1' ADP L . 11.79 -3.94 -13.99
N9 ADP L . 12.82 -3.13 -14.64
C8 ADP L . 12.84 -2.70 -15.93
N7 ADP L . 13.90 -1.99 -16.25
C5 ADP L . 14.62 -1.93 -15.07
C6 ADP L . 15.84 -1.32 -14.72
N6 ADP L . 16.59 -0.63 -15.59
N1 ADP L . 16.27 -1.45 -13.45
C2 ADP L . 15.54 -2.16 -12.59
N3 ADP L . 14.38 -2.78 -12.80
C4 ADP L . 13.97 -2.63 -14.06
HOB2 ADP L . 7.90 -5.71 -21.25
HOB3 ADP L . 8.90 -8.52 -21.80
HOA2 ADP L . 9.92 -2.80 -19.06
H5'1 ADP L . 9.44 -6.65 -16.39
H5'2 ADP L . 11.23 -6.77 -16.57
H4' ADP L . 10.53 -6.68 -14.13
H3' ADP L . 8.67 -4.69 -14.85
H2' ADP L . 10.27 -2.95 -15.21
HO2' ADP L . 9.35 -1.94 -13.60
H1' ADP L . 12.02 -4.00 -12.94
H8 ADP L . 12.06 -2.94 -16.64
HN61 ADP L . 16.30 -0.52 -16.55
HN62 ADP L . 17.46 -0.21 -15.27
H2 ADP L . 15.95 -2.22 -11.58
P PO4 M . 10.26 -18.04 -19.01
O1 PO4 M . 9.18 -18.19 -20.07
O2 PO4 M . 9.65 -18.18 -17.64
O3 PO4 M . 11.32 -19.10 -19.22
O4 PO4 M . 10.90 -16.68 -19.14
P PO4 N . -9.25 -4.50 -32.08
O1 PO4 N . -10.26 -4.21 -33.17
O2 PO4 N . -8.11 -3.52 -32.18
O3 PO4 N . -9.90 -4.36 -30.73
O4 PO4 N . -8.72 -5.91 -32.25
#